data_4I6V
#
_entry.id   4I6V
#
_cell.length_a   81.224
_cell.length_b   111.245
_cell.length_c   147.148
_cell.angle_alpha   90.00
_cell.angle_beta   90.00
_cell.angle_gamma   90.00
#
_symmetry.space_group_name_H-M   'P 21 21 21'
#
loop_
_entity.id
_entity.type
_entity.pdbx_description
1 polymer 'Amidohydrolase 2'
2 non-polymer 'ZINC ION'
3 non-polymer GLYCEROL
4 non-polymer 'ACETATE ION'
5 water water
#
_entity_poly.entity_id   1
_entity_poly.type   'polypeptide(L)'
_entity_poly.pdbx_seq_one_letter_code
;SNA(MSE)IATKSSPIDQLCAQLDEIVLIDPHSHINPHAAASKNLGDILGYHYFTELAHSAG(MSE)PREVIEAPGITAK
EKVGRIVEGLAHLDNTIQVKWLIELCERFFGFQDDRLTPDNWEALYDHSEKL(MSE)SAPDWEQTVLQKSQLEAVFLTND
FDDPLTGFDTKKYIPCLRTDDLVFHLQKPEVRQRLAKATGFDCATPAKLIHAIGQLFTHFVSHGAKACAISLPPDFEPTP
VSHVDAEGPLRAAYAGHVLTTEQSQILSRFVFWTIAEFCSEHHLPFDL(MSE)IGVNRRVYESGVYQGQDLFDQRVSLYQ
YRRLFNAFPRVKFPISVLAHASN(MSE)ELVSYAWIFPNVIANGHWWYSNIPAFIEPDCRSRLEAIPRNKNIGYYSD
(MSE)YKLEFGWPKFQ(MSE)YRRVLAKVLFEDFVVGRHWSEERAVELGRQILRGNVETIFSGAC
;
_entity_poly.pdbx_strand_id   A,B,C
#
loop_
_chem_comp.id
_chem_comp.type
_chem_comp.name
_chem_comp.formula
ACT non-polymer 'ACETATE ION' 'C2 H3 O2 -1'
GOL non-polymer GLYCEROL 'C3 H8 O3'
ZN non-polymer 'ZINC ION' 'Zn 2'
#
# COMPACT_ATOMS: atom_id res chain seq x y z
N SER A 9 12.07 11.69 -30.86
CA SER A 9 13.43 11.53 -30.34
C SER A 9 13.52 10.33 -29.40
N SER A 10 13.13 10.54 -28.15
CA SER A 10 13.01 9.46 -27.18
C SER A 10 11.94 8.46 -27.64
N PRO A 11 12.20 7.15 -27.50
CA PRO A 11 11.20 6.13 -27.83
C PRO A 11 9.90 6.30 -27.04
N ILE A 12 9.99 6.73 -25.78
CA ILE A 12 8.79 7.00 -25.00
C ILE A 12 8.03 8.21 -25.56
N ASP A 13 8.75 9.28 -25.89
CA ASP A 13 8.15 10.46 -26.52
C ASP A 13 7.40 10.15 -27.83
N GLN A 14 7.99 9.30 -28.68
CA GLN A 14 7.39 8.95 -29.95
C GLN A 14 6.08 8.21 -29.73
N LEU A 15 6.07 7.37 -28.71
CA LEU A 15 4.89 6.60 -28.37
C LEU A 15 3.86 7.56 -27.79
N CYS A 16 4.32 8.52 -27.01
CA CYS A 16 3.41 9.52 -26.48
C CYS A 16 2.83 10.36 -27.61
N ALA A 17 3.67 10.71 -28.59
CA ALA A 17 3.18 11.51 -29.70
C ALA A 17 2.02 10.82 -30.38
N GLN A 18 2.12 9.52 -30.57
CA GLN A 18 1.00 8.79 -31.17
C GLN A 18 -0.24 8.74 -30.29
N LEU A 19 -0.06 8.67 -28.97
CA LEU A 19 -1.21 8.69 -28.08
C LEU A 19 -1.86 10.08 -28.07
N ASP A 20 -1.06 11.14 -28.25
CA ASP A 20 -1.53 12.54 -28.24
C ASP A 20 -2.52 12.80 -29.35
N GLU A 21 -2.48 11.98 -30.39
CA GLU A 21 -3.30 12.25 -31.55
C GLU A 21 -4.65 11.54 -31.47
N ILE A 22 -4.83 10.72 -30.45
CA ILE A 22 -6.10 10.01 -30.27
C ILE A 22 -7.17 10.95 -29.73
N VAL A 23 -8.25 11.15 -30.48
CA VAL A 23 -9.37 11.97 -30.03
C VAL A 23 -10.21 11.25 -28.97
N LEU A 24 -10.60 11.97 -27.93
CA LEU A 24 -11.09 11.32 -26.73
C LEU A 24 -12.55 11.61 -26.48
N ILE A 25 -13.19 10.64 -25.82
CA ILE A 25 -14.45 10.87 -25.13
C ILE A 25 -14.13 10.83 -23.64
N ASP A 26 -14.25 11.97 -22.98
CA ASP A 26 -13.88 12.06 -21.56
C ASP A 26 -15.00 11.46 -20.74
N PRO A 27 -14.75 10.32 -20.08
CA PRO A 27 -15.88 9.58 -19.52
C PRO A 27 -16.35 10.05 -18.14
N HIS A 28 -15.78 11.13 -17.62
CA HIS A 28 -16.27 11.66 -16.35
C HIS A 28 -15.78 13.05 -16.02
N SER A 29 -16.72 13.97 -15.91
CA SER A 29 -16.38 15.34 -15.65
C SER A 29 -17.52 16.03 -14.93
N HIS A 30 -17.26 17.25 -14.49
CA HIS A 30 -18.28 18.06 -13.85
C HIS A 30 -18.50 19.34 -14.64
N ILE A 31 -18.34 19.23 -15.95
CA ILE A 31 -18.62 20.35 -16.84
C ILE A 31 -20.08 20.81 -16.72
N ASN A 32 -20.27 22.13 -16.67
CA ASN A 32 -21.58 22.73 -16.88
C ASN A 32 -21.70 23.07 -18.35
N PRO A 33 -22.55 22.33 -19.09
CA PRO A 33 -22.61 22.48 -20.54
C PRO A 33 -22.99 23.89 -21.03
N HIS A 34 -23.55 24.72 -20.14
CA HIS A 34 -23.90 26.10 -20.48
C HIS A 34 -22.79 27.11 -20.15
N ALA A 35 -21.74 26.63 -19.49
CA ALA A 35 -20.58 27.44 -19.14
C ALA A 35 -19.38 26.53 -19.08
N ALA A 36 -19.10 25.86 -20.20
CA ALA A 36 -18.13 24.77 -20.20
C ALA A 36 -16.68 25.23 -20.04
N ALA A 37 -16.32 26.33 -20.68
CA ALA A 37 -14.94 26.81 -20.63
C ALA A 37 -14.82 27.98 -19.65
N SER A 38 -13.60 28.38 -19.34
CA SER A 38 -13.41 29.48 -18.40
C SER A 38 -13.61 30.83 -19.10
N LYS A 39 -13.92 31.87 -18.31
CA LYS A 39 -14.00 33.24 -18.81
C LYS A 39 -12.78 34.05 -18.39
N ASN A 40 -12.18 33.68 -17.27
CA ASN A 40 -10.97 34.34 -16.81
C ASN A 40 -10.15 33.43 -15.94
N LEU A 41 -8.95 33.89 -15.57
CA LEU A 41 -8.04 33.08 -14.78
C LEU A 41 -8.61 32.78 -13.40
N GLY A 42 -9.66 33.49 -13.03
CA GLY A 42 -10.32 33.26 -11.76
C GLY A 42 -10.98 31.89 -11.74
N ASP A 43 -11.44 31.44 -12.90
CA ASP A 43 -12.11 30.15 -13.00
C ASP A 43 -11.09 29.04 -12.92
N ILE A 44 -9.85 29.40 -13.23
CA ILE A 44 -8.79 28.41 -13.29
C ILE A 44 -8.03 28.41 -11.96
N LEU A 45 -7.34 29.50 -11.66
CA LEU A 45 -6.53 29.61 -10.45
C LEU A 45 -7.37 29.60 -9.17
N GLY A 46 -8.64 29.94 -9.28
CA GLY A 46 -9.51 29.99 -8.12
C GLY A 46 -10.21 28.67 -7.90
N TYR A 47 -9.86 27.68 -8.72
CA TYR A 47 -10.38 26.33 -8.54
C TYR A 47 -9.65 25.62 -7.41
N HIS A 48 -10.34 24.69 -6.75
CA HIS A 48 -9.85 24.16 -5.48
C HIS A 48 -8.49 23.51 -5.57
N TYR A 49 -8.11 23.02 -6.75
CA TYR A 49 -6.79 22.41 -6.88
C TYR A 49 -5.76 23.40 -6.33
N PHE A 50 -5.94 24.67 -6.67
CA PHE A 50 -4.91 25.66 -6.37
C PHE A 50 -5.16 26.43 -5.07
N THR A 51 -6.41 26.69 -4.75
CA THR A 51 -6.70 27.37 -3.50
C THR A 51 -6.37 26.45 -2.30
N GLU A 52 -6.70 25.17 -2.40
CA GLU A 52 -6.44 24.25 -1.28
C GLU A 52 -4.95 24.17 -1.02
N LEU A 53 -4.16 24.10 -2.08
CA LEU A 53 -2.71 24.05 -1.96
C LEU A 53 -2.12 25.36 -1.43
N ALA A 54 -2.60 26.49 -1.91
CA ALA A 54 -2.10 27.78 -1.43
C ALA A 54 -2.38 27.88 0.07
N HIS A 55 -3.59 27.50 0.45
CA HIS A 55 -4.01 27.55 1.83
C HIS A 55 -3.17 26.57 2.65
N SER A 56 -2.95 25.39 2.07
CA SER A 56 -2.16 24.36 2.73
C SER A 56 -0.73 24.84 2.97
N ALA A 57 -0.19 25.57 2.00
CA ALA A 57 1.15 26.12 2.10
C ALA A 57 1.24 27.26 3.09
N GLY A 58 0.09 27.73 3.59
CA GLY A 58 0.09 28.67 4.69
C GLY A 58 -0.66 29.98 4.46
N MSE A 59 -1.30 30.12 3.31
CA MSE A 59 -2.11 31.30 3.07
C MSE A 59 -3.49 31.15 3.72
O MSE A 59 -4.21 30.19 3.46
CB MSE A 59 -2.23 31.58 1.57
CG MSE A 59 -3.11 32.79 1.25
SE MSE A 59 -3.05 33.19 -0.67
CE MSE A 59 -1.15 33.68 -0.77
N PRO A 60 -3.86 32.12 4.59
CA PRO A 60 -5.13 32.07 5.32
C PRO A 60 -6.33 31.90 4.39
N ARG A 61 -7.29 31.07 4.78
CA ARG A 61 -8.52 30.94 4.02
C ARG A 61 -9.17 32.31 3.84
N GLU A 62 -9.16 33.13 4.89
CA GLU A 62 -9.86 34.40 4.88
C GLU A 62 -9.26 35.35 3.84
N VAL A 63 -8.02 35.10 3.45
CA VAL A 63 -7.36 35.93 2.45
C VAL A 63 -7.80 35.53 1.04
N ILE A 64 -7.88 34.22 0.82
CA ILE A 64 -8.29 33.67 -0.48
C ILE A 64 -9.78 33.88 -0.78
N GLU A 65 -10.62 33.72 0.24
CA GLU A 65 -12.06 33.76 0.03
C GLU A 65 -12.69 35.01 0.61
N ALA A 66 -11.91 36.09 0.64
CA ALA A 66 -12.40 37.37 1.13
C ALA A 66 -13.54 37.83 0.25
N PRO A 67 -14.65 38.23 0.88
CA PRO A 67 -15.82 38.72 0.16
C PRO A 67 -15.52 40.10 -0.37
N GLY A 68 -16.15 40.47 -1.48
CA GLY A 68 -16.03 41.82 -1.99
C GLY A 68 -14.73 42.09 -2.70
N ILE A 69 -14.03 41.03 -3.09
CA ILE A 69 -12.91 41.18 -3.99
C ILE A 69 -13.26 40.55 -5.32
N THR A 70 -12.74 41.13 -6.39
CA THR A 70 -13.01 40.68 -7.74
C THR A 70 -12.26 39.40 -8.02
N ALA A 71 -12.61 38.74 -9.12
CA ALA A 71 -11.91 37.54 -9.54
C ALA A 71 -10.43 37.84 -9.77
N LYS A 72 -10.14 38.99 -10.38
CA LYS A 72 -8.76 39.37 -10.67
C LYS A 72 -7.96 39.55 -9.39
N GLU A 73 -8.60 40.13 -8.38
CA GLU A 73 -7.92 40.37 -7.12
C GLU A 73 -7.61 39.04 -6.46
N LYS A 74 -8.58 38.13 -6.49
CA LYS A 74 -8.40 36.82 -5.92
C LYS A 74 -7.27 36.09 -6.63
N VAL A 75 -7.22 36.18 -7.95
CA VAL A 75 -6.14 35.56 -8.68
C VAL A 75 -4.81 36.11 -8.17
N GLY A 76 -4.74 37.44 -8.03
CA GLY A 76 -3.54 38.08 -7.54
C GLY A 76 -3.03 37.48 -6.26
N ARG A 77 -3.94 37.27 -5.30
CA ARG A 77 -3.56 36.77 -3.98
C ARG A 77 -3.08 35.33 -4.00
N ILE A 78 -3.73 34.49 -4.81
CA ILE A 78 -3.34 33.09 -4.95
C ILE A 78 -1.92 33.00 -5.52
N VAL A 79 -1.60 33.93 -6.43
CA VAL A 79 -0.31 33.94 -7.10
C VAL A 79 0.83 34.16 -6.09
N GLU A 80 0.61 35.01 -5.10
CA GLU A 80 1.58 35.25 -4.04
C GLU A 80 1.99 33.97 -3.32
N GLY A 81 1.05 33.03 -3.21
CA GLY A 81 1.30 31.81 -2.46
C GLY A 81 1.79 30.65 -3.33
N LEU A 82 2.03 30.91 -4.61
CA LEU A 82 2.46 29.88 -5.56
C LEU A 82 3.93 29.51 -5.49
N ALA A 83 4.76 30.37 -4.93
CA ALA A 83 6.18 30.07 -4.78
C ALA A 83 6.38 28.77 -4.00
N HIS A 84 5.46 28.49 -3.08
CA HIS A 84 5.55 27.27 -2.27
C HIS A 84 5.07 26.03 -3.01
N LEU A 85 4.66 26.21 -4.27
CA LEU A 85 3.95 25.17 -5.00
C LEU A 85 4.56 24.79 -6.34
N ASP A 86 5.71 25.37 -6.67
CA ASP A 86 6.27 25.19 -8.00
C ASP A 86 6.75 23.74 -8.26
N ASN A 87 6.88 22.97 -7.18
CA ASN A 87 7.25 21.57 -7.27
C ASN A 87 6.09 20.66 -7.59
N THR A 88 4.86 21.12 -7.32
CA THR A 88 3.70 20.25 -7.37
C THR A 88 3.30 19.91 -8.80
N ILE A 89 2.71 18.73 -8.99
CA ILE A 89 2.24 18.36 -10.32
C ILE A 89 1.07 19.27 -10.71
N GLN A 90 0.26 19.68 -9.73
CA GLN A 90 -0.90 20.54 -9.99
C GLN A 90 -0.50 21.85 -10.67
N VAL A 91 0.59 22.44 -10.21
CA VAL A 91 1.11 23.67 -10.80
C VAL A 91 1.75 23.38 -12.15
N LYS A 92 2.21 22.14 -12.35
CA LYS A 92 2.62 21.77 -13.69
C LYS A 92 1.42 21.80 -14.64
N TRP A 93 0.26 21.32 -14.22
CA TRP A 93 -0.94 21.41 -15.07
C TRP A 93 -1.19 22.86 -15.44
N LEU A 94 -1.13 23.71 -14.43
CA LEU A 94 -1.45 25.12 -14.60
C LEU A 94 -0.55 25.79 -15.62
N ILE A 95 0.75 25.58 -15.51
CA ILE A 95 1.70 26.20 -16.43
C ILE A 95 1.50 25.68 -17.85
N GLU A 96 1.28 24.37 -17.98
CA GLU A 96 1.14 23.74 -19.29
C GLU A 96 -0.14 24.17 -20.01
N LEU A 97 -1.21 24.26 -19.24
CA LEU A 97 -2.48 24.77 -19.71
C LEU A 97 -2.28 26.20 -20.22
N CYS A 98 -1.64 27.03 -19.41
CA CYS A 98 -1.40 28.42 -19.79
C CYS A 98 -0.56 28.54 -21.04
N GLU A 99 0.43 27.66 -21.19
CA GLU A 99 1.25 27.68 -22.38
C GLU A 99 0.40 27.30 -23.58
N ARG A 100 -0.36 26.23 -23.44
CA ARG A 100 -1.14 25.70 -24.56
C ARG A 100 -2.23 26.66 -25.04
N PHE A 101 -3.03 27.15 -24.11
CA PHE A 101 -4.21 27.93 -24.48
C PHE A 101 -3.97 29.44 -24.52
N PHE A 102 -3.00 29.95 -23.77
CA PHE A 102 -2.80 31.39 -23.69
C PHE A 102 -1.47 31.90 -24.21
N GLY A 103 -0.66 31.02 -24.79
CA GLY A 103 0.65 31.43 -25.27
C GLY A 103 1.65 31.80 -24.18
N PHE A 104 1.38 31.42 -22.94
CA PHE A 104 2.23 31.76 -21.80
C PHE A 104 3.62 31.16 -21.93
N GLN A 105 4.64 32.01 -21.85
CA GLN A 105 6.02 31.62 -22.14
C GLN A 105 6.90 31.38 -20.90
N ASP A 106 6.44 31.81 -19.74
CA ASP A 106 7.23 31.67 -18.52
C ASP A 106 7.05 30.31 -17.89
N ASP A 107 8.05 29.94 -17.10
CA ASP A 107 8.10 28.66 -16.41
C ASP A 107 7.20 28.70 -15.19
N ARG A 108 6.78 29.90 -14.79
CA ARG A 108 5.92 30.00 -13.61
C ARG A 108 5.10 31.28 -13.54
N LEU A 109 3.99 31.20 -12.82
CA LEU A 109 3.17 32.35 -12.55
C LEU A 109 3.70 33.03 -11.30
N THR A 110 3.98 34.32 -11.41
CA THR A 110 4.59 35.07 -10.32
C THR A 110 3.88 36.39 -10.16
N PRO A 111 4.12 37.09 -9.04
CA PRO A 111 3.49 38.39 -8.85
C PRO A 111 3.75 39.37 -10.01
N ASP A 112 4.87 39.20 -10.73
CA ASP A 112 5.24 40.14 -11.78
C ASP A 112 4.76 39.80 -13.20
N ASN A 113 4.19 38.61 -13.41
CA ASN A 113 3.75 38.27 -14.76
C ASN A 113 2.29 37.81 -14.82
N TRP A 114 1.62 37.72 -13.67
CA TRP A 114 0.27 37.19 -13.66
C TRP A 114 -0.75 38.14 -14.29
N GLU A 115 -0.58 39.44 -14.03
CA GLU A 115 -1.57 40.40 -14.50
C GLU A 115 -1.60 40.47 -16.01
N ALA A 116 -0.43 40.53 -16.63
CA ALA A 116 -0.38 40.53 -18.09
C ALA A 116 -1.10 39.28 -18.61
N LEU A 117 -0.82 38.13 -18.00
CA LEU A 117 -1.49 36.89 -18.41
C LEU A 117 -3.00 36.98 -18.22
N TYR A 118 -3.41 37.54 -17.09
CA TYR A 118 -4.82 37.68 -16.77
C TYR A 118 -5.56 38.50 -17.83
N ASP A 119 -5.01 39.65 -18.20
CA ASP A 119 -5.64 40.48 -19.22
C ASP A 119 -5.63 39.82 -20.60
N HIS A 120 -4.53 39.20 -20.96
CA HIS A 120 -4.43 38.54 -22.26
C HIS A 120 -5.35 37.33 -22.36
N SER A 121 -5.35 36.48 -21.33
CA SER A 121 -6.17 35.28 -21.36
C SER A 121 -7.65 35.62 -21.33
N GLU A 122 -8.02 36.60 -20.51
CA GLU A 122 -9.41 37.04 -20.42
C GLU A 122 -9.91 37.50 -21.78
N LYS A 123 -9.05 38.19 -22.51
CA LYS A 123 -9.34 38.61 -23.88
C LYS A 123 -9.58 37.43 -24.83
N LEU A 124 -8.67 36.46 -24.82
CA LEU A 124 -8.84 35.25 -25.63
C LEU A 124 -10.15 34.55 -25.29
N MSE A 125 -10.45 34.46 -24.00
CA MSE A 125 -11.57 33.66 -23.52
C MSE A 125 -12.92 34.32 -23.75
O MSE A 125 -13.95 33.67 -23.64
CB MSE A 125 -11.39 33.33 -22.04
CG MSE A 125 -10.33 32.29 -21.79
SE MSE A 125 -10.23 31.79 -19.91
CE MSE A 125 -9.02 33.19 -19.30
N SER A 126 -12.91 35.60 -24.09
CA SER A 126 -14.14 36.33 -24.33
C SER A 126 -14.59 36.08 -25.76
N ALA A 127 -13.68 35.51 -26.55
CA ALA A 127 -14.00 35.19 -27.94
C ALA A 127 -15.20 34.25 -28.00
N PRO A 128 -16.13 34.53 -28.92
CA PRO A 128 -17.36 33.76 -29.15
C PRO A 128 -17.11 32.24 -29.18
N ASP A 129 -16.03 31.85 -29.84
CA ASP A 129 -15.73 30.44 -30.11
C ASP A 129 -14.67 29.84 -29.18
N TRP A 130 -14.42 30.49 -28.05
CA TRP A 130 -13.44 29.98 -27.12
C TRP A 130 -13.73 28.52 -26.78
N GLU A 131 -14.97 28.24 -26.40
CA GLU A 131 -15.32 26.87 -26.05
C GLU A 131 -14.84 25.88 -27.11
N GLN A 132 -15.14 26.17 -28.37
CA GLN A 132 -14.79 25.28 -29.48
C GLN A 132 -13.28 25.13 -29.70
N THR A 133 -12.55 26.23 -29.51
CA THR A 133 -11.11 26.26 -29.62
C THR A 133 -10.47 25.33 -28.59
N VAL A 134 -10.98 25.38 -27.36
CA VAL A 134 -10.48 24.51 -26.31
C VAL A 134 -10.69 23.02 -26.64
N LEU A 135 -11.91 22.67 -27.05
CA LEU A 135 -12.22 21.28 -27.38
C LEU A 135 -11.27 20.76 -28.47
N GLN A 136 -11.13 21.53 -29.53
CA GLN A 136 -10.23 21.18 -30.64
C GLN A 136 -8.80 21.02 -30.18
N LYS A 137 -8.35 21.90 -29.29
CA LYS A 137 -6.94 21.91 -28.86
C LYS A 137 -6.68 20.87 -27.79
N SER A 138 -7.74 20.20 -27.36
CA SER A 138 -7.67 19.20 -26.34
C SER A 138 -7.93 17.78 -26.88
N GLN A 139 -8.21 17.68 -28.17
CA GLN A 139 -8.53 16.39 -28.77
C GLN A 139 -9.75 15.77 -28.06
N LEU A 140 -10.72 16.62 -27.70
CA LEU A 140 -11.92 16.16 -27.01
C LEU A 140 -13.08 16.17 -27.98
N GLU A 141 -13.75 15.04 -28.09
CA GLU A 141 -14.86 14.90 -29.01
C GLU A 141 -16.17 15.01 -28.27
N ALA A 142 -16.20 14.49 -27.05
CA ALA A 142 -17.40 14.51 -26.23
C ALA A 142 -17.02 14.34 -24.78
N VAL A 143 -17.88 14.80 -23.88
CA VAL A 143 -17.55 14.80 -22.46
C VAL A 143 -18.74 14.34 -21.65
N PHE A 144 -18.55 13.39 -20.75
CA PHE A 144 -19.64 13.00 -19.88
C PHE A 144 -19.85 14.05 -18.80
N LEU A 145 -21.10 14.38 -18.54
CA LEU A 145 -21.46 15.27 -17.46
C LEU A 145 -21.73 14.44 -16.21
N THR A 146 -21.90 15.12 -15.09
CA THR A 146 -22.40 14.51 -13.87
C THR A 146 -23.52 15.43 -13.41
N ASN A 147 -24.75 15.10 -13.80
CA ASN A 147 -25.88 16.01 -13.60
C ASN A 147 -26.67 15.69 -12.36
N ASP A 148 -27.13 16.72 -11.67
CA ASP A 148 -28.10 16.55 -10.60
C ASP A 148 -29.31 15.80 -11.13
N PHE A 149 -29.94 15.02 -10.26
CA PHE A 149 -31.04 14.18 -10.67
C PHE A 149 -32.21 15.01 -11.22
N ASP A 150 -32.29 16.27 -10.82
CA ASP A 150 -33.34 17.14 -11.32
C ASP A 150 -32.89 18.11 -12.43
N ASP A 151 -31.68 17.94 -12.94
CA ASP A 151 -31.22 18.73 -14.07
C ASP A 151 -32.19 18.58 -15.25
N PRO A 152 -32.66 19.69 -15.83
CA PRO A 152 -33.59 19.53 -16.95
C PRO A 152 -32.95 18.90 -18.20
N LEU A 153 -31.62 18.87 -18.28
CA LEU A 153 -30.91 18.23 -19.39
C LEU A 153 -31.32 18.85 -20.72
N THR A 154 -31.59 20.15 -20.69
CA THR A 154 -32.17 20.84 -21.82
C THR A 154 -31.21 21.92 -22.33
N GLY A 155 -31.23 22.17 -23.63
CA GLY A 155 -30.54 23.32 -24.19
C GLY A 155 -29.11 23.07 -24.64
N PHE A 156 -28.69 21.81 -24.69
CA PHE A 156 -27.33 21.48 -25.17
C PHE A 156 -27.29 20.20 -25.97
N ASP A 157 -26.21 20.01 -26.72
CA ASP A 157 -26.07 18.83 -27.55
C ASP A 157 -25.71 17.65 -26.66
N THR A 158 -26.66 16.74 -26.47
CA THR A 158 -26.44 15.63 -25.53
C THR A 158 -25.48 14.55 -26.09
N LYS A 159 -25.03 14.72 -27.32
CA LYS A 159 -24.03 13.84 -27.89
C LYS A 159 -22.65 14.45 -27.73
N LYS A 160 -22.59 15.74 -27.40
CA LYS A 160 -21.32 16.36 -27.12
C LYS A 160 -21.11 16.40 -25.60
N TYR A 161 -22.12 16.90 -24.88
CA TYR A 161 -22.10 16.85 -23.44
C TYR A 161 -23.09 15.78 -23.01
N ILE A 162 -22.56 14.62 -22.65
CA ILE A 162 -23.38 13.44 -22.43
C ILE A 162 -23.85 13.34 -20.98
N PRO A 163 -25.16 13.34 -20.76
CA PRO A 163 -25.66 13.26 -19.38
C PRO A 163 -25.33 11.95 -18.66
N CYS A 164 -25.00 12.07 -17.38
CA CYS A 164 -24.85 10.97 -16.43
C CYS A 164 -25.61 11.35 -15.18
N LEU A 165 -26.31 10.38 -14.61
CA LEU A 165 -27.12 10.63 -13.43
C LEU A 165 -26.30 10.59 -12.15
N ARG A 166 -26.09 11.76 -11.56
CA ARG A 166 -25.46 11.87 -10.25
C ARG A 166 -26.44 11.45 -9.17
N THR A 167 -26.13 10.40 -8.43
CA THR A 167 -27.08 9.85 -7.47
C THR A 167 -26.78 10.13 -5.99
N ASP A 168 -25.70 10.86 -5.71
CA ASP A 168 -25.24 11.07 -4.32
C ASP A 168 -26.34 11.62 -3.40
N ASP A 169 -27.09 12.60 -3.90
CA ASP A 169 -28.11 13.26 -3.08
C ASP A 169 -29.26 12.32 -2.72
N LEU A 170 -29.65 11.47 -3.66
CA LEU A 170 -30.71 10.51 -3.41
C LEU A 170 -30.26 9.46 -2.39
N VAL A 171 -29.03 9.00 -2.52
CA VAL A 171 -28.54 7.93 -1.66
C VAL A 171 -28.21 8.40 -0.25
N PHE A 172 -27.61 9.59 -0.11
CA PHE A 172 -27.15 10.00 1.23
C PHE A 172 -27.85 11.20 1.86
N HIS A 173 -28.69 11.91 1.10
CA HIS A 173 -29.19 13.19 1.60
C HIS A 173 -30.70 13.40 1.60
N LEU A 174 -31.49 12.32 1.59
CA LEU A 174 -32.94 12.45 1.73
C LEU A 174 -33.30 13.06 3.09
N GLN A 175 -32.29 13.17 3.94
CA GLN A 175 -32.44 13.84 5.23
C GLN A 175 -32.61 15.34 5.03
N LYS A 176 -32.04 15.85 3.95
CA LYS A 176 -32.14 17.27 3.63
C LYS A 176 -33.50 17.62 3.03
N PRO A 177 -34.26 18.48 3.72
CA PRO A 177 -35.56 18.96 3.25
C PRO A 177 -35.54 19.33 1.76
N GLU A 178 -34.52 20.09 1.35
CA GLU A 178 -34.46 20.60 -0.01
C GLU A 178 -34.26 19.48 -1.03
N VAL A 179 -33.61 18.39 -0.61
CA VAL A 179 -33.44 17.26 -1.51
C VAL A 179 -34.78 16.57 -1.77
N ARG A 180 -35.55 16.35 -0.71
CA ARG A 180 -36.90 15.79 -0.82
C ARG A 180 -37.82 16.67 -1.68
N GLN A 181 -37.69 17.98 -1.54
CA GLN A 181 -38.52 18.89 -2.34
C GLN A 181 -38.16 18.80 -3.80
N ARG A 182 -36.87 18.74 -4.11
CA ARG A 182 -36.41 18.65 -5.49
C ARG A 182 -36.88 17.38 -6.14
N LEU A 183 -36.86 16.28 -5.37
CA LEU A 183 -37.28 14.98 -5.85
C LEU A 183 -38.80 14.96 -6.10
N ALA A 184 -39.55 15.56 -5.19
CA ALA A 184 -41.01 15.65 -5.35
C ALA A 184 -41.36 16.50 -6.57
N LYS A 185 -40.67 17.62 -6.70
CA LYS A 185 -40.90 18.51 -7.83
C LYS A 185 -40.63 17.78 -9.13
N ALA A 186 -39.50 17.07 -9.18
CA ALA A 186 -39.04 16.41 -10.40
C ALA A 186 -39.84 15.17 -10.79
N THR A 187 -40.36 14.44 -9.82
CA THR A 187 -41.02 13.20 -10.19
C THR A 187 -42.53 13.22 -10.02
N GLY A 188 -43.03 14.16 -9.22
CA GLY A 188 -44.45 14.24 -8.94
C GLY A 188 -44.89 13.21 -7.92
N PHE A 189 -43.98 12.35 -7.47
CA PHE A 189 -44.32 11.33 -6.47
C PHE A 189 -44.20 11.81 -5.03
N ASP A 190 -45.03 11.24 -4.16
CA ASP A 190 -44.85 11.35 -2.72
C ASP A 190 -44.05 10.13 -2.23
N CYS A 191 -42.73 10.30 -2.17
CA CYS A 191 -41.81 9.20 -1.91
C CYS A 191 -41.66 8.84 -0.44
N ALA A 192 -42.66 9.11 0.38
CA ALA A 192 -42.56 8.77 1.80
C ALA A 192 -42.78 7.26 2.04
N THR A 193 -43.22 6.54 1.01
CA THR A 193 -43.28 5.07 1.09
C THR A 193 -42.30 4.49 0.09
N PRO A 194 -41.78 3.30 0.39
CA PRO A 194 -40.75 2.63 -0.42
C PRO A 194 -41.18 2.42 -1.87
N ALA A 195 -42.38 1.87 -2.07
CA ALA A 195 -42.88 1.63 -3.41
C ALA A 195 -42.89 2.90 -4.26
N LYS A 196 -43.34 4.00 -3.68
CA LYS A 196 -43.41 5.27 -4.40
C LYS A 196 -42.02 5.81 -4.67
N LEU A 197 -41.11 5.65 -3.71
CA LEU A 197 -39.75 6.12 -3.91
C LEU A 197 -39.11 5.38 -5.09
N ILE A 198 -39.38 4.08 -5.18
CA ILE A 198 -38.94 3.30 -6.33
C ILE A 198 -39.48 3.83 -7.66
N HIS A 199 -40.77 4.09 -7.74
CA HIS A 199 -41.33 4.65 -8.97
C HIS A 199 -40.68 5.99 -9.27
N ALA A 200 -40.53 6.83 -8.25
CA ALA A 200 -39.91 8.13 -8.42
C ALA A 200 -38.53 7.98 -9.07
N ILE A 201 -37.69 7.11 -8.51
CA ILE A 201 -36.37 6.87 -9.09
C ILE A 201 -36.49 6.39 -10.54
N GLY A 202 -37.41 5.45 -10.79
CA GLY A 202 -37.67 5.02 -12.16
C GLY A 202 -37.92 6.17 -13.11
N GLN A 203 -38.73 7.13 -12.68
CA GLN A 203 -39.02 8.30 -13.51
C GLN A 203 -37.78 9.18 -13.75
N LEU A 204 -36.84 9.21 -12.79
CA LEU A 204 -35.56 9.88 -13.00
C LEU A 204 -34.77 9.20 -14.13
N PHE A 205 -34.75 7.88 -14.09
CA PHE A 205 -34.14 7.10 -15.17
C PHE A 205 -34.76 7.38 -16.53
N THR A 206 -36.08 7.48 -16.58
CA THR A 206 -36.78 7.69 -17.85
C THR A 206 -36.37 9.05 -18.40
N HIS A 207 -36.36 10.03 -17.52
CA HIS A 207 -35.92 11.37 -17.88
C HIS A 207 -34.50 11.35 -18.46
N PHE A 208 -33.58 10.68 -17.78
CA PHE A 208 -32.20 10.68 -18.24
C PHE A 208 -32.00 9.93 -19.54
N VAL A 209 -32.66 8.79 -19.68
CA VAL A 209 -32.60 7.99 -20.89
C VAL A 209 -33.17 8.78 -22.08
N SER A 210 -34.17 9.61 -21.83
CA SER A 210 -34.79 10.42 -22.89
C SER A 210 -33.82 11.49 -23.39
N HIS A 211 -32.74 11.71 -22.64
CA HIS A 211 -31.75 12.71 -22.99
C HIS A 211 -30.39 12.10 -23.33
N GLY A 212 -30.40 10.84 -23.72
CA GLY A 212 -29.19 10.16 -24.17
C GLY A 212 -28.16 9.86 -23.09
N ALA A 213 -28.59 9.73 -21.83
CA ALA A 213 -27.68 9.46 -20.70
C ALA A 213 -26.93 8.15 -20.88
N LYS A 214 -25.68 8.11 -20.41
CA LYS A 214 -24.85 6.94 -20.65
C LYS A 214 -24.35 6.25 -19.38
N ALA A 215 -24.67 6.81 -18.22
CA ALA A 215 -24.22 6.22 -16.96
C ALA A 215 -24.88 6.86 -15.76
N CYS A 216 -24.75 6.18 -14.64
CA CYS A 216 -24.99 6.75 -13.32
C CYS A 216 -23.64 6.84 -12.66
N ALA A 217 -23.54 7.73 -11.68
CA ALA A 217 -22.31 7.92 -10.93
C ALA A 217 -22.63 8.23 -9.48
N ILE A 218 -21.73 7.84 -8.61
CA ILE A 218 -21.85 8.15 -7.20
C ILE A 218 -20.48 8.09 -6.55
N SER A 219 -20.26 8.94 -5.56
CA SER A 219 -19.08 8.87 -4.70
C SER A 219 -19.51 8.31 -3.37
N LEU A 220 -18.71 7.42 -2.80
CA LEU A 220 -19.11 6.67 -1.60
C LEU A 220 -18.11 6.75 -0.45
N PRO A 221 -18.61 6.79 0.79
CA PRO A 221 -17.72 6.82 1.95
C PRO A 221 -17.15 5.42 2.22
N PRO A 222 -16.06 5.33 2.99
CA PRO A 222 -15.35 4.06 3.18
C PRO A 222 -16.18 3.03 3.94
N ASP A 223 -17.14 3.49 4.72
CA ASP A 223 -17.90 2.57 5.56
C ASP A 223 -19.11 2.00 4.82
N PHE A 224 -19.42 2.54 3.64
CA PHE A 224 -20.60 2.08 2.93
C PHE A 224 -20.50 0.62 2.52
N GLU A 225 -21.55 -0.14 2.78
CA GLU A 225 -21.58 -1.56 2.43
C GLU A 225 -22.94 -1.93 1.87
N PRO A 226 -23.04 -2.02 0.54
CA PRO A 226 -24.36 -2.20 -0.08
C PRO A 226 -24.94 -3.57 0.25
N THR A 227 -26.21 -3.60 0.64
CA THR A 227 -26.93 -4.86 0.76
C THR A 227 -28.33 -4.65 0.24
N PRO A 228 -29.04 -5.73 -0.12
CA PRO A 228 -30.46 -5.58 -0.43
C PRO A 228 -31.19 -5.02 0.79
N VAL A 229 -32.26 -4.28 0.58
CA VAL A 229 -33.11 -3.82 1.68
C VAL A 229 -34.59 -3.99 1.31
N SER A 230 -35.33 -4.71 2.12
CA SER A 230 -36.75 -4.94 1.88
C SER A 230 -37.58 -3.67 2.09
N HIS A 231 -38.80 -3.65 1.55
CA HIS A 231 -39.74 -2.54 1.80
C HIS A 231 -39.99 -2.37 3.31
N VAL A 232 -40.15 -3.48 4.03
CA VAL A 232 -40.47 -3.43 5.45
C VAL A 232 -39.34 -2.79 6.22
N ASP A 233 -38.11 -3.09 5.85
CA ASP A 233 -36.96 -2.49 6.52
C ASP A 233 -36.76 -1.05 6.10
N ALA A 234 -37.06 -0.74 4.84
CA ALA A 234 -36.91 0.61 4.33
C ALA A 234 -38.03 1.55 4.81
N GLU A 235 -39.20 1.02 5.09
CA GLU A 235 -40.33 1.89 5.39
C GLU A 235 -40.09 2.75 6.62
N GLY A 236 -39.49 2.17 7.67
CA GLY A 236 -39.21 2.92 8.88
C GLY A 236 -38.33 4.15 8.65
N PRO A 237 -37.11 3.93 8.16
CA PRO A 237 -36.16 5.02 7.90
C PRO A 237 -36.69 6.06 6.91
N LEU A 238 -37.40 5.60 5.88
CA LEU A 238 -37.92 6.52 4.87
C LEU A 238 -39.01 7.41 5.44
N ARG A 239 -39.88 6.83 6.25
CA ARG A 239 -40.96 7.59 6.84
C ARG A 239 -40.35 8.66 7.77
N ALA A 240 -39.30 8.27 8.49
CA ALA A 240 -38.64 9.18 9.43
C ALA A 240 -38.05 10.37 8.67
N ALA A 241 -37.40 10.09 7.56
CA ALA A 241 -36.83 11.14 6.73
C ALA A 241 -37.92 12.08 6.24
N TYR A 242 -39.04 11.52 5.77
CA TYR A 242 -40.11 12.37 5.27
C TYR A 242 -40.90 13.05 6.39
N ALA A 243 -40.73 12.58 7.62
CA ALA A 243 -41.35 13.23 8.77
C ALA A 243 -40.42 14.28 9.40
N GLY A 244 -39.32 14.59 8.75
CA GLY A 244 -38.41 15.61 9.27
C GLY A 244 -37.61 15.18 10.49
N HIS A 245 -37.46 13.88 10.69
CA HIS A 245 -36.62 13.36 11.78
C HIS A 245 -35.14 13.48 11.46
N VAL A 246 -34.32 13.66 12.50
CA VAL A 246 -32.89 13.41 12.36
C VAL A 246 -32.66 11.91 12.49
N LEU A 247 -32.31 11.27 11.38
CA LEU A 247 -32.10 9.82 11.36
C LEU A 247 -30.93 9.37 12.21
N THR A 248 -31.13 8.26 12.91
CA THR A 248 -30.04 7.61 13.62
C THR A 248 -29.10 7.06 12.56
N THR A 249 -27.91 6.67 12.99
CA THR A 249 -26.94 6.10 12.06
C THR A 249 -27.51 4.90 11.32
N GLU A 250 -28.13 3.98 12.06
CA GLU A 250 -28.64 2.77 11.43
C GLU A 250 -29.76 3.06 10.42
N GLN A 251 -30.71 3.94 10.78
CA GLN A 251 -31.75 4.37 9.83
C GLN A 251 -31.14 4.95 8.56
N SER A 252 -30.15 5.82 8.73
CA SER A 252 -29.50 6.45 7.61
C SER A 252 -28.81 5.41 6.73
N GLN A 253 -28.12 4.45 7.33
CA GLN A 253 -27.46 3.40 6.58
C GLN A 253 -28.47 2.54 5.84
N ILE A 254 -29.59 2.22 6.49
CA ILE A 254 -30.59 1.38 5.83
C ILE A 254 -31.20 2.11 4.64
N LEU A 255 -31.50 3.40 4.80
CA LEU A 255 -32.10 4.18 3.72
C LEU A 255 -31.16 4.31 2.55
N SER A 256 -29.90 4.61 2.82
CA SER A 256 -28.92 4.74 1.76
C SER A 256 -28.76 3.44 0.99
N ARG A 257 -28.71 2.31 1.69
CA ARG A 257 -28.62 1.03 1.03
C ARG A 257 -29.84 0.77 0.19
N PHE A 258 -31.02 1.04 0.75
CA PHE A 258 -32.24 0.84 -0.01
C PHE A 258 -32.21 1.63 -1.32
N VAL A 259 -31.92 2.93 -1.24
CA VAL A 259 -31.86 3.78 -2.44
C VAL A 259 -30.78 3.30 -3.42
N PHE A 260 -29.61 2.99 -2.89
CA PHE A 260 -28.48 2.59 -3.74
C PHE A 260 -28.83 1.32 -4.52
N TRP A 261 -29.42 0.35 -3.83
CA TRP A 261 -29.73 -0.93 -4.43
C TRP A 261 -30.80 -0.73 -5.51
N THR A 262 -31.77 0.12 -5.21
CA THR A 262 -32.86 0.41 -6.11
C THR A 262 -32.33 1.00 -7.39
N ILE A 263 -31.34 1.90 -7.24
CA ILE A 263 -30.69 2.51 -8.38
C ILE A 263 -29.97 1.50 -9.26
N ALA A 264 -29.27 0.57 -8.65
CA ALA A 264 -28.57 -0.46 -9.40
C ALA A 264 -29.57 -1.31 -10.19
N GLU A 265 -30.74 -1.57 -9.60
CA GLU A 265 -31.77 -2.34 -10.29
C GLU A 265 -32.16 -1.62 -11.57
N PHE A 266 -32.28 -0.30 -11.49
CA PHE A 266 -32.66 0.48 -12.64
C PHE A 266 -31.50 0.57 -13.63
N CYS A 267 -30.27 0.60 -13.13
CA CYS A 267 -29.14 0.55 -14.04
C CYS A 267 -29.21 -0.73 -14.88
N SER A 268 -29.55 -1.84 -14.23
CA SER A 268 -29.66 -3.13 -14.91
C SER A 268 -30.74 -3.09 -15.99
N GLU A 269 -31.87 -2.51 -15.62
CA GLU A 269 -33.02 -2.45 -16.52
C GLU A 269 -32.76 -1.59 -17.75
N HIS A 270 -32.08 -0.47 -17.56
CA HIS A 270 -31.84 0.42 -18.69
C HIS A 270 -30.50 0.23 -19.37
N HIS A 271 -29.74 -0.79 -18.94
CA HIS A 271 -28.42 -1.04 -19.48
C HIS A 271 -27.47 0.13 -19.30
N LEU A 272 -27.48 0.73 -18.11
CA LEU A 272 -26.56 1.79 -17.78
C LEU A 272 -25.51 1.34 -16.78
N PRO A 273 -24.23 1.58 -17.09
CA PRO A 273 -23.20 1.30 -16.08
C PRO A 273 -23.33 2.24 -14.87
N PHE A 274 -22.88 1.79 -13.71
CA PHE A 274 -22.96 2.58 -12.50
C PHE A 274 -21.55 2.89 -11.99
N ASP A 275 -21.04 4.08 -12.31
CA ASP A 275 -19.69 4.49 -11.88
C ASP A 275 -19.60 4.63 -10.39
N LEU A 276 -18.69 3.91 -9.75
CA LEU A 276 -18.50 4.04 -8.32
C LEU A 276 -17.12 4.64 -7.98
N MSE A 277 -17.15 5.80 -7.33
CA MSE A 277 -15.93 6.40 -6.78
C MSE A 277 -15.94 6.10 -5.28
O MSE A 277 -16.68 6.72 -4.51
CB MSE A 277 -15.92 7.92 -7.01
CG MSE A 277 -15.56 8.35 -8.44
SE MSE A 277 -16.96 7.92 -9.73
CE MSE A 277 -16.18 8.83 -11.28
N ILE A 278 -15.09 5.17 -4.85
CA ILE A 278 -15.17 4.64 -3.50
C ILE A 278 -14.11 5.18 -2.57
N GLY A 279 -14.55 5.73 -1.44
CA GLY A 279 -13.66 5.96 -0.33
C GLY A 279 -13.47 7.40 0.16
N VAL A 280 -14.40 8.30 -0.17
CA VAL A 280 -14.26 9.68 0.31
C VAL A 280 -14.99 9.98 1.62
N ASN A 281 -14.35 10.76 2.50
CA ASN A 281 -15.02 11.32 3.67
C ASN A 281 -15.15 12.83 3.48
N ARG A 282 -16.38 13.35 3.54
CA ARG A 282 -16.60 14.78 3.37
C ARG A 282 -16.23 15.56 4.62
N ARG A 283 -15.74 16.79 4.43
CA ARG A 283 -15.48 17.71 5.52
C ARG A 283 -14.57 17.16 6.62
N VAL A 284 -13.53 16.44 6.22
CA VAL A 284 -12.51 16.03 7.18
C VAL A 284 -11.83 17.28 7.75
N TYR A 285 -11.45 18.20 6.87
CA TYR A 285 -10.85 19.46 7.28
C TYR A 285 -11.95 20.51 7.27
N GLU A 286 -12.42 20.88 8.46
CA GLU A 286 -13.61 21.70 8.59
C GLU A 286 -13.44 23.18 8.27
N SER A 287 -12.19 23.66 8.27
CA SER A 287 -11.94 25.07 8.00
C SER A 287 -11.21 25.30 6.68
N GLY A 288 -11.34 24.34 5.76
CA GLY A 288 -10.67 24.43 4.47
C GLY A 288 -11.39 25.33 3.48
N VAL A 289 -10.76 25.59 2.34
CA VAL A 289 -11.40 26.38 1.32
C VAL A 289 -12.57 25.60 0.71
N TYR A 290 -13.42 26.30 -0.03
CA TYR A 290 -14.53 25.69 -0.73
C TYR A 290 -14.01 24.55 -1.60
N GLN A 291 -14.60 23.37 -1.45
CA GLN A 291 -14.22 22.16 -2.20
C GLN A 291 -12.82 21.65 -1.87
N GLY A 292 -12.21 22.19 -0.83
CA GLY A 292 -10.94 21.65 -0.37
C GLY A 292 -11.02 21.15 1.07
N GLN A 293 -12.08 20.41 1.38
CA GLN A 293 -12.31 19.97 2.75
C GLN A 293 -12.40 18.45 2.89
N ASP A 294 -12.50 17.75 1.77
CA ASP A 294 -12.74 16.32 1.85
C ASP A 294 -11.44 15.54 1.82
N LEU A 295 -11.36 14.51 2.65
CA LEU A 295 -10.26 13.58 2.59
C LEU A 295 -10.81 12.17 2.62
N PHE A 296 -10.16 11.28 3.35
CA PHE A 296 -10.55 9.87 3.31
C PHE A 296 -9.92 9.07 4.43
N ASP A 297 -10.57 7.98 4.78
CA ASP A 297 -10.05 6.96 5.67
C ASP A 297 -9.73 5.81 4.72
N GLN A 298 -8.45 5.46 4.59
CA GLN A 298 -8.06 4.45 3.61
C GLN A 298 -8.44 3.04 4.05
N ARG A 299 -9.06 2.88 5.21
CA ARG A 299 -9.42 1.54 5.68
C ARG A 299 -10.75 1.02 5.10
N VAL A 300 -10.72 0.65 3.83
CA VAL A 300 -11.89 0.25 3.06
C VAL A 300 -11.51 -0.96 2.22
N SER A 301 -12.50 -1.75 1.81
CA SER A 301 -12.20 -2.88 0.90
C SER A 301 -13.32 -3.13 -0.08
N LEU A 302 -12.98 -3.48 -1.32
CA LEU A 302 -13.98 -3.81 -2.30
C LEU A 302 -14.77 -5.06 -1.86
N TYR A 303 -14.23 -5.78 -0.89
CA TYR A 303 -14.94 -6.90 -0.32
C TYR A 303 -16.30 -6.48 0.23
N GLN A 304 -16.42 -5.22 0.67
CA GLN A 304 -17.70 -4.78 1.22
C GLN A 304 -18.74 -4.53 0.13
N TYR A 305 -18.35 -4.71 -1.13
CA TYR A 305 -19.22 -4.52 -2.27
C TYR A 305 -19.59 -5.83 -2.95
N ARG A 306 -19.26 -6.94 -2.31
CA ARG A 306 -19.47 -8.25 -2.88
C ARG A 306 -20.93 -8.58 -3.16
N ARG A 307 -21.84 -8.18 -2.29
CA ARG A 307 -23.26 -8.44 -2.52
C ARG A 307 -23.69 -7.74 -3.80
N LEU A 308 -23.24 -6.50 -3.97
CA LEU A 308 -23.61 -5.71 -5.12
C LEU A 308 -23.10 -6.36 -6.42
N PHE A 309 -21.81 -6.69 -6.47
CA PHE A 309 -21.24 -7.26 -7.69
C PHE A 309 -21.94 -8.58 -8.05
N ASN A 310 -22.27 -9.40 -7.05
CA ASN A 310 -22.93 -10.68 -7.31
C ASN A 310 -24.38 -10.53 -7.76
N ALA A 311 -25.07 -9.52 -7.27
CA ALA A 311 -26.51 -9.43 -7.47
C ALA A 311 -26.87 -8.72 -8.77
N PHE A 312 -25.91 -8.03 -9.38
CA PHE A 312 -26.20 -7.29 -10.61
C PHE A 312 -25.22 -7.65 -11.73
N PRO A 313 -25.30 -8.90 -12.17
CA PRO A 313 -24.34 -9.37 -13.17
C PRO A 313 -24.47 -8.58 -14.47
N ARG A 314 -25.59 -7.91 -14.68
CA ARG A 314 -25.76 -7.19 -15.96
C ARG A 314 -25.54 -5.67 -15.85
N VAL A 315 -24.94 -5.25 -14.75
CA VAL A 315 -24.54 -3.87 -14.58
C VAL A 315 -23.03 -3.80 -14.53
N LYS A 316 -22.46 -3.02 -15.43
CA LYS A 316 -21.03 -2.74 -15.37
C LYS A 316 -20.76 -1.68 -14.31
N PHE A 317 -19.83 -1.99 -13.40
CA PHE A 317 -19.46 -1.04 -12.37
C PHE A 317 -18.04 -0.55 -12.64
N PRO A 318 -17.91 0.58 -13.33
CA PRO A 318 -16.58 1.19 -13.45
C PRO A 318 -16.25 1.76 -12.10
N ILE A 319 -15.19 1.25 -11.49
CA ILE A 319 -14.83 1.65 -10.15
C ILE A 319 -13.60 2.53 -10.15
N SER A 320 -13.65 3.61 -9.35
CA SER A 320 -12.45 4.35 -9.04
C SER A 320 -12.20 4.25 -7.54
N VAL A 321 -10.94 4.06 -7.15
CA VAL A 321 -10.61 4.05 -5.73
C VAL A 321 -9.74 5.24 -5.39
N LEU A 322 -9.98 5.79 -4.20
CA LEU A 322 -9.33 7.02 -3.76
C LEU A 322 -7.94 6.74 -3.21
N ALA A 323 -7.86 5.77 -2.32
CA ALA A 323 -6.59 5.38 -1.72
C ALA A 323 -5.75 4.54 -2.68
N HIS A 324 -4.48 4.87 -2.75
CA HIS A 324 -3.55 4.18 -3.64
C HIS A 324 -3.46 2.69 -3.32
N ALA A 325 -3.63 2.35 -2.04
CA ALA A 325 -3.48 0.97 -1.59
C ALA A 325 -4.63 0.08 -2.07
N SER A 326 -5.79 0.70 -2.28
CA SER A 326 -6.95 0.00 -2.84
C SER A 326 -6.79 -0.42 -4.30
N ASN A 327 -5.79 0.10 -5.01
CA ASN A 327 -5.68 -0.23 -6.43
C ASN A 327 -5.48 -1.72 -6.67
N MSE A 328 -4.66 -2.32 -5.83
CA MSE A 328 -4.34 -3.72 -5.98
C MSE A 328 -5.57 -4.62 -5.76
O MSE A 328 -5.77 -5.61 -6.46
CB MSE A 328 -3.15 -4.09 -5.08
CG MSE A 328 -2.64 -5.47 -5.27
SE MSE A 328 -3.54 -6.65 -4.04
CE MSE A 328 -2.76 -8.30 -4.72
N GLU A 329 -6.41 -4.24 -4.81
CA GLU A 329 -7.74 -4.83 -4.70
C GLU A 329 -8.57 -4.60 -5.97
N LEU A 330 -8.48 -3.40 -6.53
CA LEU A 330 -9.28 -3.08 -7.71
C LEU A 330 -8.84 -3.96 -8.87
N VAL A 331 -7.53 -4.14 -9.04
CA VAL A 331 -7.05 -4.97 -10.14
C VAL A 331 -7.55 -6.40 -9.95
N SER A 332 -7.50 -6.90 -8.72
CA SER A 332 -7.97 -8.26 -8.46
C SER A 332 -9.46 -8.44 -8.73
N TYR A 333 -10.28 -7.51 -8.25
CA TYR A 333 -11.71 -7.60 -8.47
C TYR A 333 -12.09 -7.43 -9.97
N ALA A 334 -11.37 -6.58 -10.70
CA ALA A 334 -11.65 -6.41 -12.13
C ALA A 334 -11.16 -7.65 -12.87
N TRP A 335 -10.22 -8.34 -12.25
CA TRP A 335 -9.69 -9.58 -12.78
C TRP A 335 -10.72 -10.69 -12.64
N ILE A 336 -11.48 -10.69 -11.56
CA ILE A 336 -12.41 -11.81 -11.34
C ILE A 336 -13.88 -11.52 -11.74
N PHE A 337 -14.47 -10.43 -11.25
CA PHE A 337 -15.85 -10.13 -11.57
C PHE A 337 -15.97 -9.61 -13.00
N PRO A 338 -16.77 -10.27 -13.85
CA PRO A 338 -16.94 -9.75 -15.21
C PRO A 338 -17.47 -8.31 -15.24
N ASN A 339 -18.23 -7.91 -14.22
CA ASN A 339 -18.87 -6.61 -14.20
C ASN A 339 -18.13 -5.53 -13.40
N VAL A 340 -16.93 -5.83 -12.93
CA VAL A 340 -16.12 -4.81 -12.31
C VAL A 340 -15.05 -4.33 -13.30
N ILE A 341 -15.07 -3.02 -13.56
CA ILE A 341 -14.14 -2.37 -14.50
C ILE A 341 -13.27 -1.37 -13.72
N ALA A 342 -11.96 -1.35 -13.99
CA ALA A 342 -11.07 -0.35 -13.38
C ALA A 342 -11.26 0.97 -14.11
N ASN A 343 -11.54 2.03 -13.36
CA ASN A 343 -11.90 3.30 -13.98
C ASN A 343 -10.98 4.44 -13.54
N GLY A 344 -10.02 4.76 -14.39
CA GLY A 344 -9.17 5.91 -14.18
C GLY A 344 -8.43 6.03 -12.87
N HIS A 345 -8.01 7.25 -12.59
CA HIS A 345 -7.25 7.56 -11.39
C HIS A 345 -7.84 8.76 -10.67
N TRP A 346 -8.43 8.52 -9.52
CA TRP A 346 -9.27 9.50 -8.85
C TRP A 346 -8.54 10.41 -7.88
N TRP A 347 -8.66 11.72 -8.08
CA TRP A 347 -8.42 12.71 -7.02
C TRP A 347 -7.01 12.62 -6.42
N TYR A 348 -6.90 12.24 -5.15
CA TYR A 348 -5.59 12.25 -4.48
C TYR A 348 -4.65 11.20 -5.06
N SER A 349 -5.22 10.19 -5.73
CA SER A 349 -4.43 9.16 -6.39
C SER A 349 -3.99 9.62 -7.78
N ASN A 350 -4.48 10.78 -8.18
CA ASN A 350 -4.30 11.30 -9.53
C ASN A 350 -3.03 12.12 -9.67
N ILE A 351 -1.91 11.52 -9.29
CA ILE A 351 -0.63 12.13 -9.52
C ILE A 351 0.28 11.02 -10.06
N PRO A 352 1.33 11.38 -10.82
CA PRO A 352 2.17 10.39 -11.51
C PRO A 352 2.76 9.29 -10.62
N ALA A 353 3.29 9.64 -9.44
CA ALA A 353 3.86 8.66 -8.51
C ALA A 353 2.92 7.48 -8.23
N PHE A 354 1.62 7.73 -8.26
CA PHE A 354 0.65 6.68 -7.95
C PHE A 354 0.01 6.15 -9.21
N ILE A 355 -0.17 7.01 -10.21
CA ILE A 355 -0.76 6.60 -11.47
C ILE A 355 0.08 5.54 -12.17
N GLU A 356 1.40 5.72 -12.17
CA GLU A 356 2.24 4.79 -12.91
C GLU A 356 2.07 3.35 -12.41
N PRO A 357 2.31 3.11 -11.11
CA PRO A 357 2.17 1.69 -10.71
C PRO A 357 0.73 1.17 -10.83
N ASP A 358 -0.26 2.04 -10.66
CA ASP A 358 -1.64 1.64 -10.83
C ASP A 358 -1.95 1.34 -12.31
N CYS A 359 -1.54 2.23 -13.20
CA CYS A 359 -1.72 2.04 -14.62
C CYS A 359 -0.99 0.77 -15.03
N ARG A 360 0.25 0.64 -14.57
CA ARG A 360 1.08 -0.52 -14.89
C ARG A 360 0.44 -1.85 -14.50
N SER A 361 -0.01 -1.95 -13.26
CA SER A 361 -0.58 -3.22 -12.78
C SER A 361 -1.89 -3.58 -13.51
N ARG A 362 -2.66 -2.56 -13.91
CA ARG A 362 -3.93 -2.79 -14.58
C ARG A 362 -3.73 -3.37 -15.97
N LEU A 363 -2.78 -2.80 -16.69
CA LEU A 363 -2.43 -3.28 -18.02
C LEU A 363 -1.92 -4.70 -18.00
N GLU A 364 -1.20 -5.08 -16.96
CA GLU A 364 -0.59 -6.40 -17.01
C GLU A 364 -1.46 -7.53 -16.46
N ALA A 365 -2.48 -7.20 -15.67
CA ALA A 365 -3.30 -8.26 -15.05
C ALA A 365 -4.80 -8.25 -15.41
N ILE A 366 -5.33 -7.12 -15.84
CA ILE A 366 -6.76 -6.98 -16.12
C ILE A 366 -6.96 -7.17 -17.62
N PRO A 367 -8.03 -7.89 -18.03
CA PRO A 367 -8.28 -7.96 -19.47
C PRO A 367 -8.30 -6.55 -20.08
N ARG A 368 -7.77 -6.41 -21.29
CA ARG A 368 -7.67 -5.09 -21.92
C ARG A 368 -9.01 -4.43 -22.18
N ASN A 369 -10.11 -5.18 -22.13
CA ASN A 369 -11.42 -4.57 -22.35
C ASN A 369 -12.14 -4.10 -21.07
N LYS A 370 -11.47 -4.22 -19.92
CA LYS A 370 -12.08 -3.87 -18.62
C LYS A 370 -11.31 -2.75 -17.92
N ASN A 371 -10.71 -1.89 -18.71
CA ASN A 371 -9.78 -0.91 -18.19
C ASN A 371 -10.02 0.43 -18.86
N ILE A 372 -10.60 1.36 -18.10
CA ILE A 372 -10.78 2.73 -18.59
C ILE A 372 -9.59 3.57 -18.11
N GLY A 373 -8.75 3.97 -19.05
CA GLY A 373 -7.53 4.69 -18.75
C GLY A 373 -7.68 5.91 -17.86
N TYR A 374 -8.50 6.87 -18.25
CA TYR A 374 -8.50 8.15 -17.57
C TYR A 374 -9.77 8.95 -17.82
N TYR A 375 -10.16 9.74 -16.83
CA TYR A 375 -11.15 10.79 -17.03
C TYR A 375 -10.62 12.06 -16.37
N SER A 376 -11.10 13.21 -16.81
CA SER A 376 -10.54 14.48 -16.35
C SER A 376 -11.10 14.90 -15.01
N ASP A 377 -12.35 14.55 -14.71
CA ASP A 377 -13.00 15.06 -13.51
C ASP A 377 -13.05 16.60 -13.51
N MSE A 378 -12.84 17.20 -14.68
CA MSE A 378 -12.70 18.66 -14.79
C MSE A 378 -14.00 19.41 -14.51
O MSE A 378 -15.10 18.91 -14.71
CB MSE A 378 -12.16 19.04 -16.16
CG MSE A 378 -13.17 18.87 -17.29
SE MSE A 378 -12.34 19.01 -19.06
CE MSE A 378 -13.62 17.95 -20.07
N TYR A 379 -13.83 20.64 -14.06
CA TYR A 379 -14.94 21.52 -13.75
C TYR A 379 -15.02 22.58 -14.85
N LYS A 380 -13.90 22.76 -15.54
CA LYS A 380 -13.84 23.66 -16.69
C LYS A 380 -12.96 23.01 -17.75
N LEU A 381 -13.35 23.19 -19.01
CA LEU A 381 -12.70 22.52 -20.14
C LEU A 381 -11.18 22.61 -20.20
N GLU A 382 -10.61 23.76 -19.84
CA GLU A 382 -9.17 23.97 -19.95
C GLU A 382 -8.34 23.01 -19.08
N PHE A 383 -8.98 22.36 -18.12
CA PHE A 383 -8.29 21.44 -17.21
C PHE A 383 -8.15 20.05 -17.81
N GLY A 384 -8.90 19.79 -18.88
CA GLY A 384 -8.91 18.48 -19.49
C GLY A 384 -7.57 18.11 -20.09
N TRP A 385 -7.02 19.01 -20.89
CA TRP A 385 -5.79 18.67 -21.59
C TRP A 385 -4.57 18.42 -20.69
N PRO A 386 -4.28 19.35 -19.77
CA PRO A 386 -3.07 19.11 -18.98
C PRO A 386 -3.16 17.80 -18.21
N LYS A 387 -4.37 17.42 -17.79
CA LYS A 387 -4.52 16.22 -16.97
C LYS A 387 -4.39 14.98 -17.83
N PHE A 388 -5.10 14.96 -18.95
CA PHE A 388 -4.94 13.88 -19.91
C PHE A 388 -3.50 13.77 -20.42
N GLN A 389 -2.78 14.89 -20.49
CA GLN A 389 -1.44 14.84 -21.06
C GLN A 389 -0.51 14.23 -20.04
N MSE A 390 -0.72 14.57 -18.77
CA MSE A 390 0.03 13.93 -17.71
C MSE A 390 -0.21 12.42 -17.77
O MSE A 390 0.72 11.62 -17.63
CB MSE A 390 -0.37 14.49 -16.35
CG MSE A 390 0.12 13.68 -15.16
SE MSE A 390 -0.82 14.10 -13.48
CE MSE A 390 -2.60 13.43 -13.93
N TYR A 391 -1.45 12.01 -18.01
CA TYR A 391 -1.74 10.59 -18.06
C TYR A 391 -1.08 9.89 -19.25
N ARG A 392 -1.17 10.51 -20.42
CA ARG A 392 -0.61 9.94 -21.63
C ARG A 392 0.90 9.67 -21.49
N ARG A 393 1.61 10.55 -20.78
CA ARG A 393 3.05 10.39 -20.59
C ARG A 393 3.37 9.16 -19.74
N VAL A 394 2.57 8.94 -18.71
CA VAL A 394 2.75 7.76 -17.87
C VAL A 394 2.42 6.50 -18.68
N LEU A 395 1.28 6.53 -19.37
CA LEU A 395 0.85 5.37 -20.16
C LEU A 395 1.86 5.06 -21.25
N ALA A 396 2.40 6.11 -21.87
CA ALA A 396 3.39 5.91 -22.91
C ALA A 396 4.58 5.19 -22.32
N LYS A 397 4.96 5.59 -21.12
CA LYS A 397 6.09 4.97 -20.42
C LYS A 397 5.80 3.50 -20.13
N VAL A 398 4.61 3.23 -19.62
CA VAL A 398 4.26 1.85 -19.30
C VAL A 398 4.19 0.97 -20.54
N LEU A 399 3.58 1.50 -21.60
CA LEU A 399 3.48 0.76 -22.84
C LEU A 399 4.86 0.47 -23.41
N PHE A 400 5.74 1.48 -23.41
CA PHE A 400 7.06 1.25 -23.97
C PHE A 400 7.81 0.20 -23.17
N GLU A 401 7.84 0.39 -21.85
CA GLU A 401 8.63 -0.49 -21.00
C GLU A 401 8.08 -1.91 -20.93
N ASP A 402 6.77 -2.03 -20.76
CA ASP A 402 6.20 -3.34 -20.46
C ASP A 402 5.73 -4.11 -21.69
N PHE A 403 5.36 -3.37 -22.73
CA PHE A 403 4.86 -4.03 -23.94
C PHE A 403 5.86 -3.99 -25.10
N VAL A 404 6.27 -2.80 -25.50
CA VAL A 404 7.26 -2.68 -26.56
C VAL A 404 8.54 -3.41 -26.18
N VAL A 405 9.07 -3.10 -25.01
CA VAL A 405 10.27 -3.76 -24.52
C VAL A 405 9.96 -5.09 -23.84
N GLY A 406 9.08 -5.05 -22.85
CA GLY A 406 8.83 -6.21 -22.03
C GLY A 406 8.27 -7.40 -22.78
N ARG A 407 7.47 -7.15 -23.81
CA ARG A 407 6.81 -8.22 -24.56
C ARG A 407 7.24 -8.26 -26.02
N HIS A 408 8.10 -7.34 -26.42
CA HIS A 408 8.55 -7.29 -27.80
C HIS A 408 7.40 -7.04 -28.75
N TRP A 409 6.43 -6.25 -28.30
CA TRP A 409 5.39 -5.73 -29.17
C TRP A 409 5.95 -4.60 -30.04
N SER A 410 5.41 -4.46 -31.25
CA SER A 410 5.69 -3.30 -32.07
C SER A 410 5.06 -2.06 -31.42
N GLU A 411 5.53 -0.88 -31.81
CA GLU A 411 4.95 0.36 -31.31
C GLU A 411 3.48 0.40 -31.67
N GLU A 412 3.16 -0.04 -32.88
CA GLU A 412 1.79 -0.11 -33.36
C GLU A 412 0.88 -0.93 -32.47
N ARG A 413 1.36 -2.10 -32.06
CA ARG A 413 0.53 -2.95 -31.26
C ARG A 413 0.33 -2.33 -29.87
N ALA A 414 1.38 -1.68 -29.37
CA ALA A 414 1.29 -1.00 -28.08
C ALA A 414 0.35 0.21 -28.16
N VAL A 415 0.47 1.00 -29.22
CA VAL A 415 -0.43 2.14 -29.42
C VAL A 415 -1.88 1.68 -29.50
N GLU A 416 -2.10 0.58 -30.20
CA GLU A 416 -3.44 0.00 -30.29
C GLU A 416 -3.97 -0.34 -28.89
N LEU A 417 -3.12 -0.87 -28.02
CA LEU A 417 -3.51 -1.11 -26.64
C LEU A 417 -3.88 0.21 -25.96
N GLY A 418 -3.02 1.21 -26.17
CA GLY A 418 -3.24 2.51 -25.58
C GLY A 418 -4.57 3.09 -26.05
N ARG A 419 -4.83 2.98 -27.34
CA ARG A 419 -6.07 3.51 -27.90
C ARG A 419 -7.28 2.85 -27.28
N GLN A 420 -7.19 1.56 -27.04
CA GLN A 420 -8.30 0.86 -26.41
C GLN A 420 -8.53 1.37 -24.97
N ILE A 421 -7.46 1.50 -24.20
CA ILE A 421 -7.52 2.02 -22.84
C ILE A 421 -8.03 3.48 -22.78
N LEU A 422 -7.62 4.28 -23.73
CA LEU A 422 -7.98 5.69 -23.71
C LEU A 422 -9.36 5.95 -24.26
N ARG A 423 -9.76 5.19 -25.28
CA ARG A 423 -10.95 5.51 -26.07
C ARG A 423 -11.85 4.31 -26.35
N GLY A 424 -11.27 3.22 -26.83
CA GLY A 424 -12.06 2.07 -27.27
C GLY A 424 -12.99 1.49 -26.21
N ASN A 425 -12.51 1.36 -24.98
CA ASN A 425 -13.34 0.79 -23.92
C ASN A 425 -14.44 1.74 -23.49
N VAL A 426 -14.18 3.04 -23.63
CA VAL A 426 -15.19 4.03 -23.32
C VAL A 426 -16.39 3.82 -24.26
N GLU A 427 -16.11 3.57 -25.53
CA GLU A 427 -17.14 3.32 -26.53
C GLU A 427 -17.93 2.05 -26.24
N THR A 428 -17.26 1.01 -25.78
CA THR A 428 -17.93 -0.28 -25.59
C THR A 428 -18.63 -0.38 -24.23
N ILE A 429 -18.04 0.27 -23.24
CA ILE A 429 -18.57 0.23 -21.88
C ILE A 429 -19.77 1.16 -21.70
N PHE A 430 -19.74 2.30 -22.39
CA PHE A 430 -20.85 3.25 -22.30
C PHE A 430 -21.45 3.38 -23.69
N SER A 431 -22.15 2.35 -24.11
CA SER A 431 -22.69 2.34 -25.47
C SER A 431 -23.97 3.14 -25.61
N GLY A 432 -24.60 3.46 -24.49
CA GLY A 432 -25.93 4.04 -24.52
C GLY A 432 -26.96 3.12 -23.87
N ALA A 433 -28.11 3.67 -23.51
CA ALA A 433 -29.17 2.89 -22.88
C ALA A 433 -30.01 2.16 -23.92
N MSE B 4 34.52 18.65 -16.89
CA MSE B 4 35.22 17.39 -16.65
C MSE B 4 34.55 16.60 -15.53
O MSE B 4 34.41 17.09 -14.41
CB MSE B 4 36.68 17.63 -16.28
CG MSE B 4 37.57 16.38 -16.47
SE MSE B 4 39.35 16.53 -15.71
CE MSE B 4 38.78 16.64 -13.84
N ILE B 5 34.15 15.36 -15.84
CA ILE B 5 33.49 14.49 -14.87
C ILE B 5 34.11 13.08 -14.84
N ALA B 6 34.15 12.47 -13.66
CA ALA B 6 34.57 11.08 -13.52
C ALA B 6 33.62 10.19 -14.32
N THR B 7 34.18 9.30 -15.13
CA THR B 7 33.34 8.45 -15.97
C THR B 7 32.37 7.57 -15.17
N LYS B 8 32.83 7.11 -14.01
CA LYS B 8 32.01 6.24 -13.17
C LYS B 8 30.88 7.00 -12.48
N SER B 9 30.75 8.29 -12.78
CA SER B 9 29.77 9.14 -12.10
C SER B 9 28.58 9.47 -13.00
N SER B 10 27.40 9.01 -12.60
CA SER B 10 26.17 9.27 -13.34
C SER B 10 25.60 10.66 -13.01
N PRO B 11 24.64 11.14 -13.82
CA PRO B 11 24.00 12.43 -13.53
C PRO B 11 23.36 12.45 -12.15
N ILE B 12 22.80 11.31 -11.75
CA ILE B 12 22.26 11.14 -10.40
C ILE B 12 23.37 11.25 -9.35
N ASP B 13 24.52 10.65 -9.64
CA ASP B 13 25.68 10.76 -8.74
C ASP B 13 26.16 12.21 -8.62
N GLN B 14 26.11 12.95 -9.72
CA GLN B 14 26.52 14.34 -9.69
C GLN B 14 25.56 15.16 -8.86
N LEU B 15 24.27 14.86 -8.96
CA LEU B 15 23.28 15.60 -8.21
C LEU B 15 23.46 15.26 -6.73
N CYS B 16 23.68 13.98 -6.46
CA CYS B 16 23.88 13.53 -5.10
C CYS B 16 25.10 14.23 -4.50
N ALA B 17 26.16 14.35 -5.30
CA ALA B 17 27.39 15.00 -4.82
C ALA B 17 27.10 16.42 -4.32
N GLN B 18 26.25 17.16 -5.03
CA GLN B 18 25.85 18.48 -4.57
C GLN B 18 24.98 18.42 -3.32
N LEU B 19 24.10 17.43 -3.22
CA LEU B 19 23.35 17.26 -1.98
C LEU B 19 24.32 16.98 -0.81
N ASP B 20 25.37 16.20 -1.05
CA ASP B 20 26.30 15.81 0.00
C ASP B 20 26.97 17.00 0.67
N GLU B 21 27.02 18.14 -0.03
CA GLU B 21 27.66 19.29 0.57
C GLU B 21 26.72 20.18 1.35
N ILE B 22 25.45 19.80 1.46
CA ILE B 22 24.52 20.58 2.27
C ILE B 22 24.76 20.31 3.76
N VAL B 23 25.21 21.33 4.48
CA VAL B 23 25.38 21.21 5.94
C VAL B 23 24.03 21.08 6.60
N LEU B 24 23.88 20.05 7.43
CA LEU B 24 22.55 19.67 7.90
C LEU B 24 22.28 20.03 9.35
N ILE B 25 21.00 20.21 9.66
CA ILE B 25 20.56 20.18 11.04
C ILE B 25 19.63 18.98 11.15
N ASP B 26 20.01 18.00 11.96
CA ASP B 26 19.23 16.77 12.10
C ASP B 26 17.99 17.04 12.95
N PRO B 27 16.79 16.96 12.36
CA PRO B 27 15.61 17.36 13.12
C PRO B 27 15.07 16.32 14.11
N HIS B 28 15.69 15.16 14.20
CA HIS B 28 15.28 14.20 15.22
C HIS B 28 16.29 13.11 15.53
N SER B 29 16.77 13.09 16.77
CA SER B 29 17.67 12.01 17.19
C SER B 29 17.47 11.66 18.65
N HIS B 30 18.25 10.70 19.10
CA HIS B 30 18.25 10.31 20.49
C HIS B 30 19.66 10.38 21.02
N ILE B 31 20.44 11.32 20.52
CA ILE B 31 21.81 11.46 20.99
C ILE B 31 21.80 11.81 22.47
N ASN B 32 22.66 11.15 23.25
CA ASN B 32 22.98 11.63 24.59
C ASN B 32 24.12 12.65 24.48
N PRO B 33 23.83 13.91 24.81
CA PRO B 33 24.80 14.99 24.55
C PRO B 33 26.07 14.85 25.40
N HIS B 34 26.04 14.03 26.43
CA HIS B 34 27.21 13.79 27.26
C HIS B 34 28.08 12.66 26.73
N ALA B 35 27.52 11.90 25.79
CA ALA B 35 28.23 10.79 25.16
C ALA B 35 27.73 10.64 23.70
N ALA B 36 27.90 11.69 22.91
CA ALA B 36 27.26 11.74 21.62
C ALA B 36 27.83 10.74 20.62
N ALA B 37 29.14 10.51 20.70
CA ALA B 37 29.81 9.60 19.77
C ALA B 37 30.19 8.30 20.46
N SER B 38 30.56 7.32 19.66
CA SER B 38 30.88 6.00 20.17
C SER B 38 32.31 5.97 20.69
N LYS B 39 32.55 5.06 21.62
CA LYS B 39 33.90 4.80 22.13
C LYS B 39 34.52 3.56 21.49
N ASN B 40 33.69 2.61 21.07
CA ASN B 40 34.14 1.41 20.36
C ASN B 40 33.01 0.79 19.55
N LEU B 41 33.34 -0.22 18.75
CA LEU B 41 32.36 -0.87 17.88
C LEU B 41 31.20 -1.52 18.64
N GLY B 42 31.36 -1.71 19.95
CA GLY B 42 30.28 -2.24 20.76
C GLY B 42 29.08 -1.31 20.73
N ASP B 43 29.38 -0.03 20.51
CA ASP B 43 28.37 1.02 20.53
C ASP B 43 27.61 1.03 19.21
N ILE B 44 28.28 0.57 18.16
CA ILE B 44 27.72 0.52 16.83
C ILE B 44 27.09 -0.84 16.57
N LEU B 45 27.91 -1.87 16.58
CA LEU B 45 27.49 -3.25 16.35
C LEU B 45 26.54 -3.77 17.41
N GLY B 46 26.69 -3.25 18.63
CA GLY B 46 25.86 -3.70 19.73
C GLY B 46 24.51 -3.02 19.76
N TYR B 47 24.29 -2.10 18.84
CA TYR B 47 23.04 -1.36 18.79
C TYR B 47 21.95 -2.21 18.13
N HIS B 48 20.69 -1.96 18.46
CA HIS B 48 19.63 -2.89 18.07
C HIS B 48 19.45 -3.07 16.55
N TYR B 49 19.89 -2.10 15.74
CA TYR B 49 19.85 -2.34 14.29
C TYR B 49 20.43 -3.73 14.00
N PHE B 50 21.57 -4.05 14.61
CA PHE B 50 22.32 -5.25 14.26
C PHE B 50 21.99 -6.43 15.15
N THR B 51 21.76 -6.19 16.43
CA THR B 51 21.42 -7.29 17.33
C THR B 51 20.05 -7.89 16.97
N GLU B 52 19.06 -7.06 16.64
CA GLU B 52 17.75 -7.60 16.27
C GLU B 52 17.87 -8.41 14.97
N LEU B 53 18.71 -7.95 14.05
CA LEU B 53 18.92 -8.68 12.80
C LEU B 53 19.68 -9.99 13.05
N ALA B 54 20.75 -9.93 13.84
CA ALA B 54 21.52 -11.13 14.16
C ALA B 54 20.62 -12.17 14.80
N HIS B 55 19.82 -11.74 15.78
CA HIS B 55 18.85 -12.60 16.45
C HIS B 55 17.78 -13.13 15.48
N SER B 56 17.30 -12.27 14.60
CA SER B 56 16.27 -12.67 13.65
C SER B 56 16.79 -13.76 12.75
N ALA B 57 18.09 -13.67 12.43
CA ALA B 57 18.73 -14.62 11.55
C ALA B 57 19.09 -15.93 12.26
N GLY B 58 18.88 -16.00 13.56
CA GLY B 58 18.98 -17.27 14.26
C GLY B 58 19.87 -17.29 15.49
N MSE B 59 20.55 -16.18 15.77
CA MSE B 59 21.45 -16.13 16.93
C MSE B 59 20.66 -15.89 18.21
O MSE B 59 19.95 -14.89 18.33
CB MSE B 59 22.52 -15.05 16.74
CG MSE B 59 23.51 -14.97 17.88
SE MSE B 59 24.95 -13.72 17.44
CE MSE B 59 25.69 -14.71 15.91
N PRO B 60 20.80 -16.80 19.20
CA PRO B 60 20.01 -16.69 20.43
C PRO B 60 20.31 -15.40 21.18
N ARG B 61 19.30 -14.78 21.80
CA ARG B 61 19.53 -13.53 22.50
C ARG B 61 20.49 -13.70 23.69
N GLU B 62 20.46 -14.88 24.30
CA GLU B 62 21.35 -15.22 25.40
C GLU B 62 22.83 -15.12 24.99
N VAL B 63 23.09 -15.41 23.72
CA VAL B 63 24.45 -15.31 23.20
C VAL B 63 24.84 -13.84 23.07
N ILE B 64 23.96 -13.05 22.47
CA ILE B 64 24.18 -11.62 22.27
C ILE B 64 24.23 -10.85 23.59
N GLU B 65 23.28 -11.16 24.48
CA GLU B 65 23.06 -10.37 25.67
C GLU B 65 23.60 -11.04 26.93
N ALA B 66 24.53 -11.98 26.74
CA ALA B 66 25.19 -12.66 27.85
C ALA B 66 25.79 -11.66 28.84
N PRO B 67 25.50 -11.85 30.14
CA PRO B 67 26.00 -10.95 31.18
C PRO B 67 27.50 -11.13 31.39
N GLY B 68 28.18 -10.03 31.72
CA GLY B 68 29.60 -10.10 32.05
C GLY B 68 30.50 -10.28 30.83
N ILE B 69 29.94 -10.16 29.64
CA ILE B 69 30.73 -10.20 28.42
C ILE B 69 31.14 -8.77 28.03
N THR B 70 32.42 -8.59 27.70
CA THR B 70 32.91 -7.25 27.35
C THR B 70 32.28 -6.76 26.05
N ALA B 71 32.59 -5.52 25.69
CA ALA B 71 32.07 -4.96 24.44
C ALA B 71 32.75 -5.60 23.24
N LYS B 72 34.05 -5.84 23.38
CA LYS B 72 34.83 -6.50 22.34
C LYS B 72 34.37 -7.94 22.07
N GLU B 73 34.14 -8.69 23.14
CA GLU B 73 33.61 -10.06 23.00
C GLU B 73 32.21 -10.06 22.39
N LYS B 74 31.37 -9.10 22.78
CA LYS B 74 30.04 -9.00 22.19
C LYS B 74 30.10 -8.70 20.69
N VAL B 75 30.95 -7.76 20.30
CA VAL B 75 31.19 -7.52 18.87
C VAL B 75 31.58 -8.81 18.16
N GLY B 76 32.57 -9.52 18.69
CA GLY B 76 32.99 -10.79 18.15
C GLY B 76 31.84 -11.75 17.91
N ARG B 77 30.91 -11.85 18.86
CA ARG B 77 29.79 -12.76 18.73
C ARG B 77 28.82 -12.31 17.65
N ILE B 78 28.52 -11.02 17.61
CA ILE B 78 27.67 -10.48 16.55
C ILE B 78 28.27 -10.66 15.17
N VAL B 79 29.59 -10.52 15.05
CA VAL B 79 30.25 -10.70 13.76
C VAL B 79 30.08 -12.12 13.21
N GLU B 80 30.15 -13.11 14.09
CA GLU B 80 29.92 -14.51 13.69
C GLU B 80 28.63 -14.68 12.90
N GLY B 81 27.64 -13.84 13.19
CA GLY B 81 26.33 -13.98 12.55
C GLY B 81 26.02 -12.96 11.48
N LEU B 82 27.00 -12.13 11.12
CA LEU B 82 26.81 -11.13 10.08
C LEU B 82 26.71 -11.73 8.68
N ALA B 83 27.19 -12.97 8.52
CA ALA B 83 27.12 -13.64 7.22
C ALA B 83 25.69 -13.71 6.70
N HIS B 84 24.74 -13.81 7.61
CA HIS B 84 23.33 -13.94 7.25
C HIS B 84 22.74 -12.58 6.96
N LEU B 85 23.54 -11.53 7.12
CA LEU B 85 23.02 -10.16 7.04
C LEU B 85 23.71 -9.29 6.01
N ASP B 86 24.74 -9.81 5.33
CA ASP B 86 25.52 -8.95 4.44
C ASP B 86 24.73 -8.36 3.29
N ASN B 87 23.49 -8.82 3.11
CA ASN B 87 22.60 -8.26 2.09
C ASN B 87 21.82 -7.08 2.57
N THR B 88 21.77 -6.88 3.88
CA THR B 88 20.85 -5.87 4.42
C THR B 88 21.38 -4.45 4.26
N ILE B 89 20.46 -3.50 4.18
CA ILE B 89 20.84 -2.12 4.01
C ILE B 89 21.52 -1.69 5.29
N GLN B 90 21.07 -2.25 6.42
CA GLN B 90 21.70 -1.97 7.71
C GLN B 90 23.20 -2.29 7.64
N VAL B 91 23.55 -3.46 7.10
CA VAL B 91 24.97 -3.80 6.96
C VAL B 91 25.70 -2.85 6.01
N LYS B 92 24.99 -2.40 4.97
CA LYS B 92 25.55 -1.36 4.09
C LYS B 92 25.91 -0.10 4.87
N TRP B 93 25.04 0.34 5.77
CA TRP B 93 25.37 1.47 6.65
C TRP B 93 26.67 1.24 7.38
N LEU B 94 26.79 0.05 7.98
CA LEU B 94 27.94 -0.31 8.78
C LEU B 94 29.24 -0.23 8.00
N ILE B 95 29.28 -0.94 6.88
CA ILE B 95 30.48 -0.97 6.04
C ILE B 95 30.89 0.43 5.63
N GLU B 96 29.91 1.19 5.13
CA GLU B 96 30.16 2.55 4.68
C GLU B 96 30.57 3.48 5.82
N LEU B 97 29.90 3.33 6.96
CA LEU B 97 30.30 3.97 8.21
C LEU B 97 31.78 3.69 8.52
N CYS B 98 32.12 2.42 8.60
CA CYS B 98 33.49 2.02 8.94
C CYS B 98 34.49 2.52 7.91
N GLU B 99 34.09 2.51 6.65
CA GLU B 99 34.95 3.02 5.61
C GLU B 99 35.25 4.50 5.84
N ARG B 100 34.19 5.30 6.05
CA ARG B 100 34.30 6.75 6.13
C ARG B 100 35.03 7.25 7.38
N PHE B 101 34.75 6.62 8.52
CA PHE B 101 35.31 7.05 9.80
C PHE B 101 36.59 6.29 10.23
N PHE B 102 36.73 5.03 9.84
CA PHE B 102 37.81 4.21 10.37
C PHE B 102 38.78 3.74 9.30
N GLY B 103 38.62 4.20 8.08
CA GLY B 103 39.51 3.82 6.98
C GLY B 103 39.42 2.35 6.62
N PHE B 104 38.28 1.73 6.93
CA PHE B 104 38.07 0.32 6.65
C PHE B 104 37.99 0.16 5.14
N GLN B 105 38.71 -0.81 4.59
CA GLN B 105 38.88 -0.94 3.15
C GLN B 105 38.17 -2.16 2.59
N ASP B 106 37.81 -3.10 3.45
CA ASP B 106 37.20 -4.33 2.99
C ASP B 106 35.70 -4.18 2.62
N ASP B 107 35.24 -5.02 1.70
CA ASP B 107 33.85 -4.93 1.24
C ASP B 107 32.88 -5.57 2.24
N ARG B 108 33.40 -6.26 3.24
CA ARG B 108 32.55 -6.89 4.24
C ARG B 108 33.27 -7.09 5.57
N LEU B 109 32.49 -7.37 6.61
CA LEU B 109 33.01 -7.54 7.95
C LEU B 109 32.87 -9.00 8.39
N THR B 110 33.99 -9.66 8.66
CA THR B 110 33.99 -11.10 8.95
C THR B 110 34.77 -11.42 10.21
N PRO B 111 34.70 -12.68 10.67
CA PRO B 111 35.56 -13.14 11.76
C PRO B 111 37.05 -12.92 11.48
N ASP B 112 37.44 -12.95 10.20
CA ASP B 112 38.84 -12.75 9.81
C ASP B 112 39.37 -11.35 10.11
N ASN B 113 38.56 -10.33 9.87
CA ASN B 113 39.07 -8.97 9.86
C ASN B 113 38.52 -8.02 10.95
N TRP B 114 37.54 -8.48 11.72
CA TRP B 114 36.85 -7.60 12.67
C TRP B 114 37.73 -7.12 13.81
N GLU B 115 38.58 -7.99 14.35
CA GLU B 115 39.34 -7.62 15.55
C GLU B 115 40.31 -6.48 15.25
N ALA B 116 40.92 -6.53 14.08
CA ALA B 116 41.83 -5.47 13.66
C ALA B 116 41.07 -4.15 13.46
N LEU B 117 39.84 -4.22 12.98
CA LEU B 117 39.03 -3.01 12.84
C LEU B 117 38.60 -2.50 14.21
N TYR B 118 38.19 -3.42 15.09
CA TYR B 118 37.83 -3.05 16.45
C TYR B 118 38.95 -2.26 17.14
N ASP B 119 40.17 -2.80 17.07
CA ASP B 119 41.31 -2.20 17.73
C ASP B 119 41.62 -0.83 17.14
N HIS B 120 41.67 -0.75 15.82
CA HIS B 120 41.99 0.50 15.15
C HIS B 120 40.93 1.58 15.44
N SER B 121 39.67 1.22 15.31
CA SER B 121 38.57 2.17 15.51
C SER B 121 38.52 2.65 16.96
N GLU B 122 38.90 1.79 17.91
CA GLU B 122 38.91 2.24 19.29
C GLU B 122 40.01 3.26 19.57
N LYS B 123 41.15 3.12 18.91
CA LYS B 123 42.20 4.14 18.99
C LYS B 123 41.71 5.46 18.39
N LEU B 124 41.07 5.38 17.23
CA LEU B 124 40.55 6.57 16.58
C LEU B 124 39.54 7.30 17.46
N MSE B 125 38.66 6.53 18.08
CA MSE B 125 37.56 7.11 18.83
C MSE B 125 38.00 7.66 20.19
O MSE B 125 37.25 8.40 20.84
CB MSE B 125 36.43 6.10 19.00
CG MSE B 125 35.63 5.89 17.74
SE MSE B 125 34.24 4.55 17.97
CE MSE B 125 35.25 2.99 17.41
N SER B 126 39.21 7.31 20.61
CA SER B 126 39.69 7.80 21.89
C SER B 126 40.43 9.11 21.70
N ALA B 127 40.47 9.60 20.45
CA ALA B 127 41.13 10.88 20.19
C ALA B 127 40.31 11.98 20.83
N PRO B 128 40.97 13.03 21.34
CA PRO B 128 40.24 14.01 22.15
C PRO B 128 39.12 14.66 21.36
N ASP B 129 39.29 14.77 20.04
CA ASP B 129 38.37 15.51 19.20
C ASP B 129 37.54 14.59 18.31
N TRP B 130 37.31 13.37 18.77
CA TRP B 130 36.58 12.41 17.97
C TRP B 130 35.21 12.94 17.60
N GLU B 131 34.50 13.46 18.59
CA GLU B 131 33.13 13.92 18.42
C GLU B 131 33.07 14.98 17.33
N GLN B 132 33.94 15.97 17.45
CA GLN B 132 34.11 16.99 16.43
C GLN B 132 34.42 16.41 15.05
N THR B 133 35.35 15.45 15.00
CA THR B 133 35.67 14.79 13.74
C THR B 133 34.44 14.17 13.08
N VAL B 134 33.63 13.47 13.88
CA VAL B 134 32.44 12.83 13.33
C VAL B 134 31.50 13.89 12.77
N LEU B 135 31.29 14.96 13.52
CA LEU B 135 30.37 16.01 13.11
C LEU B 135 30.81 16.63 11.80
N GLN B 136 32.09 17.00 11.73
CA GLN B 136 32.65 17.60 10.53
C GLN B 136 32.54 16.66 9.32
N LYS B 137 32.78 15.38 9.53
CA LYS B 137 32.73 14.41 8.43
C LYS B 137 31.30 14.04 8.07
N SER B 138 30.37 14.45 8.92
CA SER B 138 28.97 14.13 8.72
C SER B 138 28.16 15.31 8.21
N GLN B 139 28.80 16.46 7.98
CA GLN B 139 28.08 17.68 7.58
C GLN B 139 26.95 18.04 8.55
N LEU B 140 27.16 17.76 9.83
CA LEU B 140 26.17 18.11 10.86
C LEU B 140 26.53 19.41 11.55
N GLU B 141 25.62 20.38 11.50
CA GLU B 141 25.81 21.64 12.20
C GLU B 141 25.24 21.56 13.61
N ALA B 142 24.07 20.95 13.73
CA ALA B 142 23.39 20.81 15.01
C ALA B 142 22.53 19.54 14.96
N VAL B 143 22.08 19.07 16.13
CA VAL B 143 21.30 17.86 16.22
C VAL B 143 20.16 18.08 17.21
N PHE B 144 18.94 17.73 16.84
CA PHE B 144 17.83 17.80 17.79
C PHE B 144 17.89 16.55 18.65
N LEU B 145 17.80 16.74 19.96
CA LEU B 145 17.72 15.65 20.91
C LEU B 145 16.28 15.31 21.13
N THR B 146 16.07 14.23 21.85
CA THR B 146 14.75 13.89 22.36
C THR B 146 14.96 13.73 23.86
N ASN B 147 14.72 14.81 24.61
CA ASN B 147 15.07 14.85 26.02
C ASN B 147 13.95 14.36 26.91
N ASP B 148 14.31 13.66 27.97
CA ASP B 148 13.36 13.35 29.03
C ASP B 148 12.73 14.64 29.54
N PHE B 149 11.49 14.56 30.01
CA PHE B 149 10.78 15.75 30.43
C PHE B 149 11.45 16.43 31.63
N ASP B 150 12.23 15.67 32.38
CA ASP B 150 12.89 16.25 33.54
C ASP B 150 14.38 16.56 33.34
N ASP B 151 14.84 16.57 32.09
CA ASP B 151 16.21 16.96 31.80
C ASP B 151 16.33 18.43 32.17
N PRO B 152 17.41 18.82 32.86
CA PRO B 152 17.57 20.23 33.20
C PRO B 152 18.06 21.10 32.04
N LEU B 153 18.53 20.48 30.96
CA LEU B 153 18.96 21.20 29.77
C LEU B 153 20.08 22.21 30.04
N THR B 154 20.86 22.00 31.11
CA THR B 154 21.92 22.95 31.46
C THR B 154 23.33 22.36 31.36
N GLY B 155 23.41 21.05 31.12
CA GLY B 155 24.69 20.36 31.11
C GLY B 155 25.36 20.20 29.76
N PHE B 156 24.80 20.82 28.74
CA PHE B 156 25.34 20.74 27.39
C PHE B 156 25.03 22.00 26.59
N ASP B 157 25.64 22.13 25.41
CA ASP B 157 25.43 23.30 24.55
C ASP B 157 24.14 23.15 23.76
N THR B 158 23.12 23.92 24.15
CA THR B 158 21.79 23.74 23.56
C THR B 158 21.62 24.29 22.13
N LYS B 159 22.59 25.07 21.67
CA LYS B 159 22.60 25.52 20.27
C LYS B 159 23.18 24.45 19.35
N LYS B 160 23.88 23.47 19.95
CA LYS B 160 24.48 22.39 19.18
C LYS B 160 23.62 21.14 19.30
N TYR B 161 23.21 20.84 20.52
CA TYR B 161 22.31 19.74 20.80
C TYR B 161 21.00 20.38 21.22
N ILE B 162 20.06 20.41 20.28
CA ILE B 162 18.85 21.19 20.44
C ILE B 162 17.77 20.36 21.12
N PRO B 163 17.29 20.84 22.28
CA PRO B 163 16.27 20.13 23.06
C PRO B 163 14.92 19.99 22.35
N CYS B 164 14.31 18.82 22.49
CA CYS B 164 12.93 18.61 22.12
C CYS B 164 12.32 17.86 23.27
N LEU B 165 11.09 18.19 23.62
CA LEU B 165 10.44 17.56 24.76
C LEU B 165 9.87 16.18 24.42
N ARG B 166 10.43 15.12 25.00
CA ARG B 166 9.85 13.79 24.87
C ARG B 166 8.61 13.72 25.76
N THR B 167 7.45 13.45 25.17
CA THR B 167 6.19 13.49 25.95
C THR B 167 5.56 12.11 26.24
N ASP B 168 6.12 11.04 25.68
CA ASP B 168 5.52 9.70 25.75
C ASP B 168 5.19 9.28 27.19
N ASP B 169 6.10 9.56 28.13
CA ASP B 169 5.98 9.14 29.52
C ASP B 169 4.81 9.82 30.24
N LEU B 170 4.66 11.12 29.99
CA LEU B 170 3.58 11.89 30.56
C LEU B 170 2.24 11.42 30.02
N VAL B 171 2.18 11.27 28.69
CA VAL B 171 0.95 10.86 28.03
C VAL B 171 0.54 9.42 28.32
N PHE B 172 1.50 8.49 28.41
CA PHE B 172 1.14 7.06 28.51
C PHE B 172 1.49 6.36 29.82
N HIS B 173 2.32 6.99 30.65
CA HIS B 173 2.90 6.24 31.76
C HIS B 173 2.80 6.87 33.14
N LEU B 174 1.77 7.68 33.36
CA LEU B 174 1.55 8.22 34.71
C LEU B 174 1.10 7.10 35.63
N GLN B 175 0.79 5.96 35.04
CA GLN B 175 0.47 4.76 35.79
C GLN B 175 1.71 4.31 36.57
N LYS B 176 2.88 4.67 36.06
CA LYS B 176 4.14 4.27 36.69
C LYS B 176 4.52 5.21 37.83
N PRO B 177 4.77 4.66 39.02
CA PRO B 177 5.18 5.46 40.18
C PRO B 177 6.43 6.29 39.85
N GLU B 178 7.35 5.71 39.08
CA GLU B 178 8.61 6.38 38.76
C GLU B 178 8.40 7.64 37.92
N VAL B 179 7.43 7.57 37.02
CA VAL B 179 7.09 8.73 36.21
C VAL B 179 6.47 9.82 37.07
N ARG B 180 5.47 9.45 37.87
CA ARG B 180 4.85 10.42 38.78
C ARG B 180 5.89 11.05 39.69
N GLN B 181 6.82 10.25 40.20
CA GLN B 181 7.79 10.79 41.14
C GLN B 181 8.75 11.76 40.42
N ARG B 182 9.17 11.40 39.22
CA ARG B 182 10.03 12.28 38.43
C ARG B 182 9.34 13.59 38.08
N LEU B 183 8.04 13.53 37.86
CA LEU B 183 7.28 14.74 37.53
C LEU B 183 7.21 15.62 38.77
N ALA B 184 6.96 15.02 39.91
CA ALA B 184 6.82 15.76 41.15
C ALA B 184 8.14 16.43 41.49
N LYS B 185 9.24 15.70 41.33
CA LYS B 185 10.57 16.24 41.62
C LYS B 185 10.89 17.38 40.65
N ALA B 186 10.58 17.17 39.38
CA ALA B 186 10.86 18.17 38.35
C ALA B 186 10.07 19.47 38.54
N THR B 187 8.80 19.38 38.87
CA THR B 187 7.95 20.57 38.89
C THR B 187 7.59 21.06 40.28
N GLY B 188 7.65 20.17 41.25
CA GLY B 188 7.34 20.51 42.63
C GLY B 188 5.85 20.46 42.91
N PHE B 189 5.11 19.68 42.13
CA PHE B 189 3.67 19.63 42.27
C PHE B 189 3.08 18.27 42.62
N ASP B 190 1.99 18.31 43.38
CA ASP B 190 1.07 17.19 43.56
C ASP B 190 0.06 17.22 42.40
N CYS B 191 0.41 16.55 41.31
CA CYS B 191 -0.41 16.57 40.10
C CYS B 191 -1.60 15.62 40.18
N ALA B 192 -2.12 15.40 41.38
CA ALA B 192 -3.26 14.53 41.57
C ALA B 192 -4.55 15.10 40.97
N THR B 193 -4.53 16.39 40.65
CA THR B 193 -5.72 17.06 40.11
C THR B 193 -5.41 17.68 38.76
N PRO B 194 -6.38 17.65 37.82
CA PRO B 194 -6.17 18.12 36.44
C PRO B 194 -5.54 19.52 36.34
N ALA B 195 -6.02 20.45 37.16
CA ALA B 195 -5.53 21.82 37.14
C ALA B 195 -4.05 21.89 37.52
N LYS B 196 -3.66 21.10 38.52
CA LYS B 196 -2.27 21.05 38.94
C LYS B 196 -1.38 20.41 37.88
N LEU B 197 -1.91 19.36 37.26
CA LEU B 197 -1.17 18.63 36.24
C LEU B 197 -0.91 19.54 35.03
N ILE B 198 -1.92 20.32 34.65
CA ILE B 198 -1.79 21.23 33.53
C ILE B 198 -0.73 22.28 33.84
N HIS B 199 -0.81 22.81 35.06
CA HIS B 199 0.17 23.76 35.53
C HIS B 199 1.59 23.15 35.51
N ALA B 200 1.70 21.90 35.95
CA ALA B 200 2.99 21.21 35.95
C ALA B 200 3.54 21.01 34.55
N ILE B 201 2.68 20.56 33.63
CA ILE B 201 3.09 20.40 32.25
C ILE B 201 3.49 21.78 31.70
N GLY B 202 2.75 22.81 32.11
CA GLY B 202 3.04 24.17 31.71
C GLY B 202 4.45 24.60 32.10
N GLN B 203 4.86 24.27 33.32
CA GLN B 203 6.22 24.54 33.76
C GLN B 203 7.28 23.80 32.93
N LEU B 204 7.00 22.58 32.53
CA LEU B 204 7.92 21.87 31.66
C LEU B 204 8.13 22.62 30.35
N PHE B 205 7.03 23.08 29.75
CA PHE B 205 7.11 23.85 28.50
C PHE B 205 7.93 25.10 28.68
N THR B 206 7.59 25.88 29.70
CA THR B 206 8.30 27.11 30.01
C THR B 206 9.78 26.79 30.18
N HIS B 207 10.08 25.69 30.86
CA HIS B 207 11.47 25.27 31.03
C HIS B 207 12.16 24.89 29.72
N PHE B 208 11.50 24.11 28.87
CA PHE B 208 12.10 23.72 27.59
C PHE B 208 12.27 24.89 26.62
N VAL B 209 11.27 25.77 26.57
CA VAL B 209 11.29 26.89 25.66
C VAL B 209 12.42 27.84 26.00
N SER B 210 12.63 28.11 27.28
CA SER B 210 13.65 29.07 27.67
C SER B 210 15.06 28.48 27.44
N HIS B 211 15.13 27.16 27.23
CA HIS B 211 16.41 26.54 26.91
C HIS B 211 16.57 26.18 25.42
N GLY B 212 15.75 26.79 24.58
CA GLY B 212 15.89 26.66 23.15
C GLY B 212 15.28 25.41 22.54
N ALA B 213 14.30 24.82 23.20
CA ALA B 213 13.60 23.66 22.65
C ALA B 213 12.84 24.05 21.38
N LYS B 214 12.82 23.16 20.40
CA LYS B 214 12.21 23.50 19.12
C LYS B 214 10.98 22.63 18.78
N ALA B 215 10.75 21.60 19.59
CA ALA B 215 9.65 20.68 19.34
C ALA B 215 9.28 19.84 20.54
N CYS B 216 8.08 19.29 20.48
CA CYS B 216 7.68 18.16 21.31
C CYS B 216 7.67 16.97 20.39
N ALA B 217 7.83 15.79 20.95
CA ALA B 217 7.76 14.59 20.12
C ALA B 217 7.09 13.51 20.92
N ILE B 218 6.50 12.57 20.20
CA ILE B 218 5.83 11.44 20.82
C ILE B 218 5.65 10.35 19.77
N SER B 219 5.71 9.10 20.23
CA SER B 219 5.37 7.97 19.39
C SER B 219 4.01 7.49 19.85
N LEU B 220 3.13 7.15 18.91
CA LEU B 220 1.78 6.77 19.28
C LEU B 220 1.39 5.40 18.72
N PRO B 221 0.55 4.68 19.46
CA PRO B 221 0.09 3.36 19.01
C PRO B 221 -1.05 3.48 18.00
N PRO B 222 -1.26 2.42 17.18
CA PRO B 222 -2.24 2.56 16.11
C PRO B 222 -3.66 2.81 16.61
N ASP B 223 -3.97 2.42 17.84
CA ASP B 223 -5.32 2.59 18.37
C ASP B 223 -5.60 3.99 18.93
N PHE B 224 -4.56 4.78 19.10
CA PHE B 224 -4.74 6.09 19.70
C PHE B 224 -5.62 6.96 18.81
N GLU B 225 -6.62 7.61 19.41
CA GLU B 225 -7.50 8.53 18.70
C GLU B 225 -7.77 9.77 19.56
N PRO B 226 -7.03 10.84 19.31
CA PRO B 226 -7.10 12.01 20.19
C PRO B 226 -8.47 12.69 20.13
N THR B 227 -8.98 13.08 21.29
CA THR B 227 -10.16 13.90 21.39
C THR B 227 -9.96 14.82 22.57
N PRO B 228 -10.73 15.91 22.66
CA PRO B 228 -10.61 16.72 23.86
C PRO B 228 -11.13 15.96 25.09
N VAL B 229 -10.67 16.30 26.29
CA VAL B 229 -11.17 15.67 27.50
C VAL B 229 -11.31 16.74 28.58
N SER B 230 -12.49 16.82 29.18
CA SER B 230 -12.73 17.81 30.22
C SER B 230 -11.96 17.48 31.49
N HIS B 231 -11.74 18.48 32.32
CA HIS B 231 -11.04 18.24 33.57
C HIS B 231 -11.85 17.26 34.38
N VAL B 232 -13.16 17.44 34.39
CA VAL B 232 -14.02 16.54 35.15
C VAL B 232 -13.80 15.08 34.74
N ASP B 233 -13.78 14.82 33.43
CA ASP B 233 -13.61 13.45 32.93
C ASP B 233 -12.25 12.90 33.28
N ALA B 234 -11.28 13.78 33.46
CA ALA B 234 -9.92 13.36 33.72
C ALA B 234 -9.62 13.17 35.20
N GLU B 235 -10.39 13.82 36.08
CA GLU B 235 -10.02 13.87 37.48
C GLU B 235 -9.98 12.49 38.13
N GLY B 236 -10.91 11.63 37.74
CA GLY B 236 -11.01 10.28 38.29
C GLY B 236 -9.80 9.42 38.00
N PRO B 237 -9.48 9.24 36.71
CA PRO B 237 -8.31 8.45 36.34
C PRO B 237 -7.03 9.02 36.94
N LEU B 238 -6.94 10.35 36.98
CA LEU B 238 -5.71 10.97 37.46
C LEU B 238 -5.53 10.70 38.94
N ARG B 239 -6.62 10.93 39.68
CA ARG B 239 -6.67 10.62 41.10
C ARG B 239 -6.32 9.17 41.34
N ALA B 240 -6.88 8.29 40.52
CA ALA B 240 -6.62 6.87 40.64
C ALA B 240 -5.14 6.53 40.41
N ALA B 241 -4.50 7.20 39.46
CA ALA B 241 -3.10 6.93 39.19
C ALA B 241 -2.25 7.35 40.37
N TYR B 242 -2.54 8.53 40.90
CA TYR B 242 -1.81 9.03 42.05
C TYR B 242 -2.16 8.35 43.36
N ALA B 243 -3.26 7.61 43.39
CA ALA B 243 -3.62 6.88 44.60
C ALA B 243 -2.86 5.56 44.63
N GLY B 244 -2.24 5.25 43.50
CA GLY B 244 -1.47 4.01 43.36
C GLY B 244 -2.32 2.88 42.84
N HIS B 245 -3.54 3.20 42.41
CA HIS B 245 -4.45 2.19 41.86
C HIS B 245 -4.00 1.75 40.47
N VAL B 246 -4.53 0.63 40.03
CA VAL B 246 -4.27 0.12 38.69
C VAL B 246 -5.39 0.60 37.78
N LEU B 247 -5.05 1.44 36.82
CA LEU B 247 -6.03 2.00 35.90
C LEU B 247 -6.64 0.94 34.98
N THR B 248 -7.96 0.89 34.94
CA THR B 248 -8.67 0.12 33.91
C THR B 248 -8.29 0.68 32.56
N THR B 249 -8.63 -0.06 31.51
CA THR B 249 -8.31 0.37 30.15
C THR B 249 -8.94 1.74 29.84
N GLU B 250 -10.17 1.94 30.28
CA GLU B 250 -10.88 3.20 30.05
C GLU B 250 -10.23 4.37 30.77
N GLN B 251 -10.01 4.24 32.08
CA GLN B 251 -9.31 5.28 32.83
C GLN B 251 -8.02 5.65 32.11
N SER B 252 -7.28 4.61 31.72
CA SER B 252 -5.99 4.81 31.07
C SER B 252 -6.14 5.58 29.76
N GLN B 253 -7.09 5.19 28.92
CA GLN B 253 -7.28 5.86 27.64
C GLN B 253 -7.74 7.30 27.77
N ILE B 254 -8.62 7.55 28.74
CA ILE B 254 -9.07 8.91 29.02
C ILE B 254 -7.89 9.77 29.45
N LEU B 255 -7.12 9.27 30.41
CA LEU B 255 -6.01 10.01 30.96
C LEU B 255 -5.00 10.35 29.87
N SER B 256 -4.67 9.38 29.03
CA SER B 256 -3.75 9.60 27.92
C SER B 256 -4.30 10.68 26.97
N ARG B 257 -5.56 10.56 26.56
CA ARG B 257 -6.15 11.57 25.71
C ARG B 257 -6.08 12.95 26.36
N PHE B 258 -6.28 12.98 27.67
CA PHE B 258 -6.29 14.26 28.38
C PHE B 258 -4.91 14.90 28.37
N VAL B 259 -3.88 14.11 28.69
CA VAL B 259 -2.54 14.65 28.76
C VAL B 259 -2.08 15.05 27.36
N PHE B 260 -2.40 14.22 26.37
CA PHE B 260 -2.04 14.50 24.98
C PHE B 260 -2.65 15.79 24.47
N TRP B 261 -3.95 15.94 24.69
CA TRP B 261 -4.64 17.16 24.30
C TRP B 261 -4.04 18.39 25.02
N THR B 262 -3.79 18.24 26.32
CA THR B 262 -3.15 19.30 27.11
C THR B 262 -1.82 19.74 26.50
N ILE B 263 -1.01 18.77 26.11
CA ILE B 263 0.29 19.06 25.50
C ILE B 263 0.14 19.84 24.18
N ALA B 264 -0.81 19.42 23.35
CA ALA B 264 -1.14 20.14 22.14
C ALA B 264 -1.47 21.60 22.43
N GLU B 265 -2.29 21.80 23.47
CA GLU B 265 -2.67 23.13 23.88
C GLU B 265 -1.45 23.99 24.21
N PHE B 266 -0.49 23.42 24.93
CA PHE B 266 0.74 24.15 25.20
C PHE B 266 1.58 24.40 23.94
N CYS B 267 1.56 23.43 23.01
CA CYS B 267 2.26 23.61 21.74
C CYS B 267 1.65 24.79 21.03
N SER B 268 0.32 24.87 21.09
CA SER B 268 -0.40 25.96 20.50
C SER B 268 0.04 27.28 21.14
N GLU B 269 0.06 27.31 22.47
CA GLU B 269 0.44 28.52 23.20
C GLU B 269 1.87 28.99 22.90
N HIS B 270 2.79 28.04 22.73
CA HIS B 270 4.19 28.39 22.57
C HIS B 270 4.65 28.34 21.12
N HIS B 271 3.71 28.10 20.21
CA HIS B 271 4.02 27.92 18.80
C HIS B 271 5.11 26.86 18.59
N LEU B 272 4.98 25.74 19.30
CA LEU B 272 5.91 24.64 19.14
C LEU B 272 5.31 23.54 18.29
N PRO B 273 6.04 23.08 17.27
CA PRO B 273 5.57 21.91 16.54
C PRO B 273 5.58 20.65 17.40
N PHE B 274 4.67 19.75 17.08
CA PHE B 274 4.49 18.53 17.85
C PHE B 274 4.70 17.37 16.90
N ASP B 275 5.90 16.78 16.92
CA ASP B 275 6.24 15.63 16.06
C ASP B 275 5.44 14.41 16.50
N LEU B 276 4.65 13.86 15.60
CA LEU B 276 3.89 12.65 15.90
C LEU B 276 4.50 11.51 15.08
N MSE B 277 4.99 10.49 15.76
CA MSE B 277 5.40 9.24 15.13
C MSE B 277 4.30 8.20 15.34
O MSE B 277 4.13 7.64 16.43
CB MSE B 277 6.73 8.73 15.70
CG MSE B 277 7.97 9.49 15.20
SE MSE B 277 8.16 11.29 15.96
CE MSE B 277 9.76 11.83 14.97
N ILE B 278 3.52 7.97 14.29
CA ILE B 278 2.28 7.23 14.44
C ILE B 278 2.37 5.80 13.95
N GLY B 279 2.00 4.87 14.82
CA GLY B 279 1.77 3.50 14.42
C GLY B 279 2.53 2.38 15.11
N VAL B 280 3.18 2.64 16.24
CA VAL B 280 4.01 1.62 16.87
C VAL B 280 3.28 0.82 17.96
N ASN B 281 3.45 -0.50 17.95
CA ASN B 281 3.00 -1.34 19.06
C ASN B 281 4.25 -1.83 19.77
N ARG B 282 4.31 -1.61 21.08
CA ARG B 282 5.45 -2.03 21.88
C ARG B 282 5.40 -3.52 22.22
N ARG B 283 6.54 -4.17 22.21
CA ARG B 283 6.67 -5.53 22.73
C ARG B 283 5.77 -6.54 22.04
N VAL B 284 5.62 -6.38 20.72
CA VAL B 284 4.96 -7.40 19.93
C VAL B 284 5.76 -8.70 19.99
N TYR B 285 7.08 -8.59 19.88
CA TYR B 285 7.93 -9.78 20.04
C TYR B 285 8.48 -9.78 21.45
N GLU B 286 8.00 -10.73 22.26
CA GLU B 286 8.22 -10.70 23.71
C GLU B 286 9.58 -11.22 24.17
N SER B 287 10.32 -11.85 23.28
CA SER B 287 11.61 -12.42 23.65
C SER B 287 12.74 -11.89 22.80
N GLY B 288 12.56 -10.69 22.25
CA GLY B 288 13.57 -10.13 21.38
C GLY B 288 14.72 -9.50 22.14
N VAL B 289 15.68 -8.97 21.40
CA VAL B 289 16.80 -8.29 22.03
C VAL B 289 16.30 -6.95 22.54
N TYR B 290 17.09 -6.36 23.45
CA TYR B 290 16.84 -5.02 23.95
C TYR B 290 16.57 -4.04 22.80
N GLN B 291 15.45 -3.31 22.88
CA GLN B 291 15.05 -2.37 21.82
C GLN B 291 14.73 -3.05 20.49
N GLY B 292 14.52 -4.36 20.50
CA GLY B 292 14.20 -5.07 19.27
C GLY B 292 12.90 -5.85 19.36
N GLN B 293 11.91 -5.31 20.07
CA GLN B 293 10.69 -6.05 20.34
C GLN B 293 9.45 -5.41 19.74
N ASP B 294 9.57 -4.17 19.29
CA ASP B 294 8.40 -3.40 18.85
C ASP B 294 8.12 -3.59 17.37
N LEU B 295 6.84 -3.70 17.05
CA LEU B 295 6.41 -3.81 15.67
C LEU B 295 5.21 -2.91 15.49
N PHE B 296 4.30 -3.29 14.60
CA PHE B 296 3.13 -2.46 14.35
C PHE B 296 1.96 -3.24 13.78
N ASP B 297 0.81 -2.60 13.82
CA ASP B 297 -0.41 -3.07 13.19
C ASP B 297 -0.72 -1.97 12.16
N GLN B 298 -0.71 -2.33 10.88
CA GLN B 298 -0.90 -1.40 9.75
C GLN B 298 -2.31 -0.82 9.63
N ARG B 299 -3.26 -1.39 10.34
CA ARG B 299 -4.66 -0.99 10.20
C ARG B 299 -4.94 0.33 10.94
N VAL B 300 -4.39 1.41 10.40
CA VAL B 300 -4.54 2.73 11.01
C VAL B 300 -4.91 3.75 9.94
N SER B 301 -5.43 4.90 10.36
CA SER B 301 -5.69 6.02 9.43
C SER B 301 -5.47 7.37 10.11
N LEU B 302 -4.95 8.33 9.35
CA LEU B 302 -4.78 9.68 9.86
C LEU B 302 -6.16 10.27 10.16
N TYR B 303 -7.18 9.65 9.60
CA TYR B 303 -8.55 10.04 9.87
C TYR B 303 -8.85 10.03 11.37
N GLN B 304 -8.16 9.17 12.12
CA GLN B 304 -8.41 9.15 13.56
C GLN B 304 -7.80 10.34 14.29
N TYR B 305 -6.98 11.11 13.58
CA TYR B 305 -6.35 12.32 14.11
C TYR B 305 -7.10 13.59 13.70
N ARG B 306 -8.22 13.44 13.01
CA ARG B 306 -8.92 14.60 12.45
C ARG B 306 -9.26 15.68 13.48
N ARG B 307 -9.72 15.26 14.66
CA ARG B 307 -10.09 16.22 15.70
C ARG B 307 -8.88 17.04 16.10
N LEU B 308 -7.72 16.39 16.16
CA LEU B 308 -6.51 17.06 16.57
C LEU B 308 -6.13 18.14 15.56
N PHE B 309 -6.10 17.75 14.30
CA PHE B 309 -5.63 18.64 13.24
C PHE B 309 -6.57 19.83 13.12
N ASN B 310 -7.87 19.57 13.25
CA ASN B 310 -8.87 20.62 13.22
C ASN B 310 -8.81 21.57 14.41
N ALA B 311 -8.53 21.06 15.60
CA ALA B 311 -8.66 21.87 16.80
C ALA B 311 -7.44 22.73 17.05
N PHE B 312 -6.31 22.45 16.38
CA PHE B 312 -5.07 23.18 16.65
C PHE B 312 -4.43 23.73 15.37
N PRO B 313 -5.09 24.70 14.72
CA PRO B 313 -4.52 25.22 13.46
C PRO B 313 -3.17 25.91 13.66
N ARG B 314 -2.85 26.30 14.89
CA ARG B 314 -1.64 27.05 15.13
C ARG B 314 -0.49 26.14 15.57
N VAL B 315 -0.73 24.83 15.58
CA VAL B 315 0.32 23.87 15.85
C VAL B 315 0.69 23.13 14.58
N LYS B 316 1.98 23.15 14.24
CA LYS B 316 2.47 22.31 13.15
C LYS B 316 2.67 20.89 13.66
N PHE B 317 2.15 19.91 12.94
CA PHE B 317 2.33 18.53 13.31
C PHE B 317 3.16 17.82 12.27
N PRO B 318 4.50 17.78 12.46
CA PRO B 318 5.32 16.95 11.58
C PRO B 318 5.02 15.49 11.87
N ILE B 319 4.60 14.76 10.83
CA ILE B 319 4.16 13.40 11.00
C ILE B 319 5.06 12.39 10.28
N SER B 320 5.43 11.35 11.02
CA SER B 320 6.06 10.18 10.43
C SER B 320 5.05 9.05 10.57
N VAL B 321 4.90 8.28 9.49
CA VAL B 321 4.06 7.10 9.54
C VAL B 321 4.95 5.87 9.54
N LEU B 322 4.55 4.82 10.26
CA LEU B 322 5.40 3.64 10.37
C LEU B 322 5.23 2.69 9.19
N ALA B 323 3.97 2.46 8.80
CA ALA B 323 3.65 1.57 7.69
C ALA B 323 3.73 2.30 6.35
N HIS B 324 4.34 1.64 5.36
CA HIS B 324 4.50 2.20 4.03
C HIS B 324 3.16 2.55 3.37
N ALA B 325 2.15 1.70 3.58
CA ALA B 325 0.81 1.94 3.05
C ALA B 325 0.21 3.28 3.49
N SER B 326 0.58 3.71 4.69
CA SER B 326 0.03 4.93 5.25
C SER B 326 0.67 6.18 4.64
N ASN B 327 1.72 6.02 3.83
CA ASN B 327 2.40 7.22 3.33
C ASN B 327 1.48 8.05 2.45
N MSE B 328 0.74 7.37 1.59
CA MSE B 328 -0.15 8.03 0.65
C MSE B 328 -1.24 8.82 1.38
O MSE B 328 -1.64 9.89 0.95
CB MSE B 328 -0.75 7.01 -0.31
CG MSE B 328 -1.55 7.63 -1.43
SE MSE B 328 -3.40 7.66 -0.90
CE MSE B 328 -4.11 8.74 -2.37
N GLU B 329 -1.71 8.28 2.49
CA GLU B 329 -2.65 9.02 3.32
C GLU B 329 -1.97 10.26 3.93
N LEU B 330 -0.71 10.14 4.31
CA LEU B 330 0.03 11.27 4.85
C LEU B 330 0.21 12.38 3.81
N VAL B 331 0.49 11.99 2.57
CA VAL B 331 0.63 12.93 1.47
C VAL B 331 -0.66 13.71 1.29
N SER B 332 -1.78 13.00 1.35
CA SER B 332 -3.07 13.63 1.17
C SER B 332 -3.38 14.59 2.31
N TYR B 333 -3.11 14.18 3.53
CA TYR B 333 -3.39 15.04 4.68
C TYR B 333 -2.46 16.27 4.73
N ALA B 334 -1.18 16.07 4.41
CA ALA B 334 -0.22 17.18 4.33
C ALA B 334 -0.65 18.11 3.23
N TRP B 335 -1.27 17.53 2.22
CA TRP B 335 -1.68 18.26 1.04
C TRP B 335 -2.85 19.21 1.36
N ILE B 336 -3.71 18.80 2.27
CA ILE B 336 -4.93 19.57 2.61
C ILE B 336 -4.82 20.39 3.92
N PHE B 337 -4.39 19.75 4.99
CA PHE B 337 -4.28 20.43 6.27
C PHE B 337 -3.04 21.31 6.29
N PRO B 338 -3.21 22.62 6.54
CA PRO B 338 -2.07 23.54 6.58
C PRO B 338 -1.08 23.11 7.65
N ASN B 339 -1.58 22.50 8.72
CA ASN B 339 -0.77 22.18 9.87
C ASN B 339 -0.25 20.73 9.89
N VAL B 340 -0.50 20.00 8.82
CA VAL B 340 0.08 18.66 8.69
C VAL B 340 1.31 18.70 7.79
N ILE B 341 2.42 18.19 8.31
CA ILE B 341 3.70 18.24 7.64
C ILE B 341 4.28 16.84 7.57
N ALA B 342 4.81 16.47 6.40
CA ALA B 342 5.39 15.14 6.23
C ALA B 342 6.79 15.14 6.81
N ASN B 343 7.07 14.21 7.72
CA ASN B 343 8.36 14.21 8.41
C ASN B 343 9.16 12.92 8.23
N GLY B 344 10.12 12.95 7.32
CA GLY B 344 11.07 11.86 7.16
C GLY B 344 10.52 10.46 6.91
N HIS B 345 11.36 9.48 7.19
CA HIS B 345 11.07 8.09 6.91
C HIS B 345 11.51 7.27 8.11
N TRP B 346 10.53 6.67 8.76
CA TRP B 346 10.70 6.22 10.12
C TRP B 346 10.86 4.71 10.22
N TRP B 347 11.93 4.28 10.89
CA TRP B 347 12.02 2.89 11.36
C TRP B 347 11.90 1.85 10.24
N TYR B 348 10.84 1.03 10.26
CA TYR B 348 10.74 -0.05 9.27
C TYR B 348 10.53 0.48 7.85
N SER B 349 10.05 1.71 7.73
CA SER B 349 9.89 2.35 6.42
C SER B 349 11.18 2.97 5.96
N ASN B 350 12.17 2.97 6.84
CA ASN B 350 13.46 3.61 6.56
C ASN B 350 14.40 2.72 5.76
N ILE B 351 13.97 2.31 4.58
CA ILE B 351 14.81 1.55 3.67
C ILE B 351 14.50 2.04 2.25
N PRO B 352 15.50 1.97 1.34
CA PRO B 352 15.38 2.55 -0.01
C PRO B 352 14.11 2.12 -0.76
N ALA B 353 13.71 0.86 -0.65
CA ALA B 353 12.57 0.36 -1.39
C ALA B 353 11.30 1.10 -1.01
N PHE B 354 11.25 1.65 0.20
CA PHE B 354 10.06 2.40 0.65
C PHE B 354 10.27 3.90 0.61
N ILE B 355 11.49 4.32 0.90
CA ILE B 355 11.80 5.74 0.88
C ILE B 355 11.54 6.31 -0.52
N GLU B 356 11.93 5.57 -1.55
CA GLU B 356 11.84 6.14 -2.89
C GLU B 356 10.40 6.53 -3.29
N PRO B 357 9.46 5.59 -3.23
CA PRO B 357 8.10 6.00 -3.61
C PRO B 357 7.52 7.03 -2.62
N ASP B 358 7.85 6.90 -1.34
CA ASP B 358 7.32 7.84 -0.35
C ASP B 358 7.91 9.24 -0.63
N CYS B 359 9.22 9.31 -0.80
CA CYS B 359 9.88 10.56 -1.14
C CYS B 359 9.31 11.10 -2.47
N ARG B 360 9.19 10.23 -3.46
CA ARG B 360 8.74 10.66 -4.78
C ARG B 360 7.37 11.31 -4.73
N SER B 361 6.43 10.71 -4.00
CA SER B 361 5.07 11.23 -3.98
C SER B 361 4.96 12.52 -3.16
N ARG B 362 5.72 12.62 -2.09
CA ARG B 362 5.74 13.83 -1.29
C ARG B 362 6.22 15.03 -2.10
N LEU B 363 7.26 14.83 -2.91
CA LEU B 363 7.82 15.94 -3.67
C LEU B 363 6.84 16.45 -4.72
N GLU B 364 6.05 15.56 -5.32
CA GLU B 364 5.22 16.02 -6.41
C GLU B 364 3.83 16.49 -6.00
N ALA B 365 3.43 16.26 -4.76
CA ALA B 365 2.07 16.61 -4.35
C ALA B 365 1.96 17.52 -3.13
N ILE B 366 2.90 17.43 -2.21
CA ILE B 366 2.92 18.28 -1.02
C ILE B 366 3.63 19.60 -1.35
N PRO B 367 3.09 20.72 -0.88
CA PRO B 367 3.83 21.99 -1.03
C PRO B 367 5.29 21.86 -0.58
N ARG B 368 6.23 22.44 -1.31
CA ARG B 368 7.65 22.26 -0.99
C ARG B 368 8.03 22.77 0.40
N ASN B 369 7.21 23.62 1.01
CA ASN B 369 7.53 24.10 2.36
C ASN B 369 6.97 23.25 3.51
N LYS B 370 6.42 22.08 3.20
CA LYS B 370 5.79 21.24 4.23
C LYS B 370 6.34 19.83 4.20
N ASN B 371 7.61 19.72 3.89
CA ASN B 371 8.22 18.45 3.66
C ASN B 371 9.57 18.44 4.33
N ILE B 372 9.68 17.70 5.42
CA ILE B 372 10.98 17.46 6.03
C ILE B 372 11.54 16.14 5.51
N GLY B 373 12.66 16.24 4.81
CA GLY B 373 13.19 15.10 4.09
C GLY B 373 13.60 13.97 5.00
N TYR B 374 14.39 14.27 6.01
CA TYR B 374 15.02 13.17 6.75
C TYR B 374 15.51 13.55 8.13
N TYR B 375 15.47 12.57 9.04
CA TYR B 375 16.18 12.65 10.31
C TYR B 375 16.83 11.30 10.55
N SER B 376 17.85 11.26 11.39
CA SER B 376 18.65 10.06 11.58
C SER B 376 18.06 9.09 12.60
N ASP B 377 17.32 9.61 13.57
CA ASP B 377 16.89 8.80 14.71
C ASP B 377 18.08 8.17 15.43
N MSE B 378 19.27 8.74 15.24
CA MSE B 378 20.48 8.05 15.68
C MSE B 378 20.62 8.05 17.20
O MSE B 378 20.11 8.94 17.89
CB MSE B 378 21.69 8.70 15.06
CG MSE B 378 21.84 10.16 15.44
SE MSE B 378 23.36 10.97 14.52
CE MSE B 378 22.87 12.84 14.62
N TYR B 379 21.32 7.06 17.71
CA TYR B 379 21.61 7.01 19.13
C TYR B 379 23.06 7.47 19.38
N LYS B 380 23.90 7.27 18.37
CA LYS B 380 25.31 7.67 18.43
C LYS B 380 25.62 8.41 17.13
N LEU B 381 26.56 9.35 17.18
CA LEU B 381 26.79 10.22 16.03
C LEU B 381 27.17 9.51 14.73
N GLU B 382 27.86 8.38 14.85
CA GLU B 382 28.40 7.69 13.68
C GLU B 382 27.31 7.14 12.74
N PHE B 383 26.07 7.03 13.23
CA PHE B 383 24.96 6.51 12.44
C PHE B 383 24.31 7.57 11.54
N GLY B 384 24.59 8.84 11.83
CA GLY B 384 24.00 9.95 11.10
C GLY B 384 24.36 9.91 9.63
N TRP B 385 25.66 9.89 9.35
CA TRP B 385 26.09 9.98 7.96
C TRP B 385 25.57 8.86 7.03
N PRO B 386 25.70 7.59 7.44
CA PRO B 386 25.31 6.53 6.50
C PRO B 386 23.82 6.52 6.20
N LYS B 387 23.00 6.93 7.16
CA LYS B 387 21.58 6.94 6.91
C LYS B 387 21.24 8.15 6.05
N PHE B 388 21.86 9.29 6.32
CA PHE B 388 21.62 10.48 5.51
C PHE B 388 22.11 10.28 4.10
N GLN B 389 23.22 9.55 3.98
CA GLN B 389 23.78 9.26 2.67
C GLN B 389 22.85 8.33 1.89
N MSE B 390 22.27 7.35 2.58
CA MSE B 390 21.28 6.48 1.97
C MSE B 390 20.16 7.35 1.44
O MSE B 390 19.72 7.20 0.29
CB MSE B 390 20.71 5.49 2.99
CG MSE B 390 19.48 4.76 2.49
SE MSE B 390 18.69 3.58 3.85
CE MSE B 390 17.90 4.90 5.01
N TYR B 391 19.69 8.27 2.25
CA TYR B 391 18.59 9.13 1.85
C TYR B 391 18.97 10.07 0.70
N ARG B 392 20.11 10.74 0.81
CA ARG B 392 20.54 11.64 -0.26
C ARG B 392 20.57 10.92 -1.61
N ARG B 393 20.93 9.63 -1.59
CA ARG B 393 20.99 8.85 -2.82
C ARG B 393 19.60 8.64 -3.39
N VAL B 394 18.63 8.35 -2.54
CA VAL B 394 17.25 8.22 -3.01
C VAL B 394 16.77 9.58 -3.53
N LEU B 395 16.98 10.62 -2.73
CA LEU B 395 16.51 11.95 -3.10
C LEU B 395 17.11 12.40 -4.43
N ALA B 396 18.41 12.13 -4.63
CA ALA B 396 19.07 12.52 -5.87
C ALA B 396 18.38 11.88 -7.07
N LYS B 397 18.11 10.58 -6.96
CA LYS B 397 17.37 9.87 -7.99
C LYS B 397 16.02 10.54 -8.31
N VAL B 398 15.20 10.71 -7.29
CA VAL B 398 13.90 11.32 -7.44
C VAL B 398 14.01 12.72 -8.08
N LEU B 399 14.89 13.54 -7.53
CA LEU B 399 15.09 14.89 -8.08
C LEU B 399 15.50 14.87 -9.54
N PHE B 400 16.41 13.98 -9.93
CA PHE B 400 16.86 13.95 -11.31
C PHE B 400 15.79 13.44 -12.26
N GLU B 401 15.15 12.33 -11.91
CA GLU B 401 14.12 11.72 -12.76
C GLU B 401 12.88 12.59 -12.92
N ASP B 402 12.35 13.09 -11.81
CA ASP B 402 11.09 13.83 -11.88
C ASP B 402 11.24 15.33 -12.07
N PHE B 403 12.36 15.91 -11.67
CA PHE B 403 12.50 17.34 -11.80
C PHE B 403 13.44 17.77 -12.91
N VAL B 404 14.68 17.33 -12.86
CA VAL B 404 15.60 17.59 -13.94
C VAL B 404 15.04 17.05 -15.25
N VAL B 405 14.76 15.75 -15.33
CA VAL B 405 14.25 15.21 -16.59
C VAL B 405 12.77 15.46 -16.78
N GLY B 406 11.98 15.18 -15.75
CA GLY B 406 10.52 15.24 -15.85
C GLY B 406 9.96 16.63 -16.08
N ARG B 407 10.49 17.62 -15.37
CA ARG B 407 10.01 18.98 -15.51
C ARG B 407 11.01 19.89 -16.22
N HIS B 408 12.10 19.31 -16.71
CA HIS B 408 13.15 20.09 -17.37
C HIS B 408 13.73 21.17 -16.48
N TRP B 409 13.90 20.89 -15.18
CA TRP B 409 14.57 21.83 -14.29
C TRP B 409 16.08 21.77 -14.50
N SER B 410 16.77 22.89 -14.31
CA SER B 410 18.22 22.85 -14.24
C SER B 410 18.59 22.05 -13.00
N GLU B 411 19.79 21.47 -13.02
CA GLU B 411 20.30 20.73 -11.88
C GLU B 411 20.33 21.63 -10.64
N GLU B 412 20.74 22.89 -10.82
CA GLU B 412 20.76 23.87 -9.74
C GLU B 412 19.37 24.06 -9.08
N ARG B 413 18.33 24.11 -9.90
CA ARG B 413 16.98 24.32 -9.37
C ARG B 413 16.52 23.07 -8.62
N ALA B 414 16.88 21.90 -9.14
CA ALA B 414 16.54 20.64 -8.49
C ALA B 414 17.27 20.55 -7.15
N VAL B 415 18.56 20.87 -7.15
CA VAL B 415 19.35 20.88 -5.91
C VAL B 415 18.78 21.85 -4.87
N GLU B 416 18.34 23.02 -5.32
CA GLU B 416 17.70 23.96 -4.41
C GLU B 416 16.47 23.34 -3.73
N LEU B 417 15.71 22.54 -4.46
CA LEU B 417 14.55 21.88 -3.87
C LEU B 417 15.07 20.87 -2.85
N GLY B 418 16.09 20.12 -3.25
CA GLY B 418 16.78 19.22 -2.33
C GLY B 418 17.22 19.92 -1.06
N ARG B 419 17.83 21.10 -1.19
CA ARG B 419 18.28 21.86 -0.03
C ARG B 419 17.13 22.27 0.90
N GLN B 420 16.03 22.72 0.32
CA GLN B 420 14.85 23.07 1.11
C GLN B 420 14.32 21.87 1.91
N ILE B 421 14.27 20.72 1.26
CA ILE B 421 13.76 19.49 1.87
C ILE B 421 14.68 19.00 3.00
N LEU B 422 15.98 19.11 2.81
CA LEU B 422 16.94 18.61 3.79
C LEU B 422 17.16 19.59 4.94
N ARG B 423 17.23 20.87 4.62
CA ARG B 423 17.71 21.87 5.57
C ARG B 423 16.77 23.08 5.71
N GLY B 424 16.38 23.67 4.58
CA GLY B 424 15.57 24.87 4.59
C GLY B 424 14.29 24.75 5.42
N ASN B 425 13.56 23.66 5.23
CA ASN B 425 12.30 23.47 5.94
C ASN B 425 12.51 23.22 7.43
N VAL B 426 13.63 22.61 7.78
CA VAL B 426 13.98 22.42 9.18
C VAL B 426 14.06 23.79 9.87
N GLU B 427 14.74 24.73 9.23
CA GLU B 427 14.87 26.10 9.76
C GLU B 427 13.53 26.83 9.88
N THR B 428 12.61 26.63 8.93
CA THR B 428 11.35 27.38 8.97
C THR B 428 10.24 26.69 9.76
N ILE B 429 10.26 25.37 9.80
CA ILE B 429 9.28 24.64 10.58
C ILE B 429 9.62 24.67 12.05
N PHE B 430 10.91 24.53 12.37
CA PHE B 430 11.38 24.51 13.75
C PHE B 430 12.19 25.76 14.07
N SER B 431 11.52 26.90 14.02
CA SER B 431 12.20 28.15 14.17
C SER B 431 12.46 28.44 15.64
N GLY B 432 11.75 27.72 16.50
CA GLY B 432 11.77 27.99 17.93
C GLY B 432 10.46 28.58 18.38
N ALA B 433 10.22 28.56 19.69
CA ALA B 433 8.97 29.06 20.25
C ALA B 433 8.77 30.56 19.99
N SER C 9 23.90 -8.22 -25.34
CA SER C 9 23.40 -8.80 -24.10
C SER C 9 23.62 -7.88 -22.89
N SER C 10 22.52 -7.34 -22.37
CA SER C 10 22.56 -6.41 -21.24
C SER C 10 23.02 -7.12 -19.97
N PRO C 11 23.58 -6.36 -19.02
CA PRO C 11 24.05 -6.91 -17.74
C PRO C 11 22.95 -7.66 -17.02
N ILE C 12 21.74 -7.11 -17.03
CA ILE C 12 20.60 -7.75 -16.39
C ILE C 12 20.28 -9.10 -17.04
N ASP C 13 20.26 -9.14 -18.38
CA ASP C 13 20.06 -10.41 -19.08
C ASP C 13 21.14 -11.45 -18.73
N GLN C 14 22.39 -11.00 -18.58
CA GLN C 14 23.47 -11.90 -18.19
C GLN C 14 23.31 -12.44 -16.77
N LEU C 15 22.88 -11.57 -15.86
CA LEU C 15 22.66 -11.98 -14.49
C LEU C 15 21.49 -12.96 -14.48
N CYS C 16 20.49 -12.68 -15.30
CA CYS C 16 19.35 -13.57 -15.40
C CYS C 16 19.76 -14.93 -15.98
N ALA C 17 20.63 -14.94 -16.99
CA ALA C 17 21.11 -16.20 -17.55
C ALA C 17 21.76 -17.09 -16.48
N GLN C 18 22.53 -16.48 -15.59
CA GLN C 18 23.12 -17.19 -14.44
C GLN C 18 22.05 -17.77 -13.51
N LEU C 19 21.02 -16.99 -13.21
CA LEU C 19 19.93 -17.50 -12.36
C LEU C 19 19.20 -18.67 -13.03
N ASP C 20 19.11 -18.61 -14.37
CA ASP C 20 18.41 -19.63 -15.15
C ASP C 20 19.02 -21.02 -14.99
N GLU C 21 20.33 -21.08 -14.74
CA GLU C 21 21.01 -22.35 -14.56
C GLU C 21 20.71 -23.03 -13.21
N ILE C 22 20.19 -22.28 -12.25
CA ILE C 22 19.97 -22.82 -10.93
C ILE C 22 18.85 -23.85 -10.87
N VAL C 23 19.19 -25.08 -10.54
CA VAL C 23 18.21 -26.16 -10.42
C VAL C 23 17.41 -25.99 -9.12
N LEU C 24 16.09 -26.07 -9.25
CA LEU C 24 15.18 -25.64 -8.20
C LEU C 24 14.46 -26.74 -7.45
N ILE C 25 14.06 -26.43 -6.23
CA ILE C 25 13.09 -27.22 -5.52
C ILE C 25 11.90 -26.32 -5.26
N ASP C 26 10.78 -26.61 -5.92
CA ASP C 26 9.58 -25.79 -5.81
C ASP C 26 8.86 -26.02 -4.47
N PRO C 27 8.94 -25.05 -3.55
CA PRO C 27 8.45 -25.29 -2.19
C PRO C 27 6.94 -25.20 -2.06
N HIS C 28 6.23 -25.03 -3.16
CA HIS C 28 4.77 -25.01 -3.09
C HIS C 28 4.06 -25.15 -4.42
N SER C 29 3.33 -26.25 -4.58
CA SER C 29 2.53 -26.45 -5.77
C SER C 29 1.26 -27.21 -5.44
N HIS C 30 0.40 -27.36 -6.43
CA HIS C 30 -0.75 -28.22 -6.32
C HIS C 30 -0.68 -29.33 -7.37
N ILE C 31 0.52 -29.82 -7.60
CA ILE C 31 0.70 -30.88 -8.57
C ILE C 31 0.02 -32.18 -8.11
N ASN C 32 -0.66 -32.86 -9.02
CA ASN C 32 -1.09 -34.23 -8.77
C ASN C 32 0.07 -35.14 -9.13
N PRO C 33 0.73 -35.75 -8.12
CA PRO C 33 1.90 -36.55 -8.46
C PRO C 33 1.54 -37.71 -9.39
N HIS C 34 0.26 -38.07 -9.48
CA HIS C 34 -0.16 -39.16 -10.35
C HIS C 34 -0.40 -38.71 -11.78
N ALA C 35 -0.56 -37.39 -11.98
CA ALA C 35 -0.79 -36.82 -13.30
C ALA C 35 -0.14 -35.45 -13.35
N ALA C 36 1.17 -35.43 -13.18
CA ALA C 36 1.88 -34.20 -12.92
C ALA C 36 1.87 -33.24 -14.12
N ALA C 37 2.14 -33.78 -15.31
CA ALA C 37 2.18 -32.97 -16.53
C ALA C 37 0.86 -33.06 -17.27
N SER C 38 0.67 -32.14 -18.22
CA SER C 38 -0.56 -32.09 -18.99
C SER C 38 -0.56 -33.12 -20.12
N LYS C 39 -1.75 -33.51 -20.56
CA LYS C 39 -1.87 -34.44 -21.68
C LYS C 39 -2.34 -33.74 -22.96
N ASN C 40 -3.00 -32.60 -22.79
CA ASN C 40 -3.42 -31.78 -23.92
C ASN C 40 -3.61 -30.36 -23.46
N LEU C 41 -3.74 -29.46 -24.43
CA LEU C 41 -3.89 -28.04 -24.16
C LEU C 41 -5.04 -27.73 -23.19
N GLY C 42 -6.05 -28.59 -23.13
CA GLY C 42 -7.16 -28.37 -22.23
C GLY C 42 -6.69 -28.31 -20.79
N ASP C 43 -5.58 -28.99 -20.51
CA ASP C 43 -5.04 -29.04 -19.16
C ASP C 43 -4.39 -27.72 -18.83
N ILE C 44 -3.95 -27.02 -19.87
CA ILE C 44 -3.25 -25.77 -19.70
C ILE C 44 -4.20 -24.56 -19.79
N LEU C 45 -4.83 -24.41 -20.95
CA LEU C 45 -5.81 -23.34 -21.19
C LEU C 45 -7.08 -23.46 -20.35
N GLY C 46 -7.44 -24.68 -19.98
CA GLY C 46 -8.61 -24.91 -19.16
C GLY C 46 -8.37 -24.60 -17.69
N TYR C 47 -7.14 -24.27 -17.34
CA TYR C 47 -6.80 -23.90 -15.97
C TYR C 47 -7.32 -22.53 -15.59
N HIS C 48 -7.61 -22.34 -14.30
CA HIS C 48 -8.43 -21.20 -13.87
C HIS C 48 -7.87 -19.82 -14.21
N TYR C 49 -6.55 -19.67 -14.25
CA TYR C 49 -5.93 -18.42 -14.71
C TYR C 49 -6.67 -17.94 -15.95
N PHE C 50 -6.80 -18.82 -16.93
CA PHE C 50 -7.36 -18.43 -18.22
C PHE C 50 -8.89 -18.45 -18.32
N THR C 51 -9.53 -19.43 -17.70
CA THR C 51 -10.98 -19.47 -17.74
C THR C 51 -11.57 -18.32 -16.95
N GLU C 52 -10.98 -18.01 -15.79
CA GLU C 52 -11.50 -16.89 -15.01
C GLU C 52 -11.33 -15.59 -15.78
N LEU C 53 -10.22 -15.47 -16.51
CA LEU C 53 -9.96 -14.27 -17.28
C LEU C 53 -10.87 -14.18 -18.53
N ALA C 54 -11.08 -15.30 -19.22
CA ALA C 54 -11.95 -15.33 -20.38
C ALA C 54 -13.33 -14.93 -19.93
N HIS C 55 -13.77 -15.54 -18.82
CA HIS C 55 -15.04 -15.21 -18.19
C HIS C 55 -15.10 -13.74 -17.81
N SER C 56 -14.06 -13.27 -17.10
CA SER C 56 -14.05 -11.88 -16.66
C SER C 56 -14.18 -10.92 -17.85
N ALA C 57 -13.62 -11.32 -18.98
CA ALA C 57 -13.60 -10.52 -20.20
C ALA C 57 -14.93 -10.57 -20.93
N GLY C 58 -15.84 -11.42 -20.49
CA GLY C 58 -17.19 -11.42 -21.03
C GLY C 58 -17.71 -12.75 -21.56
N MSE C 59 -16.91 -13.81 -21.47
CA MSE C 59 -17.38 -15.11 -21.93
C MSE C 59 -18.23 -15.77 -20.86
O MSE C 59 -17.78 -15.94 -19.72
CB MSE C 59 -16.22 -16.02 -22.31
CG MSE C 59 -16.66 -17.40 -22.79
SE MSE C 59 -15.17 -18.28 -23.66
CE MSE C 59 -14.98 -17.05 -25.18
N PRO C 60 -19.47 -16.14 -21.22
CA PRO C 60 -20.37 -16.73 -20.23
C PRO C 60 -19.75 -17.95 -19.58
N ARG C 61 -19.98 -18.12 -18.29
CA ARG C 61 -19.54 -19.33 -17.62
C ARG C 61 -20.04 -20.59 -18.34
N GLU C 62 -21.29 -20.56 -18.80
CA GLU C 62 -21.93 -21.71 -19.46
C GLU C 62 -21.20 -22.17 -20.73
N VAL C 63 -20.56 -21.23 -21.41
CA VAL C 63 -19.88 -21.53 -22.67
C VAL C 63 -18.59 -22.26 -22.36
N ILE C 64 -17.91 -21.81 -21.30
CA ILE C 64 -16.61 -22.35 -20.94
C ILE C 64 -16.80 -23.72 -20.30
N GLU C 65 -17.81 -23.83 -19.44
CA GLU C 65 -17.98 -25.02 -18.64
C GLU C 65 -19.14 -25.90 -19.10
N ALA C 66 -19.42 -25.85 -20.40
CA ALA C 66 -20.54 -26.60 -20.96
C ALA C 66 -20.33 -28.09 -20.78
N PRO C 67 -21.33 -28.75 -20.19
CA PRO C 67 -21.28 -30.20 -19.98
C PRO C 67 -21.15 -30.96 -21.29
N GLY C 68 -20.30 -31.98 -21.29
CA GLY C 68 -20.23 -32.90 -22.41
C GLY C 68 -19.70 -32.31 -23.71
N ILE C 69 -18.70 -31.45 -23.62
CA ILE C 69 -17.92 -31.08 -24.78
C ILE C 69 -16.52 -31.61 -24.55
N THR C 70 -15.78 -31.88 -25.62
CA THR C 70 -14.44 -32.45 -25.51
C THR C 70 -13.44 -31.41 -24.97
N ALA C 71 -12.28 -31.87 -24.51
CA ALA C 71 -11.25 -30.95 -24.02
C ALA C 71 -10.84 -29.99 -25.13
N LYS C 72 -10.79 -30.52 -26.35
CA LYS C 72 -10.38 -29.75 -27.51
C LYS C 72 -11.41 -28.68 -27.84
N GLU C 73 -12.68 -29.07 -27.84
CA GLU C 73 -13.74 -28.08 -28.04
C GLU C 73 -13.64 -26.97 -27.00
N LYS C 74 -13.39 -27.35 -25.74
CA LYS C 74 -13.30 -26.35 -24.68
C LYS C 74 -12.18 -25.36 -24.93
N VAL C 75 -11.03 -25.87 -25.39
CA VAL C 75 -9.90 -25.02 -25.73
C VAL C 75 -10.26 -24.06 -26.88
N GLY C 76 -10.97 -24.58 -27.87
CA GLY C 76 -11.43 -23.73 -28.96
C GLY C 76 -12.21 -22.53 -28.46
N ARG C 77 -13.17 -22.77 -27.57
CA ARG C 77 -14.01 -21.70 -27.02
C ARG C 77 -13.26 -20.62 -26.25
N ILE C 78 -12.33 -21.07 -25.40
CA ILE C 78 -11.49 -20.18 -24.62
C ILE C 78 -10.66 -19.30 -25.54
N VAL C 79 -10.08 -19.92 -26.57
CA VAL C 79 -9.25 -19.17 -27.51
C VAL C 79 -10.04 -18.04 -28.16
N GLU C 80 -11.33 -18.26 -28.40
CA GLU C 80 -12.18 -17.24 -28.99
C GLU C 80 -12.21 -15.96 -28.12
N GLY C 81 -11.91 -16.11 -26.84
CA GLY C 81 -11.94 -14.99 -25.91
C GLY C 81 -10.56 -14.51 -25.54
N LEU C 82 -9.53 -15.10 -26.13
CA LEU C 82 -8.15 -14.70 -25.85
C LEU C 82 -7.83 -13.28 -26.30
N ALA C 83 -8.50 -12.81 -27.34
CA ALA C 83 -8.23 -11.47 -27.86
C ALA C 83 -8.36 -10.39 -26.78
N HIS C 84 -9.18 -10.64 -25.78
CA HIS C 84 -9.37 -9.65 -24.71
C HIS C 84 -8.26 -9.73 -23.68
N LEU C 85 -7.37 -10.71 -23.83
CA LEU C 85 -6.43 -11.03 -22.76
C LEU C 85 -4.97 -10.96 -23.19
N ASP C 86 -4.71 -10.50 -24.41
CA ASP C 86 -3.37 -10.63 -24.96
C ASP C 86 -2.34 -9.69 -24.32
N ASN C 87 -2.82 -8.80 -23.45
CA ASN C 87 -1.97 -7.89 -22.67
C ASN C 87 -1.56 -8.50 -21.35
N THR C 88 -2.29 -9.52 -20.89
CA THR C 88 -2.05 -10.02 -19.54
C THR C 88 -0.74 -10.78 -19.41
N ILE C 89 -0.14 -10.71 -18.23
CA ILE C 89 1.08 -11.44 -17.94
C ILE C 89 0.77 -12.94 -17.97
N GLN C 90 -0.46 -13.30 -17.59
CA GLN C 90 -0.92 -14.69 -17.68
C GLN C 90 -0.83 -15.21 -19.12
N VAL C 91 -1.36 -14.45 -20.08
CA VAL C 91 -1.24 -14.89 -21.47
C VAL C 91 0.23 -14.91 -21.94
N LYS C 92 1.07 -14.06 -21.37
CA LYS C 92 2.49 -14.13 -21.65
C LYS C 92 3.12 -15.45 -21.19
N TRP C 93 2.69 -15.97 -20.04
CA TRP C 93 3.21 -17.26 -19.57
C TRP C 93 2.86 -18.30 -20.60
N LEU C 94 1.63 -18.22 -21.08
CA LEU C 94 1.08 -19.21 -22.02
C LEU C 94 1.83 -19.24 -23.35
N ILE C 95 2.12 -18.07 -23.92
CA ILE C 95 2.85 -18.04 -25.17
C ILE C 95 4.29 -18.50 -24.96
N GLU C 96 4.87 -18.15 -23.82
CA GLU C 96 6.25 -18.53 -23.54
C GLU C 96 6.41 -20.02 -23.27
N LEU C 97 5.44 -20.62 -22.56
CA LEU C 97 5.52 -22.07 -22.33
C LEU C 97 5.25 -22.86 -23.63
N CYS C 98 4.32 -22.38 -24.45
CA CYS C 98 4.05 -23.00 -25.75
C CYS C 98 5.26 -22.98 -26.67
N GLU C 99 6.00 -21.88 -26.66
CA GLU C 99 7.20 -21.80 -27.45
C GLU C 99 8.30 -22.69 -26.88
N ARG C 100 8.43 -22.68 -25.55
CA ARG C 100 9.46 -23.50 -24.90
C ARG C 100 9.19 -24.99 -25.05
N PHE C 101 7.97 -25.41 -24.76
CA PHE C 101 7.65 -26.83 -24.65
C PHE C 101 7.16 -27.44 -25.95
N PHE C 102 6.55 -26.62 -26.81
CA PHE C 102 5.91 -27.12 -28.02
C PHE C 102 6.48 -26.58 -29.33
N GLY C 103 7.46 -25.68 -29.25
CA GLY C 103 8.05 -25.10 -30.45
C GLY C 103 7.11 -24.14 -31.16
N PHE C 104 6.11 -23.63 -30.44
CA PHE C 104 5.16 -22.65 -30.98
C PHE C 104 5.90 -21.38 -31.43
N GLN C 105 5.60 -20.92 -32.64
CA GLN C 105 6.36 -19.81 -33.25
C GLN C 105 5.62 -18.47 -33.30
N ASP C 106 4.30 -18.49 -33.18
CA ASP C 106 3.52 -17.27 -33.33
C ASP C 106 3.58 -16.42 -32.07
N ASP C 107 3.34 -15.13 -32.21
CA ASP C 107 3.43 -14.22 -31.07
C ASP C 107 2.14 -14.22 -30.26
N ARG C 108 1.10 -14.85 -30.79
CA ARG C 108 -0.16 -14.90 -30.08
C ARG C 108 -0.96 -16.13 -30.46
N LEU C 109 -1.84 -16.54 -29.57
CA LEU C 109 -2.70 -17.69 -29.84
C LEU C 109 -4.06 -17.18 -30.36
N THR C 110 -4.44 -17.62 -31.56
CA THR C 110 -5.64 -17.10 -32.22
C THR C 110 -6.55 -18.23 -32.71
N PRO C 111 -7.79 -17.89 -33.09
CA PRO C 111 -8.69 -18.90 -33.67
C PRO C 111 -8.11 -19.52 -34.95
N ASP C 112 -7.15 -18.84 -35.56
CA ASP C 112 -6.53 -19.34 -36.78
C ASP C 112 -5.35 -20.33 -36.59
N ASN C 113 -4.68 -20.28 -35.44
CA ASN C 113 -3.49 -21.12 -35.20
C ASN C 113 -3.59 -22.11 -34.05
N TRP C 114 -4.69 -22.06 -33.29
CA TRP C 114 -4.80 -22.82 -32.06
C TRP C 114 -4.86 -24.34 -32.31
N GLU C 115 -5.61 -24.72 -33.34
CA GLU C 115 -5.85 -26.13 -33.59
C GLU C 115 -4.57 -26.89 -33.95
N ALA C 116 -3.78 -26.33 -34.87
CA ALA C 116 -2.50 -26.93 -35.21
C ALA C 116 -1.63 -27.07 -33.97
N LEU C 117 -1.68 -26.08 -33.09
CA LEU C 117 -0.91 -26.18 -31.86
C LEU C 117 -1.50 -27.27 -30.95
N TYR C 118 -2.82 -27.35 -30.90
CA TYR C 118 -3.46 -28.35 -30.05
C TYR C 118 -3.02 -29.76 -30.49
N ASP C 119 -3.20 -30.04 -31.79
CA ASP C 119 -2.87 -31.34 -32.36
C ASP C 119 -1.41 -31.70 -32.13
N HIS C 120 -0.53 -30.73 -32.39
CA HIS C 120 0.91 -30.94 -32.26
C HIS C 120 1.31 -31.15 -30.79
N SER C 121 0.87 -30.24 -29.93
CA SER C 121 1.24 -30.32 -28.52
C SER C 121 0.71 -31.61 -27.92
N GLU C 122 -0.46 -32.05 -28.35
CA GLU C 122 -1.02 -33.30 -27.83
C GLU C 122 -0.09 -34.48 -28.14
N LYS C 123 0.40 -34.55 -29.37
CA LYS C 123 1.36 -35.59 -29.74
C LYS C 123 2.61 -35.57 -28.88
N LEU C 124 3.17 -34.39 -28.65
CA LEU C 124 4.41 -34.27 -27.86
C LEU C 124 4.22 -34.79 -26.45
N MSE C 125 3.05 -34.49 -25.89
CA MSE C 125 2.75 -34.80 -24.51
C MSE C 125 2.32 -36.25 -24.29
O MSE C 125 2.19 -36.71 -23.15
CB MSE C 125 1.64 -33.87 -24.01
CG MSE C 125 2.02 -32.40 -23.96
SE MSE C 125 0.61 -31.39 -23.06
CE MSE C 125 -0.36 -30.78 -24.63
N SER C 126 2.09 -36.96 -25.39
CA SER C 126 1.77 -38.38 -25.28
C SER C 126 3.06 -39.20 -25.23
N ALA C 127 4.20 -38.57 -25.48
CA ALA C 127 5.48 -39.24 -25.33
C ALA C 127 5.63 -39.77 -23.90
N PRO C 128 6.13 -41.00 -23.77
CA PRO C 128 6.32 -41.68 -22.48
C PRO C 128 7.09 -40.82 -21.48
N ASP C 129 8.08 -40.09 -21.95
CA ASP C 129 8.96 -39.33 -21.07
C ASP C 129 8.60 -37.86 -21.05
N TRP C 130 7.33 -37.54 -21.23
CA TRP C 130 6.94 -36.14 -21.29
C TRP C 130 7.19 -35.44 -19.97
N GLU C 131 6.80 -36.08 -18.87
CA GLU C 131 6.97 -35.47 -17.57
C GLU C 131 8.42 -35.11 -17.33
N GLN C 132 9.31 -36.04 -17.63
CA GLN C 132 10.74 -35.87 -17.42
C GLN C 132 11.29 -34.73 -18.29
N THR C 133 10.78 -34.63 -19.51
CA THR C 133 11.15 -33.56 -20.43
C THR C 133 10.81 -32.18 -19.87
N VAL C 134 9.62 -32.06 -19.31
CA VAL C 134 9.18 -30.81 -18.69
C VAL C 134 10.05 -30.46 -17.47
N LEU C 135 10.18 -31.42 -16.55
CA LEU C 135 11.04 -31.21 -15.39
C LEU C 135 12.42 -30.78 -15.83
N GLN C 136 12.96 -31.48 -16.82
CA GLN C 136 14.30 -31.20 -17.34
C GLN C 136 14.41 -29.77 -17.90
N LYS C 137 13.48 -29.40 -18.78
CA LYS C 137 13.50 -28.07 -19.40
C LYS C 137 13.06 -26.95 -18.45
N SER C 138 12.58 -27.32 -17.26
CA SER C 138 12.09 -26.33 -16.31
C SER C 138 13.05 -26.17 -15.15
N GLN C 139 14.18 -26.88 -15.20
CA GLN C 139 15.18 -26.86 -14.12
C GLN C 139 14.61 -27.24 -12.75
N LEU C 140 13.64 -28.14 -12.74
CA LEU C 140 13.04 -28.62 -11.51
C LEU C 140 13.64 -29.94 -11.08
N GLU C 141 14.13 -29.97 -9.84
CA GLU C 141 14.65 -31.17 -9.23
C GLU C 141 13.53 -31.84 -8.45
N ALA C 142 12.73 -31.04 -7.75
CA ALA C 142 11.67 -31.56 -6.88
C ALA C 142 10.55 -30.56 -6.69
N VAL C 143 9.37 -31.05 -6.37
CA VAL C 143 8.23 -30.17 -6.14
C VAL C 143 7.50 -30.52 -4.83
N PHE C 144 7.27 -29.53 -3.99
CA PHE C 144 6.41 -29.74 -2.82
C PHE C 144 4.95 -29.86 -3.29
N LEU C 145 4.27 -30.89 -2.80
CA LEU C 145 2.85 -31.06 -3.03
C LEU C 145 2.01 -30.31 -2.00
N THR C 146 0.71 -30.28 -2.21
CA THR C 146 -0.20 -29.85 -1.18
C THR C 146 -1.22 -30.96 -1.01
N ASN C 147 -0.95 -31.87 -0.08
CA ASN C 147 -1.79 -33.04 0.05
C ASN C 147 -2.99 -32.86 0.98
N ASP C 148 -4.12 -33.43 0.58
CA ASP C 148 -5.28 -33.50 1.46
C ASP C 148 -4.91 -34.34 2.69
N PHE C 149 -5.50 -34.02 3.83
CA PHE C 149 -5.12 -34.68 5.07
C PHE C 149 -5.29 -36.19 5.04
N ASP C 150 -6.18 -36.68 4.17
CA ASP C 150 -6.47 -38.10 4.08
C ASP C 150 -5.72 -38.75 2.91
N ASP C 151 -4.81 -38.00 2.30
CA ASP C 151 -4.05 -38.55 1.18
C ASP C 151 -3.23 -39.74 1.67
N PRO C 152 -3.36 -40.89 0.99
CA PRO C 152 -2.56 -42.08 1.30
C PRO C 152 -1.06 -41.90 1.06
N LEU C 153 -0.68 -40.93 0.23
CA LEU C 153 0.73 -40.61 0.00
C LEU C 153 1.48 -41.80 -0.58
N THR C 154 0.74 -42.70 -1.22
CA THR C 154 1.34 -43.86 -1.84
C THR C 154 1.27 -43.76 -3.36
N GLY C 155 2.15 -44.47 -4.05
CA GLY C 155 2.09 -44.57 -5.49
C GLY C 155 3.03 -43.64 -6.22
N PHE C 156 3.81 -42.85 -5.48
CA PHE C 156 4.71 -41.89 -6.14
C PHE C 156 6.00 -41.69 -5.37
N ASP C 157 6.97 -41.06 -6.01
CA ASP C 157 8.26 -40.83 -5.37
C ASP C 157 8.18 -39.64 -4.42
N THR C 158 8.13 -39.91 -3.12
CA THR C 158 7.95 -38.85 -2.15
C THR C 158 9.22 -38.02 -1.96
N LYS C 159 10.29 -38.36 -2.65
CA LYS C 159 11.47 -37.51 -2.62
C LYS C 159 11.48 -36.51 -3.79
N LYS C 160 10.72 -36.81 -4.83
CA LYS C 160 10.59 -35.92 -5.98
C LYS C 160 9.34 -35.06 -5.83
N TYR C 161 8.23 -35.70 -5.49
CA TYR C 161 6.99 -35.01 -5.15
C TYR C 161 6.81 -35.05 -3.64
N ILE C 162 7.23 -33.96 -2.99
CA ILE C 162 7.35 -33.91 -1.54
C ILE C 162 6.03 -33.56 -0.88
N PRO C 163 5.49 -34.48 -0.08
CA PRO C 163 4.21 -34.23 0.60
C PRO C 163 4.24 -33.04 1.54
N CYS C 164 3.12 -32.33 1.62
CA CYS C 164 2.93 -31.31 2.65
C CYS C 164 1.50 -31.45 3.12
N LEU C 165 1.30 -31.38 4.42
CA LEU C 165 -0.03 -31.58 4.96
C LEU C 165 -0.89 -30.32 4.81
N ARG C 166 -1.92 -30.38 3.99
CA ARG C 166 -2.86 -29.25 3.90
C ARG C 166 -3.87 -29.35 5.04
N THR C 167 -4.04 -28.28 5.82
CA THR C 167 -4.89 -28.38 7.02
C THR C 167 -6.19 -27.57 6.98
N ASP C 168 -6.43 -26.88 5.86
CA ASP C 168 -7.60 -26.00 5.73
C ASP C 168 -8.90 -26.69 6.16
N ASP C 169 -9.10 -27.92 5.69
CA ASP C 169 -10.34 -28.63 6.00
C ASP C 169 -10.53 -28.89 7.49
N LEU C 170 -9.46 -29.33 8.15
CA LEU C 170 -9.52 -29.61 9.59
C LEU C 170 -9.77 -28.32 10.37
N VAL C 171 -9.09 -27.25 10.00
CA VAL C 171 -9.18 -26.00 10.75
C VAL C 171 -10.55 -25.31 10.57
N PHE C 172 -11.07 -25.30 9.35
CA PHE C 172 -12.25 -24.49 9.04
C PHE C 172 -13.52 -25.25 8.70
N HIS C 173 -13.42 -26.56 8.46
CA HIS C 173 -14.57 -27.29 7.92
C HIS C 173 -15.00 -28.58 8.64
N LEU C 174 -14.75 -28.66 9.95
CA LEU C 174 -15.27 -29.79 10.73
C LEU C 174 -16.79 -29.72 10.77
N GLN C 175 -17.31 -28.55 10.44
CA GLN C 175 -18.74 -28.33 10.27
C GLN C 175 -19.34 -29.26 9.22
N LYS C 176 -18.51 -29.67 8.25
CA LYS C 176 -18.99 -30.47 7.11
C LYS C 176 -18.94 -31.96 7.42
N PRO C 177 -20.07 -32.65 7.26
CA PRO C 177 -20.12 -34.10 7.53
C PRO C 177 -19.09 -34.85 6.67
N GLU C 178 -18.88 -34.41 5.43
CA GLU C 178 -17.93 -35.10 4.57
C GLU C 178 -16.50 -34.98 5.11
N VAL C 179 -16.18 -33.84 5.73
CA VAL C 179 -14.85 -33.65 6.32
C VAL C 179 -14.64 -34.57 7.51
N ARG C 180 -15.62 -34.65 8.40
CA ARG C 180 -15.53 -35.51 9.57
C ARG C 180 -15.38 -36.97 9.17
N GLN C 181 -16.15 -37.39 8.16
CA GLN C 181 -16.10 -38.76 7.70
C GLN C 181 -14.70 -39.11 7.18
N ARG C 182 -14.13 -38.24 6.37
CA ARG C 182 -12.80 -38.45 5.82
C ARG C 182 -11.78 -38.58 6.95
N LEU C 183 -11.95 -37.79 8.00
CA LEU C 183 -11.04 -37.83 9.13
C LEU C 183 -11.23 -39.16 9.86
N ALA C 184 -12.48 -39.57 10.04
CA ALA C 184 -12.77 -40.84 10.70
C ALA C 184 -12.17 -42.00 9.89
N LYS C 185 -12.30 -41.91 8.58
CA LYS C 185 -11.75 -42.91 7.68
C LYS C 185 -10.22 -42.99 7.81
N ALA C 186 -9.57 -41.83 7.70
CA ALA C 186 -8.10 -41.78 7.76
C ALA C 186 -7.46 -42.25 9.07
N THR C 187 -8.12 -42.02 10.22
CA THR C 187 -7.49 -42.23 11.52
C THR C 187 -8.17 -43.28 12.41
N GLY C 188 -9.44 -43.55 12.12
CA GLY C 188 -10.19 -44.52 12.88
C GLY C 188 -10.71 -43.97 14.18
N PHE C 189 -10.40 -42.70 14.47
CA PHE C 189 -10.92 -42.09 15.71
C PHE C 189 -12.32 -41.47 15.59
N ASP C 190 -13.10 -41.62 16.64
CA ASP C 190 -14.35 -40.87 16.79
C ASP C 190 -13.98 -39.52 17.41
N CYS C 191 -13.83 -38.50 16.57
CA CYS C 191 -13.24 -37.24 17.02
C CYS C 191 -14.22 -36.25 17.64
N ALA C 192 -15.25 -36.74 18.30
CA ALA C 192 -16.25 -35.83 18.88
C ALA C 192 -15.79 -35.18 20.18
N THR C 193 -14.70 -35.67 20.78
CA THR C 193 -14.09 -35.02 21.95
C THR C 193 -12.70 -34.53 21.59
N PRO C 194 -12.25 -33.46 22.25
CA PRO C 194 -10.94 -32.87 21.96
C PRO C 194 -9.78 -33.87 22.04
N ALA C 195 -9.75 -34.71 23.06
CA ALA C 195 -8.67 -35.68 23.20
C ALA C 195 -8.54 -36.55 21.95
N LYS C 196 -9.69 -37.02 21.43
CA LYS C 196 -9.71 -37.87 20.25
C LYS C 196 -9.38 -37.13 18.95
N LEU C 197 -9.85 -35.90 18.82
CA LEU C 197 -9.45 -35.07 17.68
C LEU C 197 -7.93 -34.90 17.71
N ILE C 198 -7.39 -34.67 18.90
CA ILE C 198 -5.94 -34.53 19.03
C ILE C 198 -5.20 -35.81 18.63
N HIS C 199 -5.74 -36.95 19.05
CA HIS C 199 -5.19 -38.25 18.64
C HIS C 199 -5.21 -38.40 17.13
N ALA C 200 -6.36 -38.07 16.52
CA ALA C 200 -6.53 -38.14 15.08
C ALA C 200 -5.47 -37.29 14.38
N ILE C 201 -5.38 -36.02 14.78
CA ILE C 201 -4.39 -35.12 14.16
C ILE C 201 -2.97 -35.64 14.35
N GLY C 202 -2.70 -36.21 15.52
CA GLY C 202 -1.39 -36.78 15.78
C GLY C 202 -1.07 -37.91 14.82
N GLN C 203 -2.07 -38.73 14.51
CA GLN C 203 -1.90 -39.82 13.58
C GLN C 203 -1.65 -39.33 12.13
N LEU C 204 -2.32 -38.26 11.73
CA LEU C 204 -2.07 -37.67 10.42
C LEU C 204 -0.62 -37.23 10.29
N PHE C 205 -0.11 -36.54 11.32
CA PHE C 205 1.31 -36.12 11.31
C PHE C 205 2.30 -37.27 11.19
N THR C 206 2.10 -38.31 12.00
CA THR C 206 2.99 -39.46 11.97
C THR C 206 2.95 -40.04 10.58
N HIS C 207 1.74 -40.14 10.03
CA HIS C 207 1.55 -40.65 8.67
C HIS C 207 2.29 -39.77 7.64
N PHE C 208 2.11 -38.46 7.71
CA PHE C 208 2.78 -37.57 6.77
C PHE C 208 4.31 -37.58 6.90
N VAL C 209 4.78 -37.49 8.14
CA VAL C 209 6.21 -37.53 8.41
C VAL C 209 6.85 -38.84 7.93
N SER C 210 6.17 -39.96 8.14
CA SER C 210 6.73 -41.24 7.76
C SER C 210 6.85 -41.35 6.23
N HIS C 211 6.08 -40.54 5.50
CA HIS C 211 6.18 -40.50 4.04
C HIS C 211 6.98 -39.30 3.55
N GLY C 212 7.77 -38.73 4.44
CA GLY C 212 8.71 -37.70 4.05
C GLY C 212 8.13 -36.31 3.86
N ALA C 213 7.01 -36.03 4.54
CA ALA C 213 6.43 -34.69 4.51
C ALA C 213 7.47 -33.71 5.04
N LYS C 214 7.53 -32.51 4.46
CA LYS C 214 8.48 -31.50 4.88
C LYS C 214 7.82 -30.21 5.41
N ALA C 215 6.49 -30.13 5.34
CA ALA C 215 5.80 -28.95 5.81
C ALA C 215 4.30 -29.20 6.03
N CYS C 216 3.69 -28.33 6.83
CA CYS C 216 2.24 -28.12 6.86
C CYS C 216 1.94 -26.81 6.16
N ALA C 217 0.77 -26.71 5.54
CA ALA C 217 0.36 -25.49 4.86
C ALA C 217 -1.09 -25.19 5.22
N ILE C 218 -1.44 -23.90 5.23
CA ILE C 218 -2.83 -23.50 5.38
C ILE C 218 -3.09 -22.15 4.70
N SER C 219 -4.29 -22.00 4.14
CA SER C 219 -4.75 -20.69 3.67
C SER C 219 -5.71 -20.12 4.71
N LEU C 220 -5.54 -18.85 5.06
CA LEU C 220 -6.28 -18.27 6.17
C LEU C 220 -7.06 -17.04 5.75
N PRO C 221 -8.29 -16.88 6.28
CA PRO C 221 -9.09 -15.69 5.97
C PRO C 221 -8.54 -14.49 6.74
N PRO C 222 -8.78 -13.27 6.23
CA PRO C 222 -8.27 -12.03 6.83
C PRO C 222 -8.74 -11.82 8.26
N ASP C 223 -9.86 -12.41 8.65
CA ASP C 223 -10.38 -12.20 9.99
C ASP C 223 -9.72 -13.13 11.02
N PHE C 224 -9.07 -14.19 10.55
CA PHE C 224 -8.52 -15.17 11.48
C PHE C 224 -7.50 -14.57 12.43
N GLU C 225 -7.60 -14.94 13.70
CA GLU C 225 -6.69 -14.45 14.72
C GLU C 225 -6.40 -15.56 15.72
N PRO C 226 -5.22 -16.20 15.60
CA PRO C 226 -5.00 -17.40 16.38
C PRO C 226 -4.77 -17.08 17.85
N THR C 227 -5.38 -17.88 18.71
CA THR C 227 -5.11 -17.83 20.13
C THR C 227 -5.08 -19.27 20.63
N PRO C 228 -4.51 -19.48 21.82
CA PRO C 228 -4.65 -20.76 22.53
C PRO C 228 -6.14 -20.94 22.84
N VAL C 229 -6.59 -22.19 22.90
CA VAL C 229 -7.96 -22.51 23.29
C VAL C 229 -7.87 -23.77 24.14
N SER C 230 -8.44 -23.74 25.34
CA SER C 230 -8.39 -24.90 26.22
C SER C 230 -9.30 -26.01 25.70
N HIS C 231 -9.10 -27.20 26.24
CA HIS C 231 -9.94 -28.33 25.87
C HIS C 231 -11.38 -28.09 26.28
N VAL C 232 -11.57 -27.47 27.45
CA VAL C 232 -12.93 -27.30 27.94
C VAL C 232 -13.75 -26.40 27.02
N ASP C 233 -13.13 -25.32 26.55
CA ASP C 233 -13.77 -24.36 25.65
C ASP C 233 -14.00 -24.93 24.26
N ALA C 234 -13.17 -25.91 23.89
CA ALA C 234 -13.27 -26.54 22.59
C ALA C 234 -14.35 -27.60 22.59
N GLU C 235 -14.70 -28.14 23.76
CA GLU C 235 -15.54 -29.33 23.73
C GLU C 235 -16.99 -29.10 23.27
N GLY C 236 -17.59 -27.96 23.64
CA GLY C 236 -18.94 -27.63 23.19
C GLY C 236 -19.05 -27.47 21.67
N PRO C 237 -18.19 -26.61 21.10
CA PRO C 237 -18.16 -26.44 19.64
C PRO C 237 -17.93 -27.77 18.87
N LEU C 238 -16.98 -28.57 19.34
CA LEU C 238 -16.65 -29.82 18.69
C LEU C 238 -17.77 -30.87 18.84
N ARG C 239 -18.39 -30.91 20.01
CA ARG C 239 -19.51 -31.80 20.23
C ARG C 239 -20.72 -31.41 19.36
N ALA C 240 -20.91 -30.10 19.18
CA ALA C 240 -21.98 -29.63 18.30
C ALA C 240 -21.72 -30.03 16.83
N ALA C 241 -20.48 -29.91 16.39
CA ALA C 241 -20.13 -30.29 15.03
C ALA C 241 -20.41 -31.77 14.79
N TYR C 242 -20.06 -32.61 15.75
CA TYR C 242 -20.22 -34.05 15.57
C TYR C 242 -21.65 -34.52 15.79
N ALA C 243 -22.41 -33.80 16.61
CA ALA C 243 -23.82 -34.14 16.80
C ALA C 243 -24.63 -33.70 15.57
N GLY C 244 -23.99 -32.98 14.67
CA GLY C 244 -24.60 -32.64 13.40
C GLY C 244 -25.28 -31.28 13.38
N HIS C 245 -25.06 -30.50 14.44
CA HIS C 245 -25.66 -29.18 14.56
C HIS C 245 -24.95 -28.14 13.70
N VAL C 246 -25.62 -27.03 13.45
CA VAL C 246 -25.00 -25.89 12.80
C VAL C 246 -24.32 -25.05 13.89
N LEU C 247 -23.02 -24.84 13.72
CA LEU C 247 -22.27 -24.08 14.70
C LEU C 247 -22.58 -22.59 14.59
N THR C 248 -22.69 -21.92 15.73
CA THR C 248 -22.80 -20.46 15.72
C THR C 248 -21.47 -19.90 15.26
N THR C 249 -21.44 -18.61 14.96
CA THR C 249 -20.19 -17.97 14.55
C THR C 249 -19.11 -18.09 15.63
N GLU C 250 -19.50 -17.94 16.89
CA GLU C 250 -18.55 -18.01 17.99
C GLU C 250 -17.99 -19.42 18.19
N GLN C 251 -18.87 -20.42 18.16
CA GLN C 251 -18.45 -21.82 18.27
C GLN C 251 -17.46 -22.14 17.15
N SER C 252 -17.82 -21.71 15.95
CA SER C 252 -17.01 -21.97 14.77
C SER C 252 -15.64 -21.31 14.94
N GLN C 253 -15.62 -20.08 15.43
CA GLN C 253 -14.36 -19.38 15.66
C GLN C 253 -13.48 -20.08 16.70
N ILE C 254 -14.08 -20.46 17.81
CA ILE C 254 -13.37 -21.15 18.86
C ILE C 254 -12.77 -22.44 18.32
N LEU C 255 -13.59 -23.21 17.60
CA LEU C 255 -13.12 -24.52 17.14
C LEU C 255 -11.96 -24.39 16.15
N SER C 256 -12.08 -23.47 15.21
CA SER C 256 -11.01 -23.25 14.24
C SER C 256 -9.71 -22.84 14.93
N ARG C 257 -9.82 -22.00 15.94
CA ARG C 257 -8.66 -21.61 16.72
C ARG C 257 -8.05 -22.79 17.46
N PHE C 258 -8.92 -23.61 18.05
CA PHE C 258 -8.45 -24.82 18.73
C PHE C 258 -7.69 -25.72 17.77
N VAL C 259 -8.30 -26.01 16.61
CA VAL C 259 -7.66 -26.89 15.65
C VAL C 259 -6.32 -26.31 15.15
N PHE C 260 -6.34 -25.02 14.80
CA PHE C 260 -5.15 -24.36 14.28
C PHE C 260 -3.99 -24.41 15.26
N TRP C 261 -4.27 -24.08 16.51
CA TRP C 261 -3.25 -24.09 17.56
C TRP C 261 -2.69 -25.49 17.81
N THR C 262 -3.57 -26.49 17.75
CA THR C 262 -3.18 -27.87 17.91
C THR C 262 -2.20 -28.26 16.80
N ILE C 263 -2.52 -27.86 15.58
CA ILE C 263 -1.64 -28.15 14.46
C ILE C 263 -0.28 -27.48 14.65
N ALA C 264 -0.26 -26.25 15.16
CA ALA C 264 1.02 -25.60 15.38
C ALA C 264 1.85 -26.36 16.43
N GLU C 265 1.17 -26.89 17.44
CA GLU C 265 1.86 -27.71 18.43
C GLU C 265 2.46 -28.97 17.80
N PHE C 266 1.74 -29.59 16.89
CA PHE C 266 2.26 -30.78 16.24
C PHE C 266 3.44 -30.44 15.31
N CYS C 267 3.36 -29.30 14.63
CA CYS C 267 4.50 -28.80 13.88
C CYS C 267 5.73 -28.64 14.74
N SER C 268 5.56 -28.10 15.95
CA SER C 268 6.69 -27.95 16.87
C SER C 268 7.26 -29.29 17.32
N GLU C 269 6.36 -30.22 17.63
CA GLU C 269 6.75 -31.53 18.09
C GLU C 269 7.48 -32.28 16.98
N HIS C 270 7.04 -32.11 15.74
CA HIS C 270 7.64 -32.82 14.62
C HIS C 270 8.69 -32.00 13.85
N HIS C 271 9.01 -30.82 14.35
CA HIS C 271 9.99 -29.93 13.70
C HIS C 271 9.67 -29.70 12.23
N LEU C 272 8.39 -29.44 11.95
CA LEU C 272 7.96 -29.08 10.62
C LEU C 272 7.67 -27.58 10.58
N PRO C 273 8.03 -26.91 9.48
CA PRO C 273 7.57 -25.55 9.26
C PRO C 273 6.08 -25.55 8.94
N PHE C 274 5.42 -24.44 9.27
CA PHE C 274 3.99 -24.34 9.05
C PHE C 274 3.78 -23.17 8.08
N ASP C 275 3.59 -23.47 6.79
CA ASP C 275 3.35 -22.42 5.79
C ASP C 275 1.99 -21.78 6.01
N LEU C 276 1.97 -20.46 6.14
CA LEU C 276 0.72 -19.73 6.30
C LEU C 276 0.51 -18.84 5.08
N MSE C 277 -0.58 -19.09 4.37
CA MSE C 277 -0.98 -18.25 3.24
C MSE C 277 -2.12 -17.39 3.73
O MSE C 277 -3.25 -17.85 3.89
CB MSE C 277 -1.46 -19.09 2.05
CG MSE C 277 -0.52 -19.06 0.86
SE MSE C 277 0.38 -20.76 0.60
CE MSE C 277 0.79 -21.07 2.46
N ILE C 278 -1.81 -16.13 4.00
CA ILE C 278 -2.73 -15.26 4.73
C ILE C 278 -3.44 -14.25 3.86
N GLY C 279 -4.77 -14.29 3.90
CA GLY C 279 -5.59 -13.18 3.46
C GLY C 279 -6.65 -13.50 2.42
N VAL C 280 -7.01 -14.76 2.27
CA VAL C 280 -7.93 -15.12 1.20
C VAL C 280 -9.37 -15.30 1.69
N ASN C 281 -10.33 -14.80 0.92
CA ASN C 281 -11.75 -15.06 1.19
C ASN C 281 -12.32 -15.94 0.09
N ARG C 282 -12.78 -17.13 0.48
CA ARG C 282 -13.28 -18.09 -0.48
C ARG C 282 -14.65 -17.68 -1.01
N ARG C 283 -14.86 -17.85 -2.30
CA ARG C 283 -16.19 -17.78 -2.86
C ARG C 283 -16.82 -16.38 -2.72
N VAL C 284 -16.02 -15.36 -2.99
CA VAL C 284 -16.52 -14.00 -3.03
C VAL C 284 -17.40 -13.82 -4.27
N TYR C 285 -16.95 -14.35 -5.41
CA TYR C 285 -17.73 -14.32 -6.64
C TYR C 285 -18.45 -15.64 -6.78
N GLU C 286 -19.76 -15.64 -6.54
CA GLU C 286 -20.50 -16.87 -6.36
C GLU C 286 -20.83 -17.58 -7.67
N SER C 287 -20.78 -16.85 -8.78
CA SER C 287 -21.12 -17.44 -10.08
C SER C 287 -19.92 -17.58 -11.02
N GLY C 288 -18.72 -17.69 -10.45
CA GLY C 288 -17.51 -17.72 -11.24
C GLY C 288 -17.19 -19.10 -11.76
N VAL C 289 -16.20 -19.19 -12.63
CA VAL C 289 -15.72 -20.48 -13.09
C VAL C 289 -15.11 -21.29 -11.93
N TYR C 290 -15.01 -22.61 -12.10
CA TYR C 290 -14.37 -23.50 -11.13
C TYR C 290 -12.99 -22.96 -10.78
N GLN C 291 -12.75 -22.78 -9.48
CA GLN C 291 -11.50 -22.21 -8.96
C GLN C 291 -11.29 -20.72 -9.30
N GLY C 292 -12.33 -20.06 -9.78
CA GLY C 292 -12.21 -18.63 -10.04
C GLY C 292 -13.17 -17.79 -9.24
N GLN C 293 -13.32 -18.11 -7.96
CA GLN C 293 -14.33 -17.43 -7.15
C GLN C 293 -13.77 -16.75 -5.92
N ASP C 294 -12.50 -16.99 -5.64
CA ASP C 294 -11.89 -16.48 -4.41
C ASP C 294 -11.24 -15.12 -4.60
N LEU C 295 -11.51 -14.20 -3.67
CA LEU C 295 -10.84 -12.92 -3.65
C LEU C 295 -10.33 -12.66 -2.24
N PHE C 296 -10.42 -11.42 -1.78
CA PHE C 296 -9.83 -11.08 -0.49
C PHE C 296 -10.28 -9.73 0.01
N ASP C 297 -10.19 -9.57 1.33
CA ASP C 297 -10.38 -8.30 2.01
C ASP C 297 -8.96 -7.93 2.50
N GLN C 298 -8.46 -6.82 2.02
CA GLN C 298 -7.10 -6.35 2.29
C GLN C 298 -6.85 -5.95 3.75
N ARG C 299 -7.92 -5.72 4.50
CA ARG C 299 -7.79 -5.18 5.84
C ARG C 299 -7.41 -6.27 6.85
N VAL C 300 -6.13 -6.61 6.84
CA VAL C 300 -5.55 -7.65 7.69
C VAL C 300 -4.22 -7.12 8.22
N SER C 301 -3.70 -7.77 9.25
CA SER C 301 -2.39 -7.41 9.77
C SER C 301 -1.76 -8.62 10.45
N LEU C 302 -0.45 -8.79 10.25
CA LEU C 302 0.30 -9.84 10.92
C LEU C 302 0.27 -9.70 12.46
N TYR C 303 -0.11 -8.51 12.92
CA TYR C 303 -0.29 -8.29 14.36
C TYR C 303 -1.29 -9.30 14.89
N GLN C 304 -2.23 -9.71 14.04
CA GLN C 304 -3.25 -10.68 14.42
C GLN C 304 -2.63 -12.02 14.80
N TYR C 305 -1.39 -12.24 14.36
CA TYR C 305 -0.71 -13.51 14.56
C TYR C 305 0.39 -13.48 15.63
N ARG C 306 0.46 -12.37 16.37
CA ARG C 306 1.53 -12.20 17.36
C ARG C 306 1.57 -13.31 18.41
N ARG C 307 0.40 -13.77 18.87
CA ARG C 307 0.34 -14.83 19.86
C ARG C 307 0.93 -16.12 19.31
N LEU C 308 0.67 -16.40 18.04
CA LEU C 308 1.23 -17.61 17.43
C LEU C 308 2.75 -17.54 17.35
N PHE C 309 3.27 -16.43 16.85
CA PHE C 309 4.71 -16.30 16.65
C PHE C 309 5.44 -16.38 17.98
N ASN C 310 4.88 -15.74 19.01
CA ASN C 310 5.47 -15.75 20.33
C ASN C 310 5.42 -17.11 21.01
N ALA C 311 4.34 -17.86 20.77
CA ALA C 311 4.14 -19.13 21.48
C ALA C 311 4.89 -20.31 20.87
N PHE C 312 5.28 -20.21 19.60
CA PHE C 312 5.96 -21.31 18.93
C PHE C 312 7.31 -20.91 18.35
N PRO C 313 8.25 -20.51 19.22
CA PRO C 313 9.55 -20.04 18.74
C PRO C 313 10.33 -21.13 17.99
N ARG C 314 9.97 -22.40 18.17
CA ARG C 314 10.68 -23.46 17.46
C ARG C 314 9.91 -23.97 16.23
N VAL C 315 8.95 -23.18 15.78
CA VAL C 315 8.29 -23.48 14.52
C VAL C 315 8.62 -22.34 13.57
N LYS C 316 9.15 -22.68 12.41
CA LYS C 316 9.31 -21.65 11.39
C LYS C 316 7.97 -21.47 10.67
N PHE C 317 7.57 -20.22 10.47
CA PHE C 317 6.33 -19.93 9.76
C PHE C 317 6.65 -19.22 8.47
N PRO C 318 6.80 -19.98 7.38
CA PRO C 318 6.96 -19.32 6.07
C PRO C 318 5.63 -18.69 5.66
N ILE C 319 5.62 -17.37 5.53
CA ILE C 319 4.37 -16.64 5.33
C ILE C 319 4.27 -16.00 3.95
N SER C 320 3.14 -16.24 3.29
CA SER C 320 2.79 -15.52 2.09
C SER C 320 1.60 -14.65 2.40
N VAL C 321 1.63 -13.43 1.88
CA VAL C 321 0.48 -12.54 2.05
C VAL C 321 -0.18 -12.29 0.68
N LEU C 322 -1.50 -12.16 0.69
CA LEU C 322 -2.22 -12.04 -0.57
C LEU C 322 -2.26 -10.59 -1.04
N ALA C 323 -2.55 -9.69 -0.11
CA ALA C 323 -2.62 -8.26 -0.41
C ALA C 323 -1.23 -7.66 -0.52
N HIS C 324 -1.01 -6.94 -1.60
CA HIS C 324 0.26 -6.27 -1.89
C HIS C 324 0.67 -5.31 -0.76
N ALA C 325 -0.30 -4.57 -0.24
CA ALA C 325 -0.08 -3.66 0.89
C ALA C 325 0.49 -4.37 2.13
N SER C 326 0.22 -5.67 2.26
CA SER C 326 0.66 -6.46 3.39
C SER C 326 2.14 -6.79 3.33
N ASN C 327 2.76 -6.63 2.16
CA ASN C 327 4.15 -7.06 2.05
C ASN C 327 5.08 -6.34 3.02
N MSE C 328 4.87 -5.05 3.21
CA MSE C 328 5.77 -4.29 4.06
C MSE C 328 5.63 -4.71 5.53
O MSE C 328 6.60 -4.68 6.29
CB MSE C 328 5.56 -2.80 3.86
CG MSE C 328 6.52 -1.94 4.64
SE MSE C 328 5.75 -1.41 6.31
CE MSE C 328 7.28 -0.40 7.03
N GLU C 329 4.45 -5.15 5.94
CA GLU C 329 4.31 -5.72 7.26
C GLU C 329 5.11 -7.04 7.35
N LEU C 330 4.98 -7.89 6.33
CA LEU C 330 5.70 -9.16 6.28
C LEU C 330 7.21 -8.94 6.40
N VAL C 331 7.71 -7.94 5.70
CA VAL C 331 9.13 -7.62 5.77
C VAL C 331 9.52 -7.31 7.22
N SER C 332 8.75 -6.45 7.88
CA SER C 332 9.06 -6.03 9.23
C SER C 332 8.97 -7.19 10.22
N TYR C 333 8.00 -8.06 10.01
CA TYR C 333 7.81 -9.19 10.90
C TYR C 333 8.86 -10.28 10.68
N ALA C 334 9.32 -10.48 9.44
CA ALA C 334 10.39 -11.43 9.19
C ALA C 334 11.71 -10.86 9.69
N TRP C 335 11.77 -9.54 9.71
CA TRP C 335 12.95 -8.80 10.12
C TRP C 335 13.15 -8.94 11.63
N ILE C 336 12.05 -8.98 12.37
CA ILE C 336 12.14 -9.06 13.83
C ILE C 336 11.99 -10.47 14.39
N PHE C 337 10.94 -11.18 13.98
CA PHE C 337 10.61 -12.51 14.50
C PHE C 337 11.50 -13.57 13.88
N PRO C 338 12.30 -14.25 14.71
CA PRO C 338 13.24 -15.21 14.13
C PRO C 338 12.50 -16.34 13.43
N ASN C 339 11.27 -16.62 13.84
CA ASN C 339 10.53 -17.71 13.25
C ASN C 339 9.60 -17.28 12.10
N VAL C 340 9.64 -16.01 11.73
CA VAL C 340 8.84 -15.55 10.60
C VAL C 340 9.68 -15.43 9.33
N ILE C 341 9.26 -16.15 8.30
CA ILE C 341 9.99 -16.19 7.03
C ILE C 341 9.14 -15.66 5.89
N ALA C 342 9.72 -14.84 5.01
CA ALA C 342 8.99 -14.34 3.85
C ALA C 342 9.01 -15.41 2.73
N ASN C 343 7.82 -15.78 2.24
CA ASN C 343 7.71 -16.91 1.33
C ASN C 343 6.98 -16.54 0.04
N GLY C 344 7.78 -16.29 -1.00
CA GLY C 344 7.29 -16.09 -2.35
C GLY C 344 6.28 -14.98 -2.58
N HIS C 345 5.58 -15.09 -3.71
CA HIS C 345 4.66 -14.07 -4.15
C HIS C 345 3.37 -14.73 -4.60
N TRP C 346 2.33 -14.51 -3.81
CA TRP C 346 1.16 -15.38 -3.86
C TRP C 346 0.01 -14.81 -4.72
N TRP C 347 -0.37 -15.55 -5.77
CA TRP C 347 -1.66 -15.38 -6.42
C TRP C 347 -1.84 -13.97 -7.02
N TYR C 348 -2.77 -13.20 -6.48
CA TYR C 348 -3.01 -11.85 -7.00
C TYR C 348 -1.83 -10.88 -6.91
N SER C 349 -0.89 -11.17 -6.02
CA SER C 349 0.35 -10.39 -5.90
C SER C 349 1.42 -10.94 -6.83
N ASN C 350 1.13 -12.07 -7.46
CA ASN C 350 2.10 -12.75 -8.32
C ASN C 350 2.15 -12.15 -9.74
N ILE C 351 2.39 -10.84 -9.84
CA ILE C 351 2.63 -10.19 -11.12
C ILE C 351 3.83 -9.21 -11.01
N PRO C 352 4.55 -8.97 -12.12
CA PRO C 352 5.77 -8.15 -12.08
C PRO C 352 5.61 -6.81 -11.37
N ALA C 353 4.49 -6.12 -11.60
CA ALA C 353 4.27 -4.83 -10.96
C ALA C 353 4.37 -4.92 -9.45
N PHE C 354 3.91 -6.03 -8.87
CA PHE C 354 3.91 -6.19 -7.41
C PHE C 354 5.12 -6.99 -6.91
N ILE C 355 5.56 -7.96 -7.69
CA ILE C 355 6.74 -8.71 -7.35
C ILE C 355 7.99 -7.83 -7.18
N GLU C 356 8.20 -6.90 -8.09
CA GLU C 356 9.44 -6.12 -8.07
C GLU C 356 9.61 -5.36 -6.74
N PRO C 357 8.65 -4.50 -6.37
CA PRO C 357 8.81 -3.85 -5.06
C PRO C 357 8.84 -4.85 -3.90
N ASP C 358 8.04 -5.90 -3.93
CA ASP C 358 8.07 -6.89 -2.83
C ASP C 358 9.42 -7.61 -2.73
N CYS C 359 9.89 -8.15 -3.85
CA CYS C 359 11.18 -8.81 -3.87
C CYS C 359 12.28 -7.81 -3.42
N ARG C 360 12.21 -6.59 -3.94
CA ARG C 360 13.20 -5.57 -3.64
C ARG C 360 13.32 -5.30 -2.15
N SER C 361 12.20 -5.02 -1.49
CA SER C 361 12.25 -4.65 -0.08
C SER C 361 12.71 -5.82 0.80
N ARG C 362 12.37 -7.03 0.41
CA ARG C 362 12.71 -8.22 1.20
C ARG C 362 14.20 -8.48 1.18
N LEU C 363 14.80 -8.32 0.00
CA LEU C 363 16.23 -8.50 -0.14
C LEU C 363 17.02 -7.45 0.63
N GLU C 364 16.42 -6.30 0.89
CA GLU C 364 17.26 -5.26 1.48
C GLU C 364 17.10 -5.11 2.98
N ALA C 365 16.03 -5.69 3.54
CA ALA C 365 15.72 -5.54 4.95
C ALA C 365 15.68 -6.87 5.73
N ILE C 366 15.29 -7.94 5.06
CA ILE C 366 15.21 -9.26 5.70
C ILE C 366 16.57 -9.94 5.60
N PRO C 367 17.00 -10.63 6.67
CA PRO C 367 18.23 -11.42 6.56
C PRO C 367 18.16 -12.40 5.38
N ARG C 368 19.26 -12.60 4.66
CA ARG C 368 19.24 -13.42 3.45
C ARG C 368 18.82 -14.87 3.66
N ASN C 369 18.81 -15.34 4.90
CA ASN C 369 18.47 -16.72 5.19
C ASN C 369 17.03 -16.90 5.66
N LYS C 370 16.24 -15.83 5.56
CA LYS C 370 14.84 -15.91 5.95
C LYS C 370 13.94 -15.52 4.78
N ASN C 371 14.42 -15.77 3.58
CA ASN C 371 13.76 -15.25 2.40
C ASN C 371 13.65 -16.36 1.35
N ILE C 372 12.44 -16.88 1.18
CA ILE C 372 12.18 -17.82 0.09
C ILE C 372 11.62 -17.05 -1.08
N GLY C 373 12.40 -17.00 -2.16
CA GLY C 373 12.06 -16.15 -3.29
C GLY C 373 10.76 -16.47 -3.99
N TYR C 374 10.52 -17.75 -4.28
CA TYR C 374 9.44 -18.09 -5.18
C TYR C 374 8.96 -19.52 -5.15
N TYR C 375 7.66 -19.68 -5.43
CA TYR C 375 7.08 -20.98 -5.66
C TYR C 375 6.06 -20.85 -6.79
N SER C 376 5.77 -21.97 -7.43
CA SER C 376 5.00 -21.94 -8.67
C SER C 376 3.51 -21.92 -8.38
N ASP C 377 3.09 -22.62 -7.33
CA ASP C 377 1.68 -22.76 -7.03
C ASP C 377 0.97 -23.47 -8.17
N MSE C 378 1.73 -24.22 -8.99
CA MSE C 378 1.17 -24.80 -10.23
C MSE C 378 0.25 -26.00 -10.01
O MSE C 378 0.37 -26.72 -9.02
CB MSE C 378 2.29 -25.19 -11.19
CG MSE C 378 3.22 -26.26 -10.63
SE MSE C 378 4.85 -26.57 -11.67
CE MSE C 378 5.85 -27.50 -10.27
N TYR C 379 -0.66 -26.22 -10.95
CA TYR C 379 -1.49 -27.41 -10.91
C TYR C 379 -1.00 -28.43 -11.93
N LYS C 380 -0.27 -27.94 -12.93
CA LYS C 380 0.35 -28.83 -13.94
C LYS C 380 1.79 -28.39 -14.14
N LEU C 381 2.68 -29.34 -14.42
CA LEU C 381 4.11 -29.07 -14.46
C LEU C 381 4.53 -27.96 -15.44
N GLU C 382 3.82 -27.86 -16.56
CA GLU C 382 4.17 -26.91 -17.62
C GLU C 382 4.09 -25.45 -17.19
N PHE C 383 3.40 -25.16 -16.09
CA PHE C 383 3.29 -23.79 -15.62
C PHE C 383 4.46 -23.36 -14.75
N GLY C 384 5.27 -24.32 -14.33
CA GLY C 384 6.40 -24.03 -13.46
C GLY C 384 7.36 -23.04 -14.10
N TRP C 385 7.85 -23.36 -15.29
CA TRP C 385 8.90 -22.57 -15.93
C TRP C 385 8.53 -21.11 -16.23
N PRO C 386 7.37 -20.86 -16.87
CA PRO C 386 7.07 -19.47 -17.27
C PRO C 386 6.91 -18.58 -16.04
N LYS C 387 6.47 -19.14 -14.94
CA LYS C 387 6.25 -18.34 -13.75
C LYS C 387 7.58 -18.09 -13.05
N PHE C 388 8.39 -19.13 -12.95
CA PHE C 388 9.74 -18.98 -12.40
C PHE C 388 10.60 -18.09 -13.28
N GLN C 389 10.39 -18.12 -14.59
CA GLN C 389 11.13 -17.23 -15.50
C GLN C 389 10.75 -15.78 -15.26
N MSE C 390 9.46 -15.54 -15.08
CA MSE C 390 8.97 -14.21 -14.75
C MSE C 390 9.65 -13.74 -13.46
O MSE C 390 10.15 -12.61 -13.38
CB MSE C 390 7.45 -14.25 -14.58
CG MSE C 390 6.87 -12.99 -13.93
SE MSE C 390 4.96 -13.11 -13.54
CE MSE C 390 5.05 -14.39 -12.08
N TYR C 391 9.68 -14.59 -12.45
CA TYR C 391 10.33 -14.20 -11.20
C TYR C 391 11.84 -13.95 -11.37
N ARG C 392 12.50 -14.80 -12.14
CA ARG C 392 13.94 -14.66 -12.34
C ARG C 392 14.31 -13.33 -13.02
N ARG C 393 13.52 -12.89 -14.00
CA ARG C 393 13.79 -11.61 -14.64
C ARG C 393 13.64 -10.47 -13.63
N VAL C 394 12.65 -10.55 -12.75
CA VAL C 394 12.48 -9.53 -11.73
C VAL C 394 13.64 -9.55 -10.75
N LEU C 395 14.01 -10.75 -10.30
CA LEU C 395 15.09 -10.91 -9.34
C LEU C 395 16.41 -10.45 -9.92
N ALA C 396 16.63 -10.78 -11.19
CA ALA C 396 17.84 -10.34 -11.88
C ALA C 396 17.95 -8.81 -11.89
N LYS C 397 16.81 -8.14 -12.06
CA LYS C 397 16.75 -6.69 -12.07
C LYS C 397 17.07 -6.09 -10.70
N VAL C 398 16.49 -6.66 -9.66
CA VAL C 398 16.73 -6.14 -8.32
C VAL C 398 18.19 -6.36 -7.95
N LEU C 399 18.67 -7.58 -8.18
CA LEU C 399 20.06 -7.94 -7.87
C LEU C 399 21.06 -7.03 -8.56
N PHE C 400 20.83 -6.80 -9.86
CA PHE C 400 21.71 -5.93 -10.61
C PHE C 400 21.66 -4.50 -10.14
N GLU C 401 20.45 -3.95 -10.05
CA GLU C 401 20.32 -2.56 -9.63
C GLU C 401 20.79 -2.28 -8.21
N ASP C 402 20.42 -3.14 -7.27
CA ASP C 402 20.68 -2.80 -5.87
C ASP C 402 21.95 -3.41 -5.33
N PHE C 403 22.40 -4.51 -5.92
CA PHE C 403 23.58 -5.18 -5.42
C PHE C 403 24.80 -4.99 -6.32
N VAL C 404 24.71 -5.37 -7.59
CA VAL C 404 25.84 -5.17 -8.48
C VAL C 404 26.20 -3.68 -8.59
N VAL C 405 25.21 -2.87 -8.93
CA VAL C 405 25.43 -1.43 -9.03
C VAL C 405 25.37 -0.73 -7.65
N GLY C 406 24.27 -0.94 -6.94
CA GLY C 406 24.07 -0.28 -5.65
C GLY C 406 25.12 -0.49 -4.58
N ARG C 407 25.66 -1.70 -4.48
CA ARG C 407 26.59 -2.04 -3.43
C ARG C 407 27.95 -2.42 -4.00
N HIS C 408 28.10 -2.32 -5.32
CA HIS C 408 29.34 -2.73 -5.98
C HIS C 408 29.69 -4.22 -5.79
N TRP C 409 28.68 -5.08 -5.72
CA TRP C 409 28.96 -6.52 -5.67
C TRP C 409 29.34 -6.99 -7.05
N SER C 410 30.23 -7.98 -7.10
CA SER C 410 30.52 -8.65 -8.36
C SER C 410 29.22 -9.35 -8.80
N GLU C 411 29.14 -9.69 -10.08
CA GLU C 411 27.99 -10.45 -10.54
C GLU C 411 27.89 -11.75 -9.74
N GLU C 412 29.05 -12.37 -9.49
CA GLU C 412 29.13 -13.64 -8.78
C GLU C 412 28.53 -13.53 -7.39
N ARG C 413 28.90 -12.48 -6.68
CA ARG C 413 28.38 -12.32 -5.32
C ARG C 413 26.86 -12.14 -5.40
N ALA C 414 26.41 -11.34 -6.36
CA ALA C 414 24.98 -11.10 -6.51
C ALA C 414 24.24 -12.40 -6.88
N VAL C 415 24.84 -13.22 -7.73
CA VAL C 415 24.21 -14.46 -8.16
C VAL C 415 24.14 -15.45 -7.00
N GLU C 416 25.14 -15.43 -6.13
CA GLU C 416 25.16 -16.26 -4.94
C GLU C 416 23.98 -15.92 -4.00
N LEU C 417 23.70 -14.63 -3.82
CA LEU C 417 22.49 -14.22 -3.11
C LEU C 417 21.28 -14.76 -3.84
N GLY C 418 21.26 -14.61 -5.17
CA GLY C 418 20.17 -15.13 -5.97
C GLY C 418 19.93 -16.62 -5.72
N ARG C 419 21.01 -17.39 -5.68
CA ARG C 419 20.90 -18.83 -5.48
C ARG C 419 20.34 -19.16 -4.11
N GLN C 420 20.76 -18.42 -3.09
CA GLN C 420 20.27 -18.70 -1.75
C GLN C 420 18.75 -18.46 -1.64
N ILE C 421 18.28 -17.40 -2.30
CA ILE C 421 16.87 -17.00 -2.29
C ILE C 421 15.98 -17.97 -3.10
N LEU C 422 16.48 -18.42 -4.24
CA LEU C 422 15.77 -19.38 -5.08
C LEU C 422 15.85 -20.81 -4.54
N ARG C 423 16.96 -21.19 -3.94
CA ARG C 423 17.23 -22.61 -3.67
C ARG C 423 17.81 -22.92 -2.28
N GLY C 424 18.87 -22.20 -1.91
CA GLY C 424 19.57 -22.47 -0.66
C GLY C 424 18.66 -22.43 0.56
N ASN C 425 17.82 -21.41 0.63
CA ASN C 425 16.94 -21.26 1.78
C ASN C 425 15.87 -22.36 1.85
N VAL C 426 15.46 -22.88 0.70
CA VAL C 426 14.46 -23.93 0.69
C VAL C 426 15.03 -25.17 1.36
N GLU C 427 16.31 -25.42 1.12
CA GLU C 427 17.01 -26.57 1.68
C GLU C 427 17.14 -26.51 3.20
N THR C 428 17.40 -25.33 3.74
CA THR C 428 17.61 -25.19 5.19
C THR C 428 16.31 -24.95 5.96
N ILE C 429 15.33 -24.37 5.29
CA ILE C 429 14.06 -24.12 5.97
C ILE C 429 13.20 -25.38 6.00
N PHE C 430 13.31 -26.21 4.95
CA PHE C 430 12.54 -27.43 4.85
C PHE C 430 13.51 -28.59 4.79
N SER C 431 14.15 -28.85 5.91
CA SER C 431 15.22 -29.82 5.94
C SER C 431 14.64 -31.23 6.01
N GLY C 432 13.36 -31.32 6.32
CA GLY C 432 12.73 -32.61 6.58
C GLY C 432 12.42 -32.77 8.05
N ALA C 433 11.43 -33.61 8.37
CA ALA C 433 11.00 -33.79 9.76
C ALA C 433 12.08 -34.34 10.68
ZN ZN D . -16.04 13.46 -10.08
C1 GOL E . -20.41 11.39 0.54
O1 GOL E . -20.34 10.23 1.34
C2 GOL E . -21.83 11.58 0.03
O2 GOL E . -22.24 12.90 0.25
C3 GOL E . -21.87 11.29 -1.46
O3 GOL E . -21.27 12.36 -2.16
C1 GOL F . -11.42 15.83 -7.74
O1 GOL F . -10.78 16.81 -8.54
C2 GOL F . -12.85 16.24 -7.46
O2 GOL F . -13.21 15.92 -6.13
C3 GOL F . -13.06 17.72 -7.72
O3 GOL F . -14.16 18.19 -6.96
C ACT G . 6.92 13.86 -13.98
O ACT G . 6.64 13.59 -12.79
OXT ACT G . 6.50 14.95 -14.42
CH3 ACT G . 7.72 12.92 -14.84
C ACT H . 7.46 23.70 -13.56
O ACT H . 8.02 22.61 -13.77
OXT ACT H . 8.22 24.70 -13.57
CH3 ACT H . 5.98 23.79 -13.31
ZN ZN I . 13.02 8.56 17.43
C1 GOL J . 4.28 5.44 23.63
O1 GOL J . 5.68 5.44 23.40
C2 GOL J . 3.72 4.03 23.83
O2 GOL J . 3.71 3.33 22.60
C3 GOL J . 4.52 3.27 24.88
O3 GOL J . 3.75 2.17 25.35
C1 GOL K . 1.74 27.46 10.80
O1 GOL K . 1.79 27.22 12.20
C2 GOL K . 1.05 26.31 10.06
O2 GOL K . 2.01 25.36 9.67
C3 GOL K . 0.32 26.82 8.83
O3 GOL K . -0.89 27.48 9.16
C1 GOL L . -1.60 8.69 31.15
O1 GOL L . -0.21 8.83 31.33
C2 GOL L . -2.06 7.30 31.56
O2 GOL L . -2.79 6.69 30.53
C3 GOL L . -0.87 6.43 31.99
O3 GOL L . -1.32 5.13 32.31
C1 GOL M . 24.31 -18.84 3.87
O1 GOL M . 24.80 -19.52 5.01
C2 GOL M . 24.91 -17.44 3.84
O2 GOL M . 26.27 -17.49 4.25
C3 GOL M . 24.13 -16.53 4.78
O3 GOL M . 22.82 -17.03 5.05
ZN ZN N . -1.40 -22.74 -3.22
C1 GOL O . 4.14 -42.03 -29.42
O1 GOL O . 4.48 -41.19 -28.33
C2 GOL O . 3.26 -41.29 -30.44
O2 GOL O . 3.44 -39.90 -30.35
C3 GOL O . 1.79 -41.68 -30.25
O3 GOL O . 1.37 -42.56 -31.27
C1 GOL P . 18.84 -24.35 -19.46
O1 GOL P . 17.60 -25.01 -19.36
C2 GOL P . 18.90 -23.19 -18.48
O2 GOL P . 20.24 -22.91 -18.13
C3 GOL P . 18.27 -21.95 -19.12
O3 GOL P . 16.92 -22.24 -19.45
C1 GOL Q . -5.26 -20.89 -6.79
O1 GOL Q . -5.46 -21.48 -5.51
C2 GOL Q . -3.77 -20.65 -6.99
O2 GOL Q . -3.37 -19.53 -6.24
C3 GOL Q . -3.49 -20.37 -8.47
O3 GOL Q . -2.40 -21.16 -8.89
C1 GOL R . -9.71 -6.78 -26.99
O1 GOL R . -10.85 -6.33 -26.29
C2 GOL R . -9.74 -6.21 -28.39
O2 GOL R . -9.09 -7.09 -29.28
C3 GOL R . -11.20 -6.00 -28.82
O3 GOL R . -11.27 -6.17 -30.22
#